data_4TYD
#
_entry.id   4TYD
#
_cell.length_a   140.691
_cell.length_b   143.197
_cell.length_c   240.550
_cell.angle_alpha   90.00
_cell.angle_beta   90.00
_cell.angle_gamma   90.00
#
_symmetry.space_group_name_H-M   'C 2 2 21'
#
loop_
_entity.id
_entity.type
_entity.pdbx_description
1 polymer 'NS3 protease'
2 non-polymer 'ZINC ION'
3 non-polymer (4R,6S,7Z,15S,17S)-17-[({7-methoxy-2-[4-(propan-2-yl)-1,3-thiazol-2-yl]quinolin-4-yl}oxy)methyl]-13-methyl-N-[(1-methylcyclopropyl)sulfonyl]-2,14-dioxo-1,3,13-triazatricyclo[13.2.0.0~4,6~]heptadec-7-ene-4-carboxamide
4 non-polymer 'CHLORIDE ION'
5 water water
#
_entity_poly.entity_id   1
_entity_poly.type   'polypeptide(L)'
_entity_poly.pdbx_seq_one_letter_code
;MAPITAYSQQTRGLLGCIITSLTGRDRNQVEGEVQVVSTATQSFLATCVNGVCWTVYHGAGSKTLAGPKGPITQMYTNVD
QDLVGWQAPPGARSLTPCTCGSSDLYLVTRHADVIPVRRRGDSRGSLLSPRPVSYLKGSSGGPLLCPSGHAVGIFRAAVC
TRGVAKAVDFVPVESMETTMRASKKKKKGSVVIVGRIILSGRK
;
_entity_poly.pdbx_strand_id   A,B,C,D,E,F,G,H,J,K,L,M
#
loop_
_chem_comp.id
_chem_comp.type
_chem_comp.name
_chem_comp.formula
3EO non-polymer (4R,6S,7Z,15S,17S)-17-[({7-methoxy-2-[4-(propan-2-yl)-1,3-thiazol-2-yl]quinolin-4-yl}oxy)methyl]-13-methyl-N-[(1-methylcyclopropyl)sulfonyl]-2,14-dioxo-1,3,13-triazatricyclo[13.2.0.0~4,6~]heptadec-7-ene-4-carboxamide 'C37 H46 N6 O7 S2'
CL non-polymer 'CHLORIDE ION' 'Cl -1'
ZN non-polymer 'ZINC ION' 'Zn 2'
#
# COMPACT_ATOMS: atom_id res chain seq x y z
N PRO A 3 -15.64 -52.68 -6.49
CA PRO A 3 -16.18 -51.82 -5.42
C PRO A 3 -16.06 -50.31 -5.70
N ILE A 4 -14.84 -49.83 -5.97
CA ILE A 4 -14.58 -48.39 -6.06
C ILE A 4 -15.24 -47.76 -7.28
N THR A 5 -16.01 -46.70 -7.06
CA THR A 5 -16.54 -45.89 -8.16
C THR A 5 -16.45 -44.42 -7.78
N ALA A 6 -16.56 -43.56 -8.80
CA ALA A 6 -16.38 -42.13 -8.61
C ALA A 6 -16.99 -41.32 -9.75
N TYR A 7 -17.49 -40.13 -9.43
CA TYR A 7 -17.99 -39.20 -10.43
C TYR A 7 -17.64 -37.77 -10.07
N SER A 8 -17.67 -36.89 -11.08
CA SER A 8 -17.18 -35.52 -10.96
C SER A 8 -18.31 -34.49 -10.97
N GLN A 9 -18.02 -33.31 -10.42
CA GLN A 9 -18.95 -32.19 -10.41
C GLN A 9 -18.19 -30.87 -10.51
N GLN A 10 -18.37 -30.15 -11.61
CA GLN A 10 -17.82 -28.80 -11.75
C GLN A 10 -18.66 -27.81 -10.96
N THR A 11 -18.00 -26.80 -10.40
CA THR A 11 -18.65 -25.81 -9.54
C THR A 11 -18.34 -24.36 -9.92
N ARG A 12 -17.35 -24.14 -10.79
CA ARG A 12 -16.91 -22.81 -11.20
C ARG A 12 -16.54 -22.75 -12.65
N GLY A 13 -16.76 -21.60 -13.27
CA GLY A 13 -16.20 -21.29 -14.57
C GLY A 13 -14.83 -20.69 -14.37
N LEU A 14 -14.14 -20.42 -15.47
CA LEU A 14 -12.84 -19.77 -15.43
C LEU A 14 -12.93 -18.35 -14.89
N LEU A 15 -13.99 -17.64 -15.22
CA LEU A 15 -14.21 -16.30 -14.68
C LEU A 15 -14.39 -16.36 -13.16
N GLY A 16 -15.29 -17.22 -12.70
CA GLY A 16 -15.44 -17.46 -11.27
C GLY A 16 -14.10 -17.74 -10.64
N CYS A 17 -13.34 -18.65 -11.25
CA CYS A 17 -12.02 -19.02 -10.78
C CYS A 17 -11.06 -17.83 -10.71
N ILE A 18 -11.10 -16.97 -11.73
CA ILE A 18 -10.19 -15.83 -11.81
C ILE A 18 -10.35 -14.88 -10.62
N ILE A 19 -11.59 -14.55 -10.28
CA ILE A 19 -11.86 -13.66 -9.14
C ILE A 19 -11.60 -14.36 -7.82
N THR A 20 -12.11 -15.57 -7.67
CA THR A 20 -11.87 -16.34 -6.46
C THR A 20 -10.37 -16.43 -6.19
N SER A 21 -9.57 -16.51 -7.27
CA SER A 21 -8.13 -16.53 -7.16
C SER A 21 -7.58 -15.21 -6.65
N LEU A 22 -8.07 -14.09 -7.18
CA LEU A 22 -7.51 -12.78 -6.83
C LEU A 22 -7.97 -12.34 -5.47
N THR A 23 -9.27 -12.46 -5.21
CA THR A 23 -9.81 -12.19 -3.88
C THR A 23 -9.24 -13.16 -2.81
N GLY A 24 -9.16 -14.45 -3.16
CA GLY A 24 -8.70 -15.48 -2.22
C GLY A 24 -9.79 -15.94 -1.26
N ARG A 25 -11.04 -15.69 -1.61
CA ARG A 25 -12.19 -16.00 -0.76
C ARG A 25 -13.17 -16.89 -1.51
N ASP A 26 -13.30 -18.14 -1.06
CA ASP A 26 -14.21 -19.13 -1.67
C ASP A 26 -15.33 -19.52 -0.70
N ARG A 27 -16.47 -18.86 -0.84
CA ARG A 27 -17.65 -19.14 -0.01
C ARG A 27 -18.57 -20.22 -0.61
N ASN A 28 -18.00 -21.11 -1.42
CA ASN A 28 -18.77 -22.25 -1.94
C ASN A 28 -18.64 -23.43 -0.97
N GLN A 29 -19.65 -24.30 -0.98
CA GLN A 29 -19.70 -25.44 -0.07
C GLN A 29 -18.71 -26.50 -0.51
N VAL A 30 -17.71 -26.79 0.31
CA VAL A 30 -16.73 -27.80 -0.03
C VAL A 30 -17.31 -29.18 0.26
N GLU A 31 -17.22 -30.07 -0.74
CA GLU A 31 -17.74 -31.43 -0.61
C GLU A 31 -16.79 -32.40 -1.33
N GLY A 32 -16.81 -33.66 -0.92
CA GLY A 32 -16.02 -34.70 -1.59
C GLY A 32 -14.63 -34.91 -1.00
N GLU A 33 -14.01 -36.01 -1.40
CA GLU A 33 -12.68 -36.40 -0.90
C GLU A 33 -11.56 -35.87 -1.79
N VAL A 34 -11.86 -35.72 -3.08
CA VAL A 34 -10.93 -35.20 -4.08
C VAL A 34 -11.48 -33.91 -4.66
N GLN A 35 -10.62 -32.90 -4.75
CA GLN A 35 -11.01 -31.58 -5.23
C GLN A 35 -10.39 -31.30 -6.58
N VAL A 36 -11.20 -30.89 -7.54
CA VAL A 36 -10.69 -30.34 -8.78
C VAL A 36 -10.22 -28.94 -8.43
N VAL A 37 -8.94 -28.70 -8.68
CA VAL A 37 -8.31 -27.47 -8.24
C VAL A 37 -7.69 -26.78 -9.44
N SER A 38 -7.66 -25.46 -9.39
CA SER A 38 -7.00 -24.72 -10.45
C SER A 38 -6.44 -23.39 -9.98
N THR A 39 -5.30 -23.02 -10.55
CA THR A 39 -4.84 -21.64 -10.57
C THR A 39 -5.74 -20.98 -11.61
N ALA A 40 -5.42 -19.77 -12.04
CA ALA A 40 -6.18 -19.21 -13.17
C ALA A 40 -5.75 -19.83 -14.52
N THR A 41 -4.60 -20.51 -14.53
CA THR A 41 -3.91 -20.89 -15.76
C THR A 41 -3.56 -22.38 -15.92
N GLN A 42 -3.72 -23.18 -14.87
CA GLN A 42 -3.65 -24.63 -15.01
C GLN A 42 -4.45 -25.35 -13.94
N SER A 43 -4.80 -26.60 -14.23
CA SER A 43 -5.67 -27.39 -13.36
C SER A 43 -5.16 -28.80 -13.11
N PHE A 44 -5.46 -29.28 -11.91
CA PHE A 44 -4.98 -30.57 -11.42
C PHE A 44 -5.94 -31.04 -10.30
N LEU A 45 -5.46 -31.88 -9.38
CA LEU A 45 -6.31 -32.39 -8.31
C LEU A 45 -5.69 -32.18 -6.94
N ALA A 46 -6.53 -32.26 -5.91
CA ALA A 46 -6.06 -32.27 -4.53
C ALA A 46 -6.82 -33.33 -3.73
N THR A 47 -6.08 -34.23 -3.09
CA THR A 47 -6.63 -35.30 -2.27
C THR A 47 -6.47 -34.97 -0.79
N CYS A 48 -7.55 -35.15 -0.02
CA CYS A 48 -7.51 -34.95 1.43
C CYS A 48 -7.22 -36.24 2.14
N VAL A 49 -6.24 -36.21 3.04
CA VAL A 49 -5.96 -37.34 3.91
C VAL A 49 -5.79 -36.81 5.33
N ASN A 50 -6.34 -37.53 6.30
CA ASN A 50 -6.25 -37.15 7.71
C ASN A 50 -6.31 -35.64 7.95
N GLY A 51 -7.28 -34.97 7.32
CA GLY A 51 -7.52 -33.55 7.54
C GLY A 51 -6.64 -32.59 6.76
N VAL A 52 -5.62 -33.11 6.08
CA VAL A 52 -4.74 -32.26 5.27
C VAL A 52 -5.08 -32.41 3.81
N CYS A 53 -5.19 -31.27 3.13
CA CYS A 53 -5.55 -31.25 1.73
C CYS A 53 -4.31 -31.19 0.83
N TRP A 54 -3.92 -32.36 0.33
CA TRP A 54 -2.64 -32.51 -0.35
C TRP A 54 -2.77 -32.26 -1.85
N THR A 55 -1.67 -31.80 -2.46
CA THR A 55 -1.56 -31.74 -3.91
C THR A 55 -0.09 -31.63 -4.34
N VAL A 56 0.14 -31.37 -5.62
CA VAL A 56 1.50 -31.32 -6.15
C VAL A 56 2.06 -29.90 -6.24
N TYR A 57 3.34 -29.75 -5.89
CA TYR A 57 4.01 -28.46 -6.03
C TYR A 57 4.09 -28.04 -7.50
N HIS A 58 4.17 -29.01 -8.41
CA HIS A 58 4.35 -28.69 -9.82
C HIS A 58 3.10 -28.11 -10.46
N GLY A 59 2.00 -28.10 -9.70
CA GLY A 59 0.76 -27.44 -10.10
C GLY A 59 0.47 -26.20 -9.26
N ALA A 60 0.53 -26.36 -7.94
CA ALA A 60 0.13 -25.29 -7.01
C ALA A 60 1.26 -24.36 -6.56
N GLY A 61 2.51 -24.68 -6.91
CA GLY A 61 3.66 -23.89 -6.48
C GLY A 61 3.66 -23.74 -4.97
N SER A 62 3.95 -22.54 -4.47
CA SER A 62 3.82 -22.25 -3.04
C SER A 62 2.64 -21.31 -2.78
N LYS A 63 1.54 -21.53 -3.50
CA LYS A 63 0.39 -20.63 -3.45
C LYS A 63 -0.55 -20.95 -2.31
N THR A 64 -1.29 -19.94 -1.85
CA THR A 64 -2.31 -20.12 -0.84
C THR A 64 -3.56 -20.76 -1.47
N LEU A 65 -4.50 -21.17 -0.64
CA LEU A 65 -5.72 -21.83 -1.10
C LEU A 65 -6.94 -21.00 -0.67
N ALA A 66 -7.71 -20.53 -1.65
CA ALA A 66 -8.87 -19.66 -1.39
C ALA A 66 -9.88 -20.30 -0.44
N GLY A 67 -10.16 -19.63 0.69
CA GLY A 67 -11.03 -20.19 1.73
C GLY A 67 -12.25 -19.35 2.07
N PRO A 68 -13.21 -19.94 2.83
CA PRO A 68 -14.43 -19.26 3.24
C PRO A 68 -14.21 -18.10 4.21
N LYS A 69 -13.05 -18.05 4.85
CA LYS A 69 -12.63 -16.89 5.64
C LYS A 69 -11.29 -16.37 5.15
N GLY A 70 -11.14 -16.28 3.83
CA GLY A 70 -9.91 -15.79 3.21
C GLY A 70 -8.94 -16.91 2.85
N PRO A 71 -7.81 -16.56 2.21
CA PRO A 71 -6.88 -17.55 1.69
C PRO A 71 -6.13 -18.31 2.78
N ILE A 72 -5.86 -19.58 2.52
CA ILE A 72 -5.18 -20.47 3.46
C ILE A 72 -3.77 -20.76 2.98
N THR A 73 -2.80 -20.52 3.86
CA THR A 73 -1.39 -20.74 3.57
C THR A 73 -1.03 -22.23 3.66
N GLN A 74 -0.15 -22.67 2.78
CA GLN A 74 0.32 -24.05 2.79
C GLN A 74 0.84 -24.40 4.18
N MET A 75 0.35 -25.51 4.71
CA MET A 75 0.81 -26.05 5.98
C MET A 75 2.08 -26.90 5.79
N TYR A 76 2.23 -27.49 4.60
CA TYR A 76 3.42 -28.26 4.25
C TYR A 76 3.85 -27.94 2.83
N THR A 77 5.17 -27.98 2.59
CA THR A 77 5.74 -27.70 1.27
C THR A 77 7.05 -28.47 1.07
N ASN A 78 6.97 -29.61 0.39
CA ASN A 78 8.15 -30.44 0.09
C ASN A 78 8.43 -30.49 -1.42
N VAL A 79 9.29 -29.59 -1.88
CA VAL A 79 9.61 -29.47 -3.31
C VAL A 79 10.22 -30.77 -3.85
N ASP A 80 11.20 -31.32 -3.11
CA ASP A 80 11.89 -32.54 -3.53
C ASP A 80 10.92 -33.69 -3.84
N GLN A 81 9.86 -33.81 -3.05
CA GLN A 81 8.84 -34.84 -3.29
C GLN A 81 7.69 -34.35 -4.18
N ASP A 82 7.71 -33.08 -4.55
CA ASP A 82 6.65 -32.48 -5.35
C ASP A 82 5.34 -32.55 -4.59
N LEU A 83 5.36 -32.06 -3.35
CA LEU A 83 4.24 -32.22 -2.42
C LEU A 83 3.96 -30.94 -1.66
N VAL A 84 2.69 -30.55 -1.62
CA VAL A 84 2.23 -29.44 -0.80
C VAL A 84 0.93 -29.81 -0.09
N GLY A 85 0.71 -29.24 1.08
CA GLY A 85 -0.51 -29.49 1.85
C GLY A 85 -1.08 -28.25 2.49
N TRP A 86 -2.41 -28.13 2.46
CA TRP A 86 -3.13 -27.11 3.20
C TRP A 86 -4.02 -27.75 4.26
N GLN A 87 -4.33 -26.97 5.30
CA GLN A 87 -5.48 -27.24 6.16
C GLN A 87 -6.68 -27.49 5.27
N ALA A 88 -7.29 -28.67 5.38
CA ALA A 88 -8.48 -28.98 4.59
C ALA A 88 -9.60 -28.03 4.95
N PRO A 89 -10.23 -27.40 3.94
CA PRO A 89 -11.26 -26.41 4.24
C PRO A 89 -12.53 -27.06 4.77
N PRO A 90 -13.31 -26.32 5.57
CA PRO A 90 -14.51 -26.90 6.17
C PRO A 90 -15.48 -27.40 5.12
N GLY A 91 -15.96 -28.62 5.30
CA GLY A 91 -16.89 -29.25 4.38
C GLY A 91 -16.29 -30.46 3.68
N ALA A 92 -14.97 -30.43 3.46
CA ALA A 92 -14.28 -31.51 2.76
C ALA A 92 -14.25 -32.79 3.59
N ARG A 93 -14.41 -33.93 2.90
CA ARG A 93 -14.30 -35.24 3.51
C ARG A 93 -12.86 -35.70 3.37
N SER A 94 -12.41 -36.58 4.26
CA SER A 94 -10.99 -36.92 4.36
C SER A 94 -10.77 -38.43 4.21
N LEU A 95 -9.87 -38.81 3.30
CA LEU A 95 -9.47 -40.21 3.13
C LEU A 95 -8.58 -40.65 4.28
N THR A 96 -8.60 -41.94 4.56
CA THR A 96 -7.73 -42.52 5.58
C THR A 96 -6.62 -43.34 4.89
N PRO A 97 -5.35 -43.19 5.31
CA PRO A 97 -4.25 -43.94 4.74
C PRO A 97 -4.46 -45.45 4.71
N CYS A 98 -3.94 -46.14 3.70
CA CYS A 98 -4.10 -47.57 3.60
C CYS A 98 -3.16 -48.31 4.52
N THR A 99 -3.67 -49.38 5.14
CA THR A 99 -2.90 -50.21 6.07
C THR A 99 -2.78 -51.68 5.61
N CYS A 100 -3.45 -52.05 4.52
CA CYS A 100 -3.51 -53.45 4.11
C CYS A 100 -2.38 -53.84 3.15
N GLY A 101 -1.54 -52.88 2.78
CA GLY A 101 -0.35 -53.15 1.97
C GLY A 101 -0.60 -53.68 0.57
N SER A 102 -1.81 -53.51 0.05
CA SER A 102 -2.20 -54.05 -1.27
C SER A 102 -1.40 -53.42 -2.40
N SER A 103 -0.98 -54.25 -3.35
CA SER A 103 -0.34 -53.80 -4.59
C SER A 103 -1.39 -53.48 -5.65
N ASP A 104 -2.61 -53.95 -5.47
CA ASP A 104 -3.70 -53.66 -6.39
C ASP A 104 -4.22 -52.26 -6.12
N LEU A 105 -3.65 -51.29 -6.82
CA LEU A 105 -4.02 -49.90 -6.65
C LEU A 105 -5.07 -49.49 -7.67
N TYR A 106 -5.70 -48.35 -7.43
CA TYR A 106 -6.67 -47.77 -8.35
C TYR A 106 -6.52 -46.27 -8.35
N LEU A 107 -6.22 -45.71 -9.53
CA LEU A 107 -6.01 -44.28 -9.72
C LEU A 107 -7.30 -43.61 -10.17
N VAL A 108 -7.65 -42.50 -9.52
CA VAL A 108 -8.83 -41.70 -9.87
C VAL A 108 -8.39 -40.43 -10.59
N THR A 109 -8.98 -40.18 -11.76
CA THR A 109 -8.62 -39.05 -12.63
C THR A 109 -9.56 -37.87 -12.46
N ARG A 110 -9.20 -36.73 -13.04
CA ARG A 110 -10.04 -35.52 -13.02
C ARG A 110 -11.36 -35.74 -13.74
N HIS A 111 -11.34 -36.67 -14.68
CA HIS A 111 -12.53 -37.07 -15.41
C HIS A 111 -13.32 -38.15 -14.67
N ALA A 112 -12.83 -38.58 -13.51
CA ALA A 112 -13.49 -39.58 -12.65
C ALA A 112 -13.32 -41.04 -13.09
N ASP A 113 -12.49 -41.29 -14.11
CA ASP A 113 -12.17 -42.66 -14.50
C ASP A 113 -11.37 -43.34 -13.37
N VAL A 114 -11.69 -44.60 -13.09
CA VAL A 114 -11.00 -45.37 -12.05
C VAL A 114 -10.05 -46.38 -12.71
N ILE A 115 -8.79 -45.97 -12.87
CA ILE A 115 -7.83 -46.75 -13.65
C ILE A 115 -7.05 -47.73 -12.76
N PRO A 116 -7.17 -49.05 -13.04
CA PRO A 116 -6.44 -50.04 -12.24
C PRO A 116 -4.94 -49.99 -12.45
N VAL A 117 -4.19 -49.93 -11.35
CA VAL A 117 -2.74 -49.88 -11.39
C VAL A 117 -2.15 -50.92 -10.45
N ARG A 118 -1.19 -51.68 -10.96
CA ARG A 118 -0.44 -52.64 -10.15
C ARG A 118 0.82 -51.95 -9.64
N ARG A 119 0.98 -51.94 -8.32
CA ARG A 119 2.15 -51.35 -7.71
C ARG A 119 3.37 -52.21 -7.99
N ARG A 120 4.46 -51.57 -8.38
CA ARG A 120 5.69 -52.27 -8.74
C ARG A 120 6.93 -51.58 -8.16
N GLY A 121 6.78 -51.02 -6.96
CA GLY A 121 7.83 -50.23 -6.33
C GLY A 121 7.22 -49.25 -5.34
N ASP A 122 8.06 -48.67 -4.48
CA ASP A 122 7.58 -47.77 -3.44
C ASP A 122 6.71 -46.64 -3.98
N SER A 123 7.19 -45.98 -5.03
CA SER A 123 6.53 -44.80 -5.58
C SER A 123 6.18 -44.99 -7.05
N ARG A 124 5.86 -46.21 -7.44
CA ARG A 124 5.83 -46.59 -8.86
C ARG A 124 4.86 -47.76 -9.13
N GLY A 125 4.08 -47.67 -10.20
CA GLY A 125 3.15 -48.74 -10.58
C GLY A 125 2.77 -48.76 -12.05
N SER A 126 2.29 -49.92 -12.53
CA SER A 126 1.93 -50.11 -13.95
C SER A 126 0.42 -50.19 -14.18
N LEU A 127 -0.06 -49.57 -15.25
CA LEU A 127 -1.46 -49.70 -15.65
C LEU A 127 -1.68 -51.10 -16.18
N LEU A 128 -2.80 -51.73 -15.80
CA LEU A 128 -3.13 -53.09 -16.26
C LEU A 128 -3.41 -53.10 -17.76
N SER A 129 -3.99 -52.01 -18.25
CA SER A 129 -4.15 -51.78 -19.66
C SER A 129 -3.82 -50.32 -19.95
N PRO A 130 -2.79 -50.06 -20.78
CA PRO A 130 -2.41 -48.68 -21.09
C PRO A 130 -3.54 -47.87 -21.72
N ARG A 131 -3.54 -46.57 -21.47
CA ARG A 131 -4.41 -45.63 -22.15
C ARG A 131 -3.59 -44.44 -22.66
N PRO A 132 -4.16 -43.68 -23.63
CA PRO A 132 -3.57 -42.42 -24.07
C PRO A 132 -3.30 -41.47 -22.91
N VAL A 133 -2.13 -40.82 -22.91
CA VAL A 133 -1.73 -39.91 -21.83
C VAL A 133 -2.82 -38.90 -21.42
N SER A 134 -3.68 -38.53 -22.36
CA SER A 134 -4.81 -37.63 -22.08
C SER A 134 -5.76 -38.13 -20.98
N TYR A 135 -5.78 -39.43 -20.71
CA TYR A 135 -6.55 -39.95 -19.59
C TYR A 135 -6.04 -39.41 -18.24
N LEU A 136 -4.71 -39.25 -18.15
CA LEU A 136 -4.07 -38.91 -16.89
C LEU A 136 -3.74 -37.42 -16.79
N LYS A 137 -3.37 -36.80 -17.89
CA LYS A 137 -2.92 -35.40 -17.86
C LYS A 137 -3.93 -34.50 -17.15
N GLY A 138 -3.47 -33.82 -16.10
CA GLY A 138 -4.34 -32.97 -15.27
C GLY A 138 -4.85 -33.70 -14.03
N SER A 139 -4.38 -34.90 -13.79
CA SER A 139 -4.81 -35.64 -12.60
C SER A 139 -3.70 -35.77 -11.55
N SER A 140 -2.65 -34.95 -11.66
CA SER A 140 -1.64 -34.90 -10.61
C SER A 140 -2.33 -34.40 -9.36
N GLY A 141 -1.85 -34.86 -8.20
CA GLY A 141 -2.48 -34.58 -6.92
C GLY A 141 -3.65 -35.49 -6.61
N GLY A 142 -4.09 -36.28 -7.60
CA GLY A 142 -5.17 -37.23 -7.42
C GLY A 142 -4.70 -38.45 -6.65
N PRO A 143 -5.64 -39.21 -6.08
CA PRO A 143 -5.25 -40.32 -5.23
C PRO A 143 -5.04 -41.63 -5.98
N LEU A 144 -4.17 -42.48 -5.43
CA LEU A 144 -4.13 -43.90 -5.78
C LEU A 144 -4.67 -44.70 -4.62
N LEU A 145 -5.62 -45.58 -4.89
CA LEU A 145 -6.39 -46.21 -3.83
C LEU A 145 -6.23 -47.73 -3.79
N CYS A 146 -6.10 -48.27 -2.59
CA CYS A 146 -6.13 -49.71 -2.38
C CYS A 146 -7.56 -50.22 -2.60
N PRO A 147 -7.75 -51.55 -2.72
CA PRO A 147 -9.09 -52.07 -3.06
C PRO A 147 -10.18 -51.68 -2.05
N SER A 148 -9.77 -51.39 -0.81
CA SER A 148 -10.69 -50.98 0.25
C SER A 148 -10.92 -49.47 0.31
N GLY A 149 -10.34 -48.73 -0.63
CA GLY A 149 -10.64 -47.31 -0.80
C GLY A 149 -9.86 -46.39 0.11
N HIS A 150 -8.62 -46.75 0.39
CA HIS A 150 -7.77 -45.95 1.26
C HIS A 150 -6.61 -45.36 0.46
N ALA A 151 -6.07 -44.25 0.95
CA ALA A 151 -4.99 -43.55 0.26
C ALA A 151 -3.67 -44.29 0.45
N VAL A 152 -3.11 -44.78 -0.65
CA VAL A 152 -1.74 -45.32 -0.64
C VAL A 152 -0.75 -44.26 -1.09
N GLY A 153 -1.21 -43.34 -1.94
CA GLY A 153 -0.35 -42.29 -2.45
C GLY A 153 -1.06 -41.25 -3.31
N ILE A 154 -0.26 -40.45 -4.01
CA ILE A 154 -0.75 -39.30 -4.73
C ILE A 154 -0.07 -39.22 -6.09
N PHE A 155 -0.88 -39.13 -7.15
CA PHE A 155 -0.35 -39.17 -8.50
C PHE A 155 0.54 -37.97 -8.78
N ARG A 156 1.69 -38.22 -9.40
CA ARG A 156 2.74 -37.22 -9.53
C ARG A 156 3.29 -37.06 -10.96
N ALA A 157 3.46 -38.17 -11.66
CA ALA A 157 4.05 -38.19 -13.02
C ALA A 157 3.81 -39.53 -13.69
N ALA A 158 3.95 -39.58 -15.01
CA ALA A 158 3.66 -40.82 -15.75
C ALA A 158 4.71 -41.18 -16.78
N VAL A 159 4.97 -42.47 -16.91
CA VAL A 159 5.85 -42.98 -17.94
C VAL A 159 5.00 -43.29 -19.17
N CYS A 160 5.28 -42.57 -20.27
CA CYS A 160 4.53 -42.70 -21.50
C CYS A 160 5.47 -42.79 -22.69
N THR A 161 4.99 -43.38 -23.78
CA THR A 161 5.68 -43.35 -25.08
C THR A 161 4.64 -43.26 -26.18
N ARG A 162 4.99 -42.63 -27.28
CA ARG A 162 4.07 -42.48 -28.41
C ARG A 162 2.68 -42.03 -27.95
N GLY A 163 2.66 -41.18 -26.92
CA GLY A 163 1.41 -40.62 -26.40
C GLY A 163 0.50 -41.61 -25.69
N VAL A 164 1.06 -42.72 -25.20
CA VAL A 164 0.29 -43.66 -24.40
C VAL A 164 0.98 -43.90 -23.06
N ALA A 165 0.20 -43.82 -21.98
CA ALA A 165 0.73 -43.95 -20.63
C ALA A 165 0.75 -45.42 -20.19
N LYS A 166 1.91 -45.89 -19.76
CA LYS A 166 2.08 -47.27 -19.36
C LYS A 166 2.22 -47.44 -17.84
N ALA A 167 3.03 -46.59 -17.21
CA ALA A 167 3.23 -46.66 -15.76
C ALA A 167 3.13 -45.27 -15.13
N VAL A 168 2.99 -45.26 -13.80
CA VAL A 168 2.83 -44.01 -13.05
C VAL A 168 3.85 -43.89 -11.91
N ASP A 169 4.00 -42.65 -11.45
CA ASP A 169 4.84 -42.33 -10.30
C ASP A 169 4.00 -41.56 -9.29
N PHE A 170 4.09 -41.94 -8.02
CA PHE A 170 3.27 -41.31 -6.97
C PHE A 170 4.01 -41.14 -5.65
N VAL A 171 3.68 -40.07 -4.94
CA VAL A 171 4.19 -39.86 -3.59
C VAL A 171 3.46 -40.87 -2.70
N PRO A 172 4.21 -41.79 -2.05
CA PRO A 172 3.54 -42.70 -1.14
C PRO A 172 2.98 -41.96 0.06
N VAL A 173 2.02 -42.58 0.75
CA VAL A 173 1.37 -41.95 1.90
C VAL A 173 2.34 -41.82 3.11
N GLU A 174 3.44 -42.56 3.07
CA GLU A 174 4.47 -42.52 4.11
C GLU A 174 5.32 -41.26 4.02
N SER A 175 5.66 -40.86 2.80
CA SER A 175 6.41 -39.62 2.56
C SER A 175 5.69 -38.40 3.08
N MET A 176 4.36 -38.46 3.08
CA MET A 176 3.52 -37.39 3.61
C MET A 176 3.69 -37.36 5.13
N GLU A 177 3.71 -38.55 5.73
CA GLU A 177 3.95 -38.67 7.18
C GLU A 177 5.34 -38.17 7.56
N THR A 178 6.30 -38.34 6.65
CA THR A 178 7.65 -37.81 6.85
C THR A 178 7.65 -36.29 6.74
N THR A 179 6.99 -35.77 5.70
CA THR A 179 6.81 -34.33 5.52
C THR A 179 6.15 -33.72 6.76
N MET A 180 5.08 -34.35 7.22
CA MET A 180 4.33 -33.87 8.38
C MET A 180 5.20 -33.84 9.63
N ARG A 181 6.00 -34.89 9.81
CA ARG A 181 6.92 -35.00 10.93
C ARG A 181 8.00 -33.94 10.89
N ALA A 182 8.72 -33.90 9.76
CA ALA A 182 9.85 -32.97 9.58
C ALA A 182 9.50 -31.53 9.99
N SER A 183 8.34 -31.05 9.53
CA SER A 183 7.85 -29.72 9.87
C SER A 183 7.46 -29.62 11.35
N LYS A 188 0.98 -14.74 -6.75
CA LYS A 188 0.00 -13.77 -6.25
C LYS A 188 -1.35 -14.41 -5.95
N GLY A 189 -1.89 -15.11 -6.95
CA GLY A 189 -3.23 -15.68 -6.85
C GLY A 189 -3.28 -16.94 -6.03
N SER A 190 -4.43 -17.17 -5.39
CA SER A 190 -4.65 -18.40 -4.66
C SER A 190 -5.02 -19.50 -5.63
N VAL A 191 -4.71 -20.73 -5.25
CA VAL A 191 -5.24 -21.89 -5.93
C VAL A 191 -6.72 -21.98 -5.55
N VAL A 192 -7.56 -22.33 -6.53
CA VAL A 192 -9.03 -22.36 -6.33
C VAL A 192 -9.62 -23.74 -6.61
N ILE A 193 -10.60 -24.12 -5.77
CA ILE A 193 -11.41 -25.29 -6.03
C ILE A 193 -12.49 -24.89 -7.04
N VAL A 194 -12.43 -25.49 -8.22
CA VAL A 194 -13.44 -25.24 -9.25
C VAL A 194 -14.35 -26.44 -9.51
N GLY A 195 -14.09 -27.54 -8.82
CA GLY A 195 -14.91 -28.74 -8.93
C GLY A 195 -14.54 -29.76 -7.87
N ARG A 196 -15.11 -30.95 -7.97
CA ARG A 196 -14.81 -32.04 -7.02
C ARG A 196 -15.12 -33.40 -7.60
N ILE A 197 -14.66 -34.43 -6.89
CA ILE A 197 -14.85 -35.81 -7.32
C ILE A 197 -15.28 -36.63 -6.10
N ILE A 198 -16.51 -37.16 -6.19
CA ILE A 198 -17.11 -37.98 -5.14
C ILE A 198 -16.71 -39.45 -5.38
N LEU A 199 -16.32 -40.16 -4.32
CA LEU A 199 -15.93 -41.57 -4.44
C LEU A 199 -16.96 -42.49 -3.77
N SER A 200 -16.69 -43.79 -3.80
CA SER A 200 -17.49 -44.77 -3.05
C SER A 200 -16.65 -46.00 -2.70
N ALA B 2 -15.34 33.77 -27.70
CA ALA B 2 -14.99 33.53 -26.26
C ALA B 2 -13.48 33.37 -26.08
N PRO B 3 -12.97 33.76 -24.90
CA PRO B 3 -11.56 33.45 -24.60
C PRO B 3 -11.41 31.96 -24.26
N ILE B 4 -12.37 31.42 -23.52
CA ILE B 4 -12.31 30.05 -23.02
C ILE B 4 -12.77 29.08 -24.08
N THR B 5 -11.93 28.10 -24.38
CA THR B 5 -12.30 26.98 -25.25
C THR B 5 -11.93 25.67 -24.54
N ALA B 6 -12.23 24.54 -25.17
CA ALA B 6 -11.95 23.24 -24.58
C ALA B 6 -11.93 22.11 -25.61
N TYR B 7 -11.41 20.96 -25.19
CA TYR B 7 -11.52 19.72 -25.96
C TYR B 7 -11.20 18.58 -25.02
N SER B 8 -11.71 17.38 -25.33
CA SER B 8 -11.60 16.23 -24.43
C SER B 8 -10.76 15.10 -25.02
N GLN B 9 -10.13 14.32 -24.15
CA GLN B 9 -9.38 13.11 -24.56
C GLN B 9 -9.81 11.94 -23.68
N GLN B 10 -10.03 10.78 -24.29
CA GLN B 10 -10.30 9.57 -23.52
C GLN B 10 -9.00 8.84 -23.29
N THR B 11 -8.82 8.35 -22.05
CA THR B 11 -7.62 7.62 -21.68
C THR B 11 -7.86 6.16 -21.28
N ARG B 12 -9.12 5.78 -21.03
CA ARG B 12 -9.47 4.43 -20.59
C ARG B 12 -10.79 3.93 -21.18
N GLY B 13 -10.85 2.62 -21.43
CA GLY B 13 -12.12 1.94 -21.68
C GLY B 13 -12.76 1.53 -20.37
N LEU B 14 -13.94 0.91 -20.46
CA LEU B 14 -14.65 0.47 -19.26
C LEU B 14 -13.94 -0.72 -18.62
N LEU B 15 -13.31 -1.56 -19.44
CA LEU B 15 -12.54 -2.67 -18.91
C LEU B 15 -11.38 -2.17 -18.07
N GLY B 16 -10.59 -1.25 -18.61
CA GLY B 16 -9.52 -0.59 -17.86
C GLY B 16 -10.04 0.10 -16.61
N CYS B 17 -11.18 0.76 -16.76
CA CYS B 17 -11.81 1.46 -15.65
C CYS B 17 -12.24 0.51 -14.54
N ILE B 18 -12.67 -0.69 -14.90
CA ILE B 18 -13.17 -1.66 -13.93
C ILE B 18 -12.07 -2.24 -13.05
N ILE B 19 -10.92 -2.53 -13.65
CA ILE B 19 -9.82 -3.13 -12.88
C ILE B 19 -9.18 -2.05 -12.04
N THR B 20 -8.89 -0.91 -12.68
CA THR B 20 -8.28 0.21 -11.99
C THR B 20 -9.09 0.60 -10.74
N SER B 21 -10.42 0.50 -10.84
CA SER B 21 -11.29 0.72 -9.69
C SER B 21 -11.08 -0.38 -8.65
N LEU B 22 -11.04 -1.62 -9.09
CA LEU B 22 -10.78 -2.72 -8.17
C LEU B 22 -9.49 -2.49 -7.40
N THR B 23 -8.42 -2.24 -8.14
CA THR B 23 -7.08 -2.13 -7.57
C THR B 23 -6.78 -0.77 -6.94
N GLY B 24 -7.44 0.28 -7.40
CA GLY B 24 -7.12 1.65 -6.97
C GLY B 24 -5.73 2.11 -7.38
N ARG B 25 -5.14 1.43 -8.36
CA ARG B 25 -3.78 1.73 -8.81
C ARG B 25 -3.81 2.24 -10.24
N ASP B 26 -3.69 3.56 -10.38
CA ASP B 26 -3.80 4.22 -11.67
C ASP B 26 -2.40 4.69 -12.05
N ARG B 27 -1.79 4.02 -13.02
CA ARG B 27 -0.44 4.40 -13.46
C ARG B 27 -0.43 5.28 -14.72
N ASN B 28 -1.58 5.84 -15.09
CA ASN B 28 -1.64 6.77 -16.21
C ASN B 28 -1.16 8.16 -15.82
N GLN B 29 -0.68 8.91 -16.81
CA GLN B 29 -0.09 10.21 -16.60
C GLN B 29 -1.17 11.27 -16.49
N VAL B 30 -1.32 11.86 -15.31
CA VAL B 30 -2.38 12.85 -15.08
C VAL B 30 -1.99 14.19 -15.71
N GLU B 31 -2.97 14.80 -16.40
CA GLU B 31 -2.80 16.08 -17.08
C GLU B 31 -4.12 16.84 -17.09
N GLY B 32 -4.03 18.15 -17.28
CA GLY B 32 -5.21 19.01 -17.37
C GLY B 32 -5.73 19.38 -16.00
N GLU B 33 -6.57 20.40 -15.96
CA GLU B 33 -7.17 20.84 -14.70
C GLU B 33 -8.43 20.05 -14.41
N VAL B 34 -9.18 19.71 -15.45
CA VAL B 34 -10.45 19.02 -15.30
C VAL B 34 -10.29 17.56 -15.70
N GLN B 35 -10.66 16.65 -14.80
CA GLN B 35 -10.58 15.22 -15.05
C GLN B 35 -11.96 14.62 -15.28
N VAL B 36 -12.09 13.86 -16.38
CA VAL B 36 -13.27 13.03 -16.59
C VAL B 36 -13.10 11.81 -15.71
N VAL B 37 -14.10 11.56 -14.91
CA VAL B 37 -13.96 10.70 -13.78
C VAL B 37 -15.10 9.70 -13.78
N SER B 38 -14.89 8.57 -13.11
CA SER B 38 -15.87 7.50 -13.17
C SER B 38 -15.74 6.50 -12.03
N THR B 39 -16.89 6.09 -11.50
CA THR B 39 -17.00 4.82 -10.77
C THR B 39 -17.19 3.85 -11.90
N ALA B 40 -17.27 2.56 -11.61
CA ALA B 40 -17.47 1.58 -12.67
C ALA B 40 -18.85 1.76 -13.35
N THR B 41 -19.81 2.28 -12.59
CA THR B 41 -21.21 2.31 -13.01
C THR B 41 -21.75 3.68 -13.38
N GLN B 42 -21.02 4.74 -13.08
CA GLN B 42 -21.40 6.07 -13.58
C GLN B 42 -20.20 6.98 -13.67
N SER B 43 -20.35 8.04 -14.45
CA SER B 43 -19.26 8.95 -14.75
C SER B 43 -19.67 10.40 -14.61
N PHE B 44 -18.69 11.23 -14.29
CA PHE B 44 -18.90 12.65 -14.09
C PHE B 44 -17.54 13.36 -14.18
N LEU B 45 -17.45 14.61 -13.72
CA LEU B 45 -16.20 15.36 -13.78
C LEU B 45 -15.65 15.73 -12.40
N ALA B 46 -14.35 16.00 -12.40
CA ALA B 46 -13.66 16.54 -11.23
C ALA B 46 -12.89 17.77 -11.68
N THR B 47 -12.67 18.70 -10.75
CA THR B 47 -12.07 19.99 -11.08
C THR B 47 -11.02 20.34 -10.05
N CYS B 48 -9.80 20.60 -10.50
CA CYS B 48 -8.70 20.92 -9.58
C CYS B 48 -8.57 22.39 -9.23
N VAL B 49 -8.57 22.68 -7.94
CA VAL B 49 -8.33 24.03 -7.44
C VAL B 49 -7.46 23.96 -6.18
N ASN B 50 -6.35 24.70 -6.19
CA ASN B 50 -5.42 24.75 -5.06
C ASN B 50 -4.93 23.37 -4.62
N GLY B 51 -4.51 22.57 -5.60
CA GLY B 51 -3.90 21.27 -5.32
C GLY B 51 -4.86 20.18 -4.91
N VAL B 52 -6.12 20.53 -4.72
CA VAL B 52 -7.15 19.58 -4.30
C VAL B 52 -8.01 19.25 -5.50
N CYS B 53 -8.34 17.98 -5.65
CA CYS B 53 -9.11 17.50 -6.77
C CYS B 53 -10.56 17.28 -6.34
N TRP B 54 -11.40 18.26 -6.64
CA TRP B 54 -12.77 18.33 -6.14
C TRP B 54 -13.77 17.62 -7.04
N THR B 55 -14.76 17.00 -6.41
CA THR B 55 -15.95 16.57 -7.15
C THR B 55 -17.18 16.47 -6.25
N VAL B 56 -18.30 16.06 -6.86
CA VAL B 56 -19.58 15.99 -6.18
C VAL B 56 -19.72 14.70 -5.39
N TYR B 57 -20.48 14.78 -4.31
CA TYR B 57 -20.69 13.60 -3.50
C TYR B 57 -21.65 12.65 -4.19
N HIS B 58 -22.68 13.18 -4.84
CA HIS B 58 -23.69 12.31 -5.46
C HIS B 58 -23.07 11.50 -6.60
N GLY B 59 -21.89 11.90 -7.06
CA GLY B 59 -21.13 11.09 -8.00
C GLY B 59 -20.15 10.17 -7.29
N ALA B 60 -19.22 10.78 -6.55
CA ALA B 60 -18.06 10.08 -5.99
C ALA B 60 -18.31 9.34 -4.68
N GLY B 61 -19.41 9.65 -3.99
CA GLY B 61 -19.63 9.12 -2.64
C GLY B 61 -18.44 9.40 -1.71
N SER B 62 -18.16 8.47 -0.81
CA SER B 62 -16.94 8.59 0.02
C SER B 62 -15.78 7.76 -0.54
N LYS B 63 -15.91 7.32 -1.80
CA LYS B 63 -14.90 6.49 -2.47
C LYS B 63 -13.51 7.13 -2.53
N THR B 64 -12.49 6.29 -2.65
CA THR B 64 -11.12 6.73 -2.85
C THR B 64 -10.80 6.91 -4.34
N LEU B 65 -9.73 7.64 -4.64
CA LEU B 65 -9.34 7.93 -6.03
C LEU B 65 -8.12 7.11 -6.43
N ALA B 66 -8.22 6.41 -7.56
CA ALA B 66 -7.13 5.56 -8.01
C ALA B 66 -5.92 6.42 -8.41
N GLY B 67 -4.78 6.12 -7.82
CA GLY B 67 -3.58 6.94 -8.00
C GLY B 67 -2.34 6.13 -8.29
N PRO B 68 -1.24 6.82 -8.66
CA PRO B 68 0.02 6.19 -9.06
C PRO B 68 0.56 5.23 -8.00
N LYS B 69 0.43 5.61 -6.73
CA LYS B 69 0.90 4.79 -5.62
C LYS B 69 -0.28 4.30 -4.78
N GLY B 70 -1.24 3.67 -5.45
CA GLY B 70 -2.42 3.13 -4.78
C GLY B 70 -3.53 4.14 -4.60
N PRO B 71 -4.64 3.72 -3.97
CA PRO B 71 -5.84 4.55 -3.83
C PRO B 71 -5.68 5.69 -2.83
N ILE B 72 -6.12 6.88 -3.24
CA ILE B 72 -6.06 8.09 -2.44
C ILE B 72 -7.38 8.27 -1.68
N THR B 73 -7.30 8.49 -0.37
CA THR B 73 -8.47 8.73 0.46
C THR B 73 -8.90 10.19 0.36
N GLN B 74 -10.20 10.44 0.51
CA GLN B 74 -10.76 11.79 0.45
C GLN B 74 -10.23 12.65 1.59
N MET B 75 -9.57 13.76 1.24
CA MET B 75 -9.08 14.72 2.22
C MET B 75 -10.24 15.61 2.72
N TYR B 76 -11.31 15.69 1.93
CA TYR B 76 -12.49 16.49 2.31
C TYR B 76 -13.79 15.82 1.90
N THR B 77 -14.82 15.96 2.73
CA THR B 77 -16.13 15.36 2.48
C THR B 77 -17.22 16.22 3.10
N ASN B 78 -18.16 16.68 2.29
CA ASN B 78 -19.22 17.59 2.73
C ASN B 78 -20.52 17.26 2.03
N VAL B 79 -21.27 16.32 2.61
CA VAL B 79 -22.53 15.86 2.04
C VAL B 79 -23.56 16.99 1.91
N ASP B 80 -23.60 17.90 2.90
CA ASP B 80 -24.49 19.07 2.85
C ASP B 80 -24.28 19.90 1.58
N GLN B 81 -23.02 20.09 1.18
CA GLN B 81 -22.70 20.85 -0.02
C GLN B 81 -22.40 19.97 -1.25
N ASP B 82 -22.69 18.68 -1.16
CA ASP B 82 -22.47 17.77 -2.29
C ASP B 82 -21.07 17.92 -2.85
N LEU B 83 -20.08 17.93 -1.97
CA LEU B 83 -18.69 18.20 -2.35
C LEU B 83 -17.73 17.24 -1.67
N VAL B 84 -16.75 16.74 -2.44
CA VAL B 84 -15.68 15.91 -1.89
C VAL B 84 -14.35 16.27 -2.56
N GLY B 85 -13.25 16.01 -1.88
CA GLY B 85 -11.92 16.33 -2.43
C GLY B 85 -10.86 15.28 -2.16
N TRP B 86 -9.92 15.15 -3.10
CA TRP B 86 -8.70 14.37 -2.89
C TRP B 86 -7.50 15.26 -3.17
N GLN B 87 -6.37 14.92 -2.55
CA GLN B 87 -5.07 15.44 -2.96
C GLN B 87 -4.98 15.23 -4.45
N ALA B 88 -4.82 16.31 -5.19
CA ALA B 88 -4.67 16.21 -6.63
C ALA B 88 -3.39 15.44 -6.90
N PRO B 89 -3.50 14.27 -7.54
CA PRO B 89 -2.31 13.46 -7.79
C PRO B 89 -1.33 14.16 -8.74
N PRO B 90 -0.05 13.72 -8.73
CA PRO B 90 0.97 14.44 -9.49
C PRO B 90 0.66 14.48 -10.98
N GLY B 91 0.92 15.63 -11.59
CA GLY B 91 0.66 15.85 -13.01
C GLY B 91 -0.57 16.70 -13.23
N ALA B 92 -1.51 16.64 -12.29
CA ALA B 92 -2.75 17.40 -12.39
C ALA B 92 -2.46 18.89 -12.25
N ARG B 93 -2.99 19.69 -13.17
CA ARG B 93 -2.87 21.15 -13.09
C ARG B 93 -4.03 21.67 -12.22
N SER B 94 -3.84 22.83 -11.60
CA SER B 94 -4.82 23.33 -10.66
C SER B 94 -5.29 24.72 -11.09
N LEU B 95 -6.61 24.87 -11.24
CA LEU B 95 -7.20 26.17 -11.52
C LEU B 95 -7.00 27.06 -10.32
N THR B 96 -7.05 28.36 -10.56
CA THR B 96 -6.89 29.34 -9.51
C THR B 96 -8.28 29.92 -9.18
N PRO B 97 -8.56 30.20 -7.88
CA PRO B 97 -9.82 30.85 -7.50
C PRO B 97 -10.03 32.21 -8.16
N CYS B 98 -11.28 32.50 -8.52
CA CYS B 98 -11.61 33.74 -9.19
C CYS B 98 -11.66 34.91 -8.22
N THR B 99 -11.15 36.06 -8.66
CA THR B 99 -11.06 37.25 -7.83
C THR B 99 -11.78 38.47 -8.39
N CYS B 100 -12.12 38.46 -9.67
CA CYS B 100 -12.65 39.65 -10.35
C CYS B 100 -14.14 39.91 -10.08
N GLY B 101 -14.82 38.99 -9.40
CA GLY B 101 -16.24 39.16 -9.08
C GLY B 101 -17.16 39.28 -10.28
N SER B 102 -16.90 38.48 -11.31
CA SER B 102 -17.66 38.54 -12.55
C SER B 102 -18.95 37.71 -12.49
N SER B 103 -20.03 38.28 -13.01
CA SER B 103 -21.32 37.58 -13.12
C SER B 103 -21.41 36.77 -14.40
N ASP B 104 -20.44 36.95 -15.30
CA ASP B 104 -20.43 36.24 -16.59
C ASP B 104 -19.61 34.97 -16.46
N LEU B 105 -20.30 33.85 -16.28
CA LEU B 105 -19.66 32.57 -16.05
C LEU B 105 -19.73 31.70 -17.30
N TYR B 106 -18.91 30.65 -17.31
CA TYR B 106 -18.88 29.71 -18.41
C TYR B 106 -18.69 28.31 -17.85
N LEU B 107 -19.66 27.44 -18.09
CA LEU B 107 -19.63 26.07 -17.59
C LEU B 107 -19.05 25.15 -18.67
N VAL B 108 -18.10 24.32 -18.26
CA VAL B 108 -17.45 23.36 -19.14
C VAL B 108 -18.05 21.96 -18.96
N THR B 109 -18.47 21.35 -20.08
CA THR B 109 -19.13 20.03 -20.04
C THR B 109 -18.13 18.91 -20.30
N ARG B 110 -18.58 17.68 -20.06
CA ARG B 110 -17.81 16.47 -20.36
C ARG B 110 -17.58 16.28 -21.86
N HIS B 111 -18.41 16.91 -22.68
CA HIS B 111 -18.23 16.91 -24.13
C HIS B 111 -17.46 18.14 -24.58
N ALA B 112 -16.82 18.82 -23.62
CA ALA B 112 -15.97 19.97 -23.87
C ALA B 112 -16.71 21.19 -24.41
N ASP B 113 -18.02 21.27 -24.13
CA ASP B 113 -18.80 22.44 -24.52
C ASP B 113 -18.62 23.48 -23.44
N VAL B 114 -18.51 24.75 -23.84
CA VAL B 114 -18.30 25.84 -22.89
C VAL B 114 -19.56 26.71 -22.84
N ILE B 115 -20.48 26.37 -21.96
CA ILE B 115 -21.80 26.98 -21.95
C ILE B 115 -21.83 28.25 -21.11
N PRO B 116 -22.12 29.43 -21.73
CA PRO B 116 -22.21 30.68 -20.99
C PRO B 116 -23.35 30.69 -19.96
N VAL B 117 -23.05 31.20 -18.77
CA VAL B 117 -24.04 31.35 -17.72
C VAL B 117 -23.94 32.76 -17.13
N ARG B 118 -25.09 33.38 -16.89
CA ARG B 118 -25.14 34.63 -16.13
C ARG B 118 -25.40 34.29 -14.67
N ARG B 119 -24.47 34.69 -13.79
CA ARG B 119 -24.58 34.39 -12.36
C ARG B 119 -25.71 35.21 -11.75
N ARG B 120 -26.60 34.52 -11.05
CA ARG B 120 -27.80 35.16 -10.52
C ARG B 120 -28.02 34.71 -9.08
N GLY B 121 -26.99 34.93 -8.26
CA GLY B 121 -26.99 34.49 -6.87
C GLY B 121 -25.64 33.94 -6.46
N ASP B 122 -25.56 33.47 -5.23
CA ASP B 122 -24.32 32.97 -4.66
C ASP B 122 -23.90 31.63 -5.28
N SER B 123 -24.86 30.75 -5.48
CA SER B 123 -24.60 29.39 -5.94
C SER B 123 -25.55 29.03 -7.08
N ARG B 124 -25.83 30.00 -7.95
CA ARG B 124 -26.85 29.85 -8.99
C ARG B 124 -26.64 30.85 -10.14
N GLY B 125 -26.80 30.37 -11.37
CA GLY B 125 -26.80 31.23 -12.55
C GLY B 125 -27.78 30.70 -13.58
N SER B 126 -27.98 31.44 -14.68
CA SER B 126 -28.88 30.99 -15.75
C SER B 126 -28.18 31.00 -17.11
N LEU B 127 -28.38 29.91 -17.87
CA LEU B 127 -27.87 29.80 -19.24
C LEU B 127 -28.45 30.90 -20.11
N LEU B 128 -27.62 31.48 -20.98
CA LEU B 128 -28.04 32.56 -21.87
C LEU B 128 -28.92 32.03 -23.01
N SER B 129 -28.47 30.92 -23.59
CA SER B 129 -29.29 30.12 -24.50
C SER B 129 -29.46 28.74 -23.87
N PRO B 130 -30.70 28.39 -23.45
CA PRO B 130 -30.97 27.05 -22.93
C PRO B 130 -30.61 25.94 -23.91
N ARG B 131 -30.53 24.71 -23.41
CA ARG B 131 -30.15 23.57 -24.20
C ARG B 131 -30.75 22.31 -23.65
N PRO B 132 -30.93 21.28 -24.49
CA PRO B 132 -31.39 19.97 -24.02
C PRO B 132 -30.58 19.56 -22.84
N VAL B 133 -31.25 19.07 -21.80
CA VAL B 133 -30.57 18.71 -20.55
C VAL B 133 -29.33 17.84 -20.74
N SER B 134 -29.32 17.00 -21.78
CA SER B 134 -28.18 16.14 -22.11
C SER B 134 -26.88 16.89 -22.35
N TYR B 135 -26.96 18.17 -22.68
CA TYR B 135 -25.78 19.01 -22.73
C TYR B 135 -25.07 19.00 -21.37
N LEU B 136 -25.86 19.08 -20.31
CA LEU B 136 -25.33 19.22 -18.95
C LEU B 136 -25.19 17.88 -18.22
N LYS B 137 -26.00 16.88 -18.56
CA LYS B 137 -25.96 15.62 -17.83
C LYS B 137 -24.59 14.94 -17.92
N GLY B 138 -24.11 14.47 -16.77
CA GLY B 138 -22.81 13.83 -16.66
C GLY B 138 -21.64 14.80 -16.49
N SER B 139 -21.92 16.10 -16.37
CA SER B 139 -20.86 17.10 -16.20
C SER B 139 -20.85 17.71 -14.80
N SER B 140 -21.62 17.14 -13.88
CA SER B 140 -21.50 17.53 -12.46
C SER B 140 -20.04 17.39 -12.05
N GLY B 141 -19.56 18.36 -11.27
CA GLY B 141 -18.17 18.37 -10.82
C GLY B 141 -17.27 19.12 -11.77
N GLY B 142 -17.81 19.52 -12.92
CA GLY B 142 -17.09 20.35 -13.85
C GLY B 142 -17.01 21.74 -13.30
N PRO B 143 -16.17 22.59 -13.90
CA PRO B 143 -15.96 23.93 -13.42
C PRO B 143 -16.95 24.96 -13.98
N LEU B 144 -17.24 25.98 -13.18
CA LEU B 144 -17.78 27.24 -13.70
C LEU B 144 -16.65 28.26 -13.62
N LEU B 145 -16.38 28.91 -14.75
CA LEU B 145 -15.24 29.82 -14.90
C LEU B 145 -15.67 31.25 -15.20
N CYS B 146 -14.94 32.21 -14.64
CA CYS B 146 -15.08 33.62 -15.02
C CYS B 146 -14.36 33.83 -16.34
N PRO B 147 -14.59 34.98 -17.00
CA PRO B 147 -14.00 35.22 -18.32
C PRO B 147 -12.47 35.13 -18.35
N SER B 148 -11.83 35.28 -17.20
CA SER B 148 -10.38 35.11 -17.06
C SER B 148 -9.96 33.66 -16.76
N GLY B 149 -10.91 32.71 -16.89
CA GLY B 149 -10.60 31.29 -16.73
C GLY B 149 -10.27 30.84 -15.32
N HIS B 150 -10.67 31.61 -14.32
CA HIS B 150 -10.50 31.23 -12.92
C HIS B 150 -11.76 30.55 -12.43
N ALA B 151 -11.61 29.70 -11.42
CA ALA B 151 -12.71 28.91 -10.88
C ALA B 151 -13.59 29.76 -9.97
N VAL B 152 -14.89 29.84 -10.29
CA VAL B 152 -15.87 30.45 -9.38
C VAL B 152 -16.61 29.36 -8.60
N GLY B 153 -16.74 28.18 -9.19
CA GLY B 153 -17.37 27.04 -8.51
C GLY B 153 -17.49 25.82 -9.40
N ILE B 154 -17.89 24.69 -8.79
CA ILE B 154 -18.08 23.45 -9.55
C ILE B 154 -19.56 23.09 -9.70
N PHE B 155 -19.89 22.52 -10.86
CA PHE B 155 -21.27 22.32 -11.28
C PHE B 155 -21.91 21.20 -10.48
N ARG B 156 -23.09 21.47 -9.93
CA ARG B 156 -23.71 20.61 -8.94
C ARG B 156 -25.06 20.04 -9.40
N ALA B 157 -25.97 20.93 -9.80
CA ALA B 157 -27.33 20.55 -10.23
C ALA B 157 -27.84 21.48 -11.32
N ALA B 158 -28.98 21.16 -11.91
CA ALA B 158 -29.58 22.03 -12.91
C ALA B 158 -31.10 22.06 -12.85
N VAL B 159 -31.66 23.22 -13.20
CA VAL B 159 -33.10 23.44 -13.24
C VAL B 159 -33.60 23.30 -14.68
N CYS B 160 -34.51 22.36 -14.91
CA CYS B 160 -34.99 22.04 -16.25
C CYS B 160 -36.50 21.92 -16.30
N THR B 161 -37.06 22.29 -17.45
CA THR B 161 -38.47 22.04 -17.75
C THR B 161 -38.56 21.38 -19.12
N ARG B 162 -39.43 20.40 -19.25
CA ARG B 162 -39.75 19.78 -20.53
C ARG B 162 -38.52 19.16 -21.23
N GLY B 163 -37.47 18.87 -20.47
CA GLY B 163 -36.25 18.32 -21.03
C GLY B 163 -35.20 19.36 -21.43
N VAL B 164 -35.49 20.64 -21.22
CA VAL B 164 -34.51 21.70 -21.53
C VAL B 164 -34.03 22.40 -20.26
N ALA B 165 -32.71 22.44 -20.09
CA ALA B 165 -32.09 23.10 -18.94
C ALA B 165 -32.04 24.61 -19.12
N LYS B 166 -32.55 25.35 -18.15
CA LYS B 166 -32.60 26.81 -18.21
C LYS B 166 -31.59 27.48 -17.27
N ALA B 167 -31.29 26.84 -16.14
CA ALA B 167 -30.35 27.40 -15.15
C ALA B 167 -29.51 26.33 -14.46
N VAL B 168 -28.44 26.76 -13.79
CA VAL B 168 -27.53 25.86 -13.07
C VAL B 168 -27.31 26.20 -11.58
N ASP B 169 -26.99 25.16 -10.82
CA ASP B 169 -26.63 25.29 -9.41
C ASP B 169 -25.21 24.78 -9.24
N PHE B 170 -24.43 25.42 -8.38
CA PHE B 170 -23.02 25.05 -8.18
C PHE B 170 -22.50 25.39 -6.79
N VAL B 171 -21.52 24.63 -6.32
CA VAL B 171 -20.86 24.93 -5.06
C VAL B 171 -19.89 26.08 -5.33
N PRO B 172 -20.00 27.17 -4.56
CA PRO B 172 -19.03 28.24 -4.80
C PRO B 172 -17.62 27.86 -4.36
N VAL B 173 -16.63 28.48 -4.99
CA VAL B 173 -15.24 28.29 -4.62
C VAL B 173 -14.98 28.72 -3.15
N GLU B 174 -15.81 29.61 -2.62
CA GLU B 174 -15.72 30.01 -1.19
C GLU B 174 -16.13 28.90 -0.23
N SER B 175 -17.13 28.10 -0.61
CA SER B 175 -17.60 26.98 0.23
C SER B 175 -16.55 25.88 0.37
N MET B 176 -15.58 25.87 -0.54
CA MET B 176 -14.48 24.92 -0.46
C MET B 176 -13.48 25.36 0.61
N GLU B 177 -13.21 26.66 0.66
CA GLU B 177 -12.35 27.23 1.70
C GLU B 177 -12.98 27.02 3.08
N THR B 178 -14.31 27.04 3.12
CA THR B 178 -15.07 26.74 4.34
C THR B 178 -14.95 25.26 4.72
N THR B 179 -15.00 24.38 3.72
CA THR B 179 -14.77 22.94 3.91
C THR B 179 -13.33 22.71 4.41
N MET B 180 -12.38 23.35 3.72
CA MET B 180 -10.94 23.24 4.05
C MET B 180 -10.55 23.76 5.44
N ARG B 181 -11.38 24.64 6.01
CA ARG B 181 -11.17 25.10 7.40
C ARG B 181 -12.01 24.27 8.40
N ALA B 182 -13.12 23.70 7.93
CA ALA B 182 -13.97 22.85 8.76
C ALA B 182 -13.40 21.44 8.82
N LYS B 188 -16.74 0.04 -2.29
CA LYS B 188 -15.51 -0.73 -2.43
C LYS B 188 -14.58 -0.13 -3.49
N GLY B 189 -15.14 0.12 -4.67
CA GLY B 189 -14.33 0.54 -5.81
C GLY B 189 -13.81 1.96 -5.67
N SER B 190 -12.69 2.23 -6.36
CA SER B 190 -12.13 3.56 -6.41
C SER B 190 -12.72 4.29 -7.59
N VAL B 191 -12.80 5.61 -7.49
CA VAL B 191 -13.14 6.45 -8.62
C VAL B 191 -11.91 6.48 -9.53
N VAL B 192 -12.12 6.40 -10.84
CA VAL B 192 -11.04 6.29 -11.82
C VAL B 192 -11.12 7.40 -12.86
N ILE B 193 -9.96 7.98 -13.17
CA ILE B 193 -9.85 8.97 -14.22
C ILE B 193 -9.87 8.24 -15.56
N VAL B 194 -10.84 8.58 -16.41
CA VAL B 194 -10.99 7.92 -17.71
C VAL B 194 -10.73 8.88 -18.89
N GLY B 195 -10.43 10.13 -18.55
CA GLY B 195 -10.05 11.12 -19.56
C GLY B 195 -9.97 12.49 -18.91
N ARG B 196 -9.55 13.50 -19.67
CA ARG B 196 -9.57 14.88 -19.19
C ARG B 196 -10.18 15.83 -20.20
N ILE B 197 -10.47 17.03 -19.71
CA ILE B 197 -10.85 18.16 -20.55
C ILE B 197 -9.77 19.22 -20.41
N ILE B 198 -9.08 19.50 -21.52
CA ILE B 198 -8.07 20.55 -21.57
C ILE B 198 -8.76 21.85 -21.95
N LEU B 199 -8.25 22.95 -21.40
CA LEU B 199 -8.82 24.28 -21.59
C LEU B 199 -7.77 25.22 -22.18
N SER B 200 -8.23 26.40 -22.59
CA SER B 200 -7.35 27.42 -23.14
C SER B 200 -8.02 28.79 -23.09
N GLY B 201 -7.30 29.77 -22.58
CA GLY B 201 -7.70 31.18 -22.66
C GLY B 201 -7.11 31.77 -23.92
N ARG B 202 -7.94 31.96 -24.93
CA ARG B 202 -7.52 32.43 -26.27
C ARG B 202 -6.51 31.50 -26.92
N ALA C 2 -54.15 -3.55 -33.39
CA ALA C 2 -52.92 -2.86 -33.88
C ALA C 2 -52.12 -3.76 -34.83
N PRO C 3 -52.40 -3.68 -36.14
CA PRO C 3 -51.56 -4.38 -37.13
C PRO C 3 -50.09 -4.43 -36.73
N ILE C 4 -49.58 -3.33 -36.18
CA ILE C 4 -48.19 -3.22 -35.75
C ILE C 4 -47.98 -3.89 -34.39
N THR C 5 -47.13 -4.91 -34.36
CA THR C 5 -46.70 -5.53 -33.11
C THR C 5 -45.20 -5.75 -33.17
N ALA C 6 -44.57 -5.87 -32.01
CA ALA C 6 -43.13 -6.10 -31.94
C ALA C 6 -42.72 -6.92 -30.73
N TYR C 7 -41.62 -7.65 -30.86
CA TYR C 7 -40.98 -8.31 -29.73
C TYR C 7 -39.47 -8.14 -29.85
N SER C 8 -38.77 -8.26 -28.72
CA SER C 8 -37.34 -8.01 -28.66
C SER C 8 -36.53 -9.26 -28.39
N GLN C 9 -35.22 -9.13 -28.57
CA GLN C 9 -34.24 -10.20 -28.32
C GLN C 9 -32.94 -9.54 -27.93
N GLN C 10 -32.37 -9.96 -26.81
CA GLN C 10 -31.03 -9.52 -26.44
C GLN C 10 -30.00 -10.44 -27.09
N THR C 11 -28.97 -9.85 -27.68
CA THR C 11 -27.88 -10.60 -28.28
C THR C 11 -26.55 -10.48 -27.53
N ARG C 12 -26.44 -9.53 -26.61
CA ARG C 12 -25.19 -9.30 -25.85
C ARG C 12 -25.37 -8.96 -24.39
N GLY C 13 -24.42 -9.42 -23.59
CA GLY C 13 -24.25 -8.97 -22.22
C GLY C 13 -23.28 -7.82 -22.25
N LEU C 14 -23.00 -7.25 -21.09
CA LEU C 14 -22.20 -6.03 -20.98
C LEU C 14 -20.72 -6.28 -21.29
N LEU C 15 -20.17 -7.38 -20.80
CA LEU C 15 -18.79 -7.78 -21.17
C LEU C 15 -18.63 -7.87 -22.69
N GLY C 16 -19.48 -8.68 -23.31
CA GLY C 16 -19.48 -8.83 -24.75
C GLY C 16 -19.62 -7.47 -25.42
N CYS C 17 -20.42 -6.59 -24.83
CA CYS C 17 -20.59 -5.25 -25.37
C CYS C 17 -19.31 -4.44 -25.25
N ILE C 18 -18.79 -4.36 -24.03
CA ILE C 18 -17.54 -3.65 -23.77
C ILE C 18 -16.43 -4.08 -24.72
N ILE C 19 -16.28 -5.39 -24.90
CA ILE C 19 -15.23 -5.94 -25.75
C ILE C 19 -15.50 -5.55 -27.20
N THR C 20 -16.75 -5.70 -27.64
CA THR C 20 -17.09 -5.39 -29.02
C THR C 20 -16.92 -3.89 -29.30
N SER C 21 -17.09 -3.07 -28.26
CA SER C 21 -16.88 -1.63 -28.40
C SER C 21 -15.41 -1.28 -28.58
N LEU C 22 -14.55 -1.95 -27.81
CA LEU C 22 -13.11 -1.80 -27.93
C LEU C 22 -12.62 -2.01 -29.36
N THR C 23 -12.95 -3.18 -29.90
CA THR C 23 -12.45 -3.64 -31.19
C THR C 23 -13.11 -2.93 -32.35
N GLY C 24 -14.40 -2.64 -32.22
CA GLY C 24 -15.19 -2.14 -33.35
C GLY C 24 -15.53 -3.24 -34.35
N ARG C 25 -15.37 -4.49 -33.94
CA ARG C 25 -15.54 -5.63 -34.81
C ARG C 25 -16.68 -6.50 -34.27
N ASP C 26 -17.80 -6.49 -34.99
CA ASP C 26 -19.01 -7.17 -34.58
C ASP C 26 -19.37 -8.23 -35.60
N ARG C 27 -19.11 -9.49 -35.28
CA ARG C 27 -19.27 -10.58 -36.27
C ARG C 27 -20.63 -11.27 -36.15
N ASN C 28 -21.48 -10.79 -35.25
CA ASN C 28 -22.82 -11.33 -35.10
C ASN C 28 -23.64 -11.09 -36.35
N GLN C 29 -24.65 -11.94 -36.56
CA GLN C 29 -25.61 -11.77 -37.64
C GLN C 29 -26.57 -10.66 -37.24
N VAL C 30 -27.02 -9.88 -38.23
CA VAL C 30 -27.92 -8.76 -37.97
C VAL C 30 -29.29 -9.06 -38.55
N GLU C 31 -30.34 -8.76 -37.80
CA GLU C 31 -31.70 -8.99 -38.23
C GLU C 31 -32.60 -7.88 -37.71
N GLY C 32 -33.71 -7.65 -38.40
CA GLY C 32 -34.71 -6.69 -37.93
C GLY C 32 -34.43 -5.26 -38.36
N GLU C 33 -35.39 -4.37 -38.08
CA GLU C 33 -35.33 -2.99 -38.52
C GLU C 33 -34.76 -2.07 -37.44
N VAL C 34 -35.17 -2.33 -36.20
CA VAL C 34 -34.74 -1.54 -35.05
C VAL C 34 -33.70 -2.32 -34.24
N GLN C 35 -32.49 -1.77 -34.16
CA GLN C 35 -31.42 -2.37 -33.36
C GLN C 35 -31.33 -1.72 -31.99
N VAL C 36 -31.41 -2.54 -30.94
CA VAL C 36 -31.07 -2.10 -29.58
C VAL C 36 -29.56 -1.99 -29.55
N VAL C 37 -29.10 -0.83 -29.14
CA VAL C 37 -27.77 -0.34 -29.43
C VAL C 37 -27.17 0.19 -28.13
N SER C 38 -25.84 0.12 -28.01
CA SER C 38 -25.18 0.51 -26.78
C SER C 38 -23.74 0.98 -26.96
N THR C 39 -23.37 2.01 -26.21
CA THR C 39 -21.98 2.26 -25.89
C THR C 39 -21.74 1.43 -24.64
N ALA C 40 -20.54 1.44 -24.11
CA ALA C 40 -20.31 0.68 -22.90
C ALA C 40 -21.17 1.20 -21.73
N THR C 41 -21.46 2.50 -21.74
CA THR C 41 -22.04 3.18 -20.58
C THR C 41 -23.52 3.50 -20.68
N GLN C 42 -24.07 3.61 -21.89
CA GLN C 42 -25.52 3.83 -22.03
C GLN C 42 -26.09 3.16 -23.27
N SER C 43 -27.38 2.84 -23.21
CA SER C 43 -28.05 2.13 -24.28
C SER C 43 -29.27 2.91 -24.80
N PHE C 44 -29.55 2.73 -26.10
CA PHE C 44 -30.65 3.39 -26.78
C PHE C 44 -30.96 2.62 -28.07
N LEU C 45 -31.78 3.18 -28.96
CA LEU C 45 -32.19 2.46 -30.17
C LEU C 45 -31.67 3.09 -31.46
N ALA C 46 -31.49 2.26 -32.49
CA ALA C 46 -31.23 2.73 -33.84
C ALA C 46 -32.25 2.11 -34.78
N THR C 47 -32.88 2.96 -35.59
CA THR C 47 -33.86 2.55 -36.60
C THR C 47 -33.17 2.56 -37.97
N CYS C 48 -33.57 1.65 -38.86
CA CYS C 48 -33.03 1.60 -40.21
C CYS C 48 -34.04 2.13 -41.22
N VAL C 49 -33.61 3.10 -42.05
CA VAL C 49 -34.46 3.65 -43.11
C VAL C 49 -33.65 3.93 -44.34
N ASN C 50 -34.15 3.45 -45.47
CA ASN C 50 -33.48 3.57 -46.76
C ASN C 50 -32.01 3.22 -46.71
N GLY C 51 -31.73 2.05 -46.12
CA GLY C 51 -30.38 1.50 -46.06
C GLY C 51 -29.44 2.24 -45.14
N VAL C 52 -29.93 3.29 -44.48
CA VAL C 52 -29.15 4.07 -43.53
C VAL C 52 -29.65 3.71 -42.16
N CYS C 53 -28.71 3.42 -41.27
CA CYS C 53 -29.04 3.10 -39.89
C CYS C 53 -28.93 4.36 -39.02
N TRP C 54 -30.09 4.93 -38.68
CA TRP C 54 -30.16 6.19 -37.95
C TRP C 54 -30.29 5.97 -36.45
N THR C 55 -29.72 6.89 -35.68
CA THR C 55 -29.92 6.97 -34.22
C THR C 55 -29.70 8.42 -33.79
N VAL C 56 -29.66 8.67 -32.48
CA VAL C 56 -29.53 10.04 -31.95
C VAL C 56 -28.11 10.38 -31.58
N TYR C 57 -27.79 11.67 -31.65
CA TYR C 57 -26.43 12.15 -31.38
C TYR C 57 -26.17 12.26 -29.90
N HIS C 58 -27.23 12.36 -29.09
CA HIS C 58 -27.06 12.43 -27.63
C HIS C 58 -26.87 11.05 -27.01
N GLY C 59 -26.91 10.02 -27.84
CA GLY C 59 -26.56 8.66 -27.41
C GLY C 59 -25.28 8.19 -28.07
N ALA C 60 -25.26 8.22 -29.40
CA ALA C 60 -24.12 7.72 -30.15
C ALA C 60 -22.94 8.70 -30.21
N GLY C 61 -23.23 10.01 -30.27
CA GLY C 61 -22.19 11.00 -30.55
C GLY C 61 -21.60 10.77 -31.92
N SER C 62 -20.30 11.02 -32.08
CA SER C 62 -19.60 10.82 -33.36
C SER C 62 -18.90 9.45 -33.45
N LYS C 63 -19.31 8.50 -32.60
CA LYS C 63 -18.70 7.17 -32.57
C LYS C 63 -18.98 6.35 -33.83
N THR C 64 -18.05 5.45 -34.13
CA THR C 64 -18.24 4.46 -35.17
C THR C 64 -19.16 3.38 -34.66
N LEU C 65 -19.72 2.61 -35.59
CA LEU C 65 -20.56 1.46 -35.29
C LEU C 65 -19.75 0.20 -35.55
N ALA C 66 -19.71 -0.70 -34.58
CA ALA C 66 -18.91 -1.92 -34.71
C ALA C 66 -19.55 -2.82 -35.74
N GLY C 67 -18.75 -3.33 -36.66
CA GLY C 67 -19.26 -3.99 -37.85
C GLY C 67 -18.60 -5.32 -38.14
N PRO C 68 -19.00 -5.96 -39.25
CA PRO C 68 -18.46 -7.26 -39.61
C PRO C 68 -17.03 -7.17 -40.11
N LYS C 69 -16.71 -6.11 -40.84
CA LYS C 69 -15.34 -5.91 -41.35
C LYS C 69 -14.67 -4.74 -40.62
N GLY C 70 -14.97 -4.60 -39.34
CA GLY C 70 -14.41 -3.52 -38.53
C GLY C 70 -15.38 -2.37 -38.35
N PRO C 71 -14.95 -1.32 -37.62
CA PRO C 71 -15.82 -0.19 -37.28
C PRO C 71 -16.27 0.67 -38.47
N ILE C 72 -17.55 1.02 -38.48
CA ILE C 72 -18.18 1.79 -39.55
C ILE C 72 -18.24 3.26 -39.17
N THR C 73 -17.73 4.12 -40.04
CA THR C 73 -17.71 5.56 -39.78
C THR C 73 -19.11 6.12 -39.98
N GLN C 74 -19.43 7.17 -39.24
CA GLN C 74 -20.72 7.84 -39.39
C GLN C 74 -20.82 8.46 -40.77
N MET C 75 -21.87 8.08 -41.48
CA MET C 75 -22.12 8.56 -42.84
C MET C 75 -22.74 9.95 -42.81
N TYR C 76 -23.61 10.18 -41.82
CA TYR C 76 -24.28 11.46 -41.65
C TYR C 76 -24.20 11.89 -40.20
N THR C 77 -24.06 13.20 -39.98
CA THR C 77 -23.98 13.75 -38.63
C THR C 77 -24.59 15.16 -38.60
N ASN C 78 -25.59 15.35 -37.73
CA ASN C 78 -26.29 16.64 -37.61
C ASN C 78 -26.58 16.94 -36.14
N VAL C 79 -25.66 17.64 -35.49
CA VAL C 79 -25.76 17.89 -34.06
C VAL C 79 -26.97 18.76 -33.71
N ASP C 80 -27.31 19.70 -34.58
CA ASP C 80 -28.44 20.63 -34.37
C ASP C 80 -29.78 19.92 -34.27
N GLN C 81 -29.92 18.83 -35.02
CA GLN C 81 -31.14 18.00 -35.00
C GLN C 81 -30.98 16.73 -34.17
N ASP C 82 -29.78 16.48 -33.66
CA ASP C 82 -29.50 15.35 -32.76
C ASP C 82 -29.63 14.04 -33.52
N LEU C 83 -28.98 13.98 -34.68
CA LEU C 83 -29.15 12.87 -35.63
C LEU C 83 -27.81 12.39 -36.15
N VAL C 84 -27.64 11.07 -36.23
CA VAL C 84 -26.50 10.49 -36.91
C VAL C 84 -26.94 9.24 -37.67
N GLY C 85 -26.18 8.85 -38.69
CA GLY C 85 -26.50 7.67 -39.48
C GLY C 85 -25.27 6.95 -40.01
N TRP C 86 -25.24 5.64 -39.83
CA TRP C 86 -24.22 4.79 -40.45
C TRP C 86 -24.80 4.06 -41.65
N GLN C 87 -23.90 3.53 -42.48
CA GLN C 87 -24.23 2.49 -43.43
C GLN C 87 -24.79 1.30 -42.66
N ALA C 88 -26.09 1.04 -42.80
CA ALA C 88 -26.70 -0.11 -42.15
C ALA C 88 -25.94 -1.36 -42.54
N PRO C 89 -25.55 -2.20 -41.55
CA PRO C 89 -24.64 -3.31 -41.85
C PRO C 89 -25.39 -4.49 -42.47
N PRO C 90 -24.64 -5.40 -43.12
CA PRO C 90 -25.30 -6.51 -43.80
C PRO C 90 -26.28 -7.24 -42.87
N GLY C 91 -27.44 -7.63 -43.41
CA GLY C 91 -28.45 -8.32 -42.63
C GLY C 91 -29.53 -7.40 -42.08
N ALA C 92 -29.16 -6.17 -41.73
CA ALA C 92 -30.11 -5.18 -41.24
C ALA C 92 -31.21 -4.91 -42.26
N ARG C 93 -32.46 -5.05 -41.82
CA ARG C 93 -33.61 -4.81 -42.68
C ARG C 93 -34.04 -3.37 -42.53
N SER C 94 -34.41 -2.72 -43.62
CA SER C 94 -34.66 -1.27 -43.61
C SER C 94 -36.15 -0.96 -43.73
N LEU C 95 -36.63 -0.01 -42.93
CA LEU C 95 -38.01 0.51 -43.07
C LEU C 95 -38.07 1.50 -44.22
N THR C 96 -39.28 1.71 -44.73
CA THR C 96 -39.48 2.62 -45.85
C THR C 96 -40.29 3.83 -45.34
N PRO C 97 -39.90 5.06 -45.74
CA PRO C 97 -40.55 6.28 -45.26
C PRO C 97 -42.06 6.29 -45.46
N CYS C 98 -42.76 7.03 -44.60
CA CYS C 98 -44.21 7.13 -44.69
C CYS C 98 -44.63 8.16 -45.73
N THR C 99 -45.72 7.85 -46.46
CA THR C 99 -46.26 8.73 -47.51
C THR C 99 -47.76 9.03 -47.41
N CYS C 100 -48.44 8.45 -46.41
CA CYS C 100 -49.90 8.63 -46.28
C CYS C 100 -50.28 9.91 -45.53
N GLY C 101 -49.30 10.57 -44.92
CA GLY C 101 -49.54 11.80 -44.16
C GLY C 101 -50.46 11.59 -42.98
N SER C 102 -50.38 10.41 -42.36
CA SER C 102 -51.28 10.04 -41.29
C SER C 102 -50.83 10.67 -39.97
N SER C 103 -51.80 11.08 -39.16
CA SER C 103 -51.53 11.73 -37.88
C SER C 103 -51.68 10.77 -36.69
N ASP C 104 -52.03 9.51 -36.97
CA ASP C 104 -52.02 8.45 -35.97
C ASP C 104 -50.64 7.80 -36.00
N LEU C 105 -49.79 8.12 -35.02
CA LEU C 105 -48.44 7.55 -34.97
C LEU C 105 -48.32 6.46 -33.92
N TYR C 106 -47.29 5.64 -34.04
CA TYR C 106 -46.98 4.60 -33.07
C TYR C 106 -45.48 4.55 -32.79
N LEU C 107 -45.12 4.69 -31.51
CA LEU C 107 -43.73 4.71 -31.07
C LEU C 107 -43.36 3.34 -30.52
N VAL C 108 -42.36 2.72 -31.14
CA VAL C 108 -41.82 1.44 -30.70
C VAL C 108 -40.67 1.72 -29.72
N THR C 109 -40.63 0.97 -28.61
CA THR C 109 -39.67 1.18 -27.52
C THR C 109 -38.71 0.03 -27.37
N ARG C 110 -37.66 0.25 -26.57
CA ARG C 110 -36.63 -0.78 -26.37
C ARG C 110 -37.20 -2.07 -25.77
N HIS C 111 -38.32 -1.96 -25.07
CA HIS C 111 -39.00 -3.12 -24.49
C HIS C 111 -40.13 -3.65 -25.38
N ALA C 112 -40.09 -3.32 -26.67
CA ALA C 112 -41.09 -3.79 -27.62
C ALA C 112 -42.52 -3.26 -27.39
N ASP C 113 -42.68 -2.30 -26.48
CA ASP C 113 -43.99 -1.66 -26.29
C ASP C 113 -44.25 -0.80 -27.53
N VAL C 114 -45.51 -0.78 -27.97
CA VAL C 114 -45.90 0.00 -29.14
C VAL C 114 -46.91 1.05 -28.71
N ILE C 115 -46.45 2.28 -28.55
CA ILE C 115 -47.23 3.33 -27.90
C ILE C 115 -47.97 4.23 -28.90
N PRO C 116 -49.31 4.32 -28.77
CA PRO C 116 -50.10 5.22 -29.61
C PRO C 116 -49.80 6.70 -29.39
N VAL C 117 -49.24 7.35 -30.41
CA VAL C 117 -48.94 8.78 -30.38
C VAL C 117 -49.77 9.51 -31.43
N ARG C 118 -50.33 10.66 -31.04
CA ARG C 118 -51.11 11.49 -31.95
C ARG C 118 -50.24 12.66 -32.39
N ARG C 119 -49.95 12.73 -33.69
CA ARG C 119 -49.11 13.79 -34.23
C ARG C 119 -49.81 15.14 -34.15
N ARG C 120 -49.11 16.13 -33.60
CA ARG C 120 -49.67 17.46 -33.36
C ARG C 120 -48.66 18.56 -33.69
N GLY C 121 -47.86 18.33 -34.73
CA GLY C 121 -46.79 19.26 -35.11
C GLY C 121 -45.82 18.59 -36.05
N ASP C 122 -44.88 19.37 -36.59
CA ASP C 122 -43.94 18.85 -37.59
C ASP C 122 -43.00 17.80 -36.98
N SER C 123 -42.61 18.02 -35.74
CA SER C 123 -41.68 17.13 -35.05
C SER C 123 -42.17 16.87 -33.62
N ARG C 124 -43.49 16.78 -33.47
CA ARG C 124 -44.12 16.79 -32.16
C ARG C 124 -45.46 16.01 -32.15
N GLY C 125 -45.72 15.30 -31.05
CA GLY C 125 -46.94 14.52 -30.90
C GLY C 125 -47.19 14.13 -29.45
N SER C 126 -48.46 13.88 -29.11
CA SER C 126 -48.87 13.60 -27.72
C SER C 126 -49.28 12.15 -27.54
N LEU C 127 -49.06 11.61 -26.34
CA LEU C 127 -49.41 10.22 -26.05
C LEU C 127 -50.90 10.11 -25.75
N LEU C 128 -51.58 9.18 -26.43
CA LEU C 128 -53.03 9.01 -26.25
C LEU C 128 -53.33 8.71 -24.78
N SER C 129 -52.58 7.78 -24.21
CA SER C 129 -52.58 7.58 -22.77
C SER C 129 -51.14 7.79 -22.30
N PRO C 130 -50.90 8.79 -21.43
CA PRO C 130 -49.54 8.99 -20.93
C PRO C 130 -49.04 7.79 -20.15
N ARG C 131 -47.73 7.60 -20.16
CA ARG C 131 -47.09 6.52 -19.43
C ARG C 131 -45.93 7.09 -18.61
N PRO C 132 -45.60 6.43 -17.49
CA PRO C 132 -44.41 6.74 -16.75
C PRO C 132 -43.21 6.92 -17.68
N VAL C 133 -42.40 7.92 -17.41
CA VAL C 133 -41.28 8.25 -18.29
C VAL C 133 -40.38 7.03 -18.62
N SER C 134 -40.25 6.10 -17.67
CA SER C 134 -39.43 4.89 -17.86
C SER C 134 -39.82 4.04 -19.08
N TYR C 135 -41.10 3.99 -19.40
CA TYR C 135 -41.59 3.31 -20.62
C TYR C 135 -40.85 3.77 -21.87
N LEU C 136 -40.56 5.06 -21.92
CA LEU C 136 -39.88 5.68 -23.05
C LEU C 136 -38.37 5.70 -22.87
N LYS C 137 -37.91 6.06 -21.68
CA LYS C 137 -36.47 6.21 -21.40
C LYS C 137 -35.63 5.06 -21.97
N GLY C 138 -34.56 5.42 -22.67
CA GLY C 138 -33.72 4.44 -23.37
C GLY C 138 -34.22 4.05 -24.75
N SER C 139 -35.26 4.70 -25.24
CA SER C 139 -35.76 4.39 -26.58
C SER C 139 -35.43 5.47 -27.60
N SER C 140 -34.56 6.43 -27.25
CA SER C 140 -34.17 7.43 -28.24
C SER C 140 -33.62 6.76 -29.50
N GLY C 141 -34.00 7.31 -30.65
CA GLY C 141 -33.62 6.74 -31.94
C GLY C 141 -34.62 5.72 -32.46
N GLY C 142 -35.51 5.26 -31.58
CA GLY C 142 -36.57 4.34 -31.97
C GLY C 142 -37.57 4.98 -32.92
N PRO C 143 -38.28 4.15 -33.69
CA PRO C 143 -39.13 4.65 -34.76
C PRO C 143 -40.48 5.17 -34.29
N LEU C 144 -40.96 6.24 -34.91
CA LEU C 144 -42.38 6.55 -34.91
C LEU C 144 -42.93 6.08 -36.24
N LEU C 145 -44.01 5.31 -36.20
CA LEU C 145 -44.55 4.69 -37.40
C LEU C 145 -45.98 5.16 -37.67
N CYS C 146 -46.36 5.18 -38.95
CA CYS C 146 -47.75 5.36 -39.33
C CYS C 146 -48.46 4.02 -39.10
N PRO C 147 -49.80 3.99 -39.22
CA PRO C 147 -50.52 2.73 -39.03
C PRO C 147 -50.15 1.60 -40.01
N SER C 148 -49.48 1.95 -41.11
CA SER C 148 -49.04 0.96 -42.11
C SER C 148 -47.62 0.47 -41.87
N GLY C 149 -46.99 0.90 -40.79
CA GLY C 149 -45.66 0.42 -40.40
C GLY C 149 -44.48 1.07 -41.13
N HIS C 150 -44.69 2.30 -41.62
CA HIS C 150 -43.64 3.06 -42.29
C HIS C 150 -43.13 4.16 -41.37
N ALA C 151 -41.87 4.52 -41.54
CA ALA C 151 -41.22 5.47 -40.64
C ALA C 151 -41.68 6.90 -40.92
N VAL C 152 -42.11 7.61 -39.87
CA VAL C 152 -42.39 9.04 -39.99
C VAL C 152 -41.24 9.84 -39.35
N GLY C 153 -40.67 9.32 -38.28
CA GLY C 153 -39.54 9.99 -37.65
C GLY C 153 -38.90 9.10 -36.62
N ILE C 154 -37.77 9.56 -36.07
CA ILE C 154 -37.14 8.83 -34.96
C ILE C 154 -37.24 9.61 -33.65
N PHE C 155 -37.36 8.86 -32.56
CA PHE C 155 -37.63 9.41 -31.23
C PHE C 155 -36.38 10.13 -30.68
N ARG C 156 -36.60 11.33 -30.15
CA ARG C 156 -35.52 12.24 -29.78
C ARG C 156 -35.60 12.68 -28.31
N ALA C 157 -36.75 13.22 -27.90
CA ALA C 157 -36.96 13.69 -26.53
C ALA C 157 -38.43 13.56 -26.13
N ALA C 158 -38.69 13.77 -24.84
CA ALA C 158 -40.06 13.67 -24.31
C ALA C 158 -40.36 14.77 -23.32
N VAL C 159 -41.64 15.15 -23.25
CA VAL C 159 -42.13 16.18 -22.33
C VAL C 159 -42.78 15.47 -21.14
N CYS C 160 -42.35 15.81 -19.93
CA CYS C 160 -42.81 15.08 -18.75
C CYS C 160 -43.07 16.01 -17.57
N THR C 161 -44.01 15.60 -16.72
CA THR C 161 -44.25 16.24 -15.42
C THR C 161 -44.61 15.12 -14.45
N ARG C 162 -44.16 15.24 -13.20
CA ARG C 162 -44.43 14.24 -12.16
C ARG C 162 -43.96 12.84 -12.57
N GLY C 163 -42.94 12.79 -13.42
CA GLY C 163 -42.43 11.51 -13.90
C GLY C 163 -43.39 10.72 -14.78
N VAL C 164 -44.34 11.41 -15.41
CA VAL C 164 -45.17 10.81 -16.46
C VAL C 164 -44.94 11.60 -17.76
N ALA C 165 -44.86 10.91 -18.88
CA ALA C 165 -44.52 11.53 -20.17
C ALA C 165 -45.78 11.75 -21.01
N LYS C 166 -46.10 13.02 -21.25
CA LYS C 166 -47.34 13.37 -21.94
C LYS C 166 -47.15 13.51 -23.45
N ALA C 167 -45.95 13.87 -23.88
CA ALA C 167 -45.68 14.08 -25.29
C ALA C 167 -44.28 13.68 -25.71
N VAL C 168 -44.09 13.52 -27.01
CA VAL C 168 -42.78 13.19 -27.59
C VAL C 168 -42.35 14.20 -28.66
N ASP C 169 -41.04 14.40 -28.73
CA ASP C 169 -40.41 15.17 -29.78
C ASP C 169 -39.65 14.16 -30.64
N PHE C 170 -39.72 14.31 -31.95
CA PHE C 170 -39.01 13.39 -32.85
C PHE C 170 -38.45 14.14 -34.04
N VAL C 171 -37.51 13.51 -34.74
CA VAL C 171 -36.96 14.06 -35.98
C VAL C 171 -37.75 13.51 -37.16
N PRO C 172 -38.32 14.41 -38.00
CA PRO C 172 -39.09 13.91 -39.14
C PRO C 172 -38.22 13.25 -40.19
N VAL C 173 -38.73 12.19 -40.79
CA VAL C 173 -38.07 11.50 -41.89
C VAL C 173 -37.71 12.49 -43.04
N GLU C 174 -38.42 13.61 -43.10
CA GLU C 174 -38.10 14.70 -44.03
C GLU C 174 -36.74 15.35 -43.74
N SER C 175 -36.48 15.66 -42.48
CA SER C 175 -35.21 16.28 -42.08
C SER C 175 -34.02 15.34 -42.29
N MET C 176 -34.28 14.04 -42.31
CA MET C 176 -33.23 13.05 -42.59
C MET C 176 -32.78 13.14 -44.04
N GLU C 177 -33.72 13.31 -44.97
CA GLU C 177 -33.39 13.57 -46.38
C GLU C 177 -32.68 14.90 -46.54
N THR C 178 -33.04 15.85 -45.68
CA THR C 178 -32.38 17.16 -45.64
C THR C 178 -30.95 17.01 -45.12
N THR C 179 -30.76 16.16 -44.11
CA THR C 179 -29.41 15.83 -43.64
C THR C 179 -28.65 15.06 -44.73
N MET C 180 -29.33 14.15 -45.43
CA MET C 180 -28.69 13.34 -46.48
C MET C 180 -28.23 14.19 -47.67
N ARG C 181 -29.11 15.02 -48.20
CA ARG C 181 -28.77 15.92 -49.32
C ARG C 181 -27.68 16.92 -48.92
N ALA C 182 -27.75 17.42 -47.69
CA ALA C 182 -26.79 18.40 -47.18
C ALA C 182 -25.36 17.87 -47.29
N SER C 183 -25.11 16.76 -46.61
CA SER C 183 -23.79 16.10 -46.60
C SER C 183 -23.21 15.95 -48.01
N LYS C 184 -24.09 15.74 -48.98
CA LYS C 184 -23.70 15.61 -50.38
C LYS C 184 -23.57 16.98 -51.05
N LYS C 188 -13.60 6.90 -27.84
CA LYS C 188 -12.73 5.88 -28.43
C LYS C 188 -13.51 4.66 -28.89
N GLY C 189 -14.35 4.13 -28.01
CA GLY C 189 -15.10 2.91 -28.30
C GLY C 189 -16.17 3.10 -29.35
N SER C 190 -16.55 2.00 -30.01
CA SER C 190 -17.62 2.03 -31.01
C SER C 190 -18.98 1.89 -30.33
N VAL C 191 -20.03 2.20 -31.07
CA VAL C 191 -21.39 1.83 -30.68
C VAL C 191 -21.58 0.35 -31.06
N VAL C 192 -22.37 -0.38 -30.27
CA VAL C 192 -22.50 -1.84 -30.43
C VAL C 192 -23.95 -2.29 -30.35
N ILE C 193 -24.35 -3.16 -31.28
CA ILE C 193 -25.66 -3.78 -31.23
C ILE C 193 -25.68 -4.80 -30.09
N VAL C 194 -26.64 -4.65 -29.20
CA VAL C 194 -26.78 -5.55 -28.05
C VAL C 194 -28.10 -6.32 -28.09
N GLY C 195 -28.88 -6.10 -29.13
CA GLY C 195 -30.17 -6.74 -29.28
C GLY C 195 -30.93 -6.07 -30.39
N ARG C 196 -32.14 -6.56 -30.65
CA ARG C 196 -32.96 -5.99 -31.72
C ARG C 196 -34.43 -6.16 -31.44
N ILE C 197 -35.24 -5.44 -32.21
CA ILE C 197 -36.68 -5.47 -32.05
C ILE C 197 -37.34 -5.83 -33.38
N ILE C 198 -38.03 -6.97 -33.38
CA ILE C 198 -38.64 -7.52 -34.58
C ILE C 198 -40.06 -6.96 -34.72
N LEU C 199 -40.38 -6.46 -35.92
CA LEU C 199 -41.66 -5.79 -36.17
C LEU C 199 -42.59 -6.58 -37.07
N SER C 200 -43.86 -6.20 -37.03
CA SER C 200 -44.88 -6.77 -37.91
C SER C 200 -46.14 -5.91 -37.87
N PRO D 3 28.03 -17.95 -8.58
CA PRO D 3 27.86 -16.56 -8.98
C PRO D 3 26.41 -16.16 -9.33
N ILE D 4 25.79 -16.88 -10.26
CA ILE D 4 24.46 -16.51 -10.78
C ILE D 4 23.31 -16.94 -9.87
N THR D 5 22.49 -15.99 -9.44
CA THR D 5 21.27 -16.29 -8.68
C THR D 5 20.09 -15.49 -9.23
N ALA D 6 18.88 -15.97 -8.96
CA ALA D 6 17.68 -15.32 -9.48
C ALA D 6 16.47 -15.48 -8.58
N TYR D 7 15.54 -14.52 -8.65
CA TYR D 7 14.23 -14.62 -8.03
C TYR D 7 13.17 -14.00 -8.96
N SER D 8 11.93 -14.45 -8.82
CA SER D 8 10.83 -13.99 -9.66
C SER D 8 9.98 -12.94 -8.95
N GLN D 9 9.21 -12.19 -9.74
CA GLN D 9 8.22 -11.24 -9.23
C GLN D 9 7.02 -11.25 -10.15
N GLN D 10 5.87 -11.64 -9.62
CA GLN D 10 4.62 -11.58 -10.37
C GLN D 10 4.03 -10.19 -10.20
N THR D 11 3.60 -9.58 -11.29
CA THR D 11 3.11 -8.21 -11.28
C THR D 11 1.62 -8.10 -11.68
N ARG D 12 1.11 -9.13 -12.35
CA ARG D 12 -0.28 -9.18 -12.83
C ARG D 12 -0.95 -10.49 -12.47
N GLY D 13 -2.28 -10.48 -12.52
CA GLY D 13 -3.07 -11.70 -12.54
C GLY D 13 -3.52 -11.95 -13.97
N LEU D 14 -4.33 -12.98 -14.16
CA LEU D 14 -4.83 -13.31 -15.49
C LEU D 14 -5.81 -12.23 -15.97
N LEU D 15 -6.45 -11.55 -15.04
CA LEU D 15 -7.38 -10.47 -15.38
C LEU D 15 -6.61 -9.36 -16.06
N GLY D 16 -5.68 -8.77 -15.33
CA GLY D 16 -4.81 -7.74 -15.88
C GLY D 16 -4.21 -8.16 -17.20
N CYS D 17 -3.77 -9.41 -17.28
CA CYS D 17 -3.21 -9.97 -18.50
C CYS D 17 -4.19 -9.91 -19.68
N ILE D 18 -5.39 -10.46 -19.47
CA ILE D 18 -6.44 -10.47 -20.48
C ILE D 18 -6.75 -9.08 -21.02
N ILE D 19 -7.00 -8.14 -20.13
CA ILE D 19 -7.28 -6.77 -20.53
C ILE D 19 -6.08 -6.10 -21.20
N THR D 20 -4.88 -6.27 -20.62
CA THR D 20 -3.67 -5.74 -21.23
C THR D 20 -3.53 -6.28 -22.65
N SER D 21 -3.82 -7.57 -22.82
CA SER D 21 -3.75 -8.20 -24.14
C SER D 21 -4.72 -7.54 -25.11
N LEU D 22 -5.95 -7.29 -24.66
CA LEU D 22 -6.96 -6.68 -25.50
C LEU D 22 -6.60 -5.26 -25.90
N THR D 23 -6.18 -4.46 -24.91
CA THR D 23 -5.88 -3.06 -25.16
C THR D 23 -4.48 -2.85 -25.75
N GLY D 24 -3.58 -3.79 -25.51
CA GLY D 24 -2.20 -3.65 -25.94
C GLY D 24 -1.50 -2.45 -25.33
N ARG D 25 -1.90 -2.10 -24.10
CA ARG D 25 -1.43 -0.89 -23.45
C ARG D 25 -1.02 -1.17 -22.01
N ASP D 26 0.29 -1.36 -21.81
CA ASP D 26 0.87 -1.75 -20.53
C ASP D 26 1.73 -0.60 -19.98
N ARG D 27 1.20 0.14 -19.01
CA ARG D 27 1.97 1.22 -18.37
C ARG D 27 2.58 0.82 -17.01
N ASN D 28 2.79 -0.48 -16.79
CA ASN D 28 3.54 -0.94 -15.63
C ASN D 28 5.03 -0.70 -15.85
N GLN D 29 5.77 -0.51 -14.77
CA GLN D 29 7.19 -0.18 -14.85
C GLN D 29 8.01 -1.43 -15.15
N VAL D 30 8.78 -1.39 -16.23
CA VAL D 30 9.55 -2.55 -16.64
C VAL D 30 10.89 -2.58 -15.90
N GLU D 31 11.24 -3.76 -15.37
CA GLU D 31 12.45 -3.93 -14.57
C GLU D 31 12.97 -5.35 -14.73
N GLY D 32 14.30 -5.50 -14.70
CA GLY D 32 14.97 -6.80 -14.84
C GLY D 32 15.41 -7.07 -16.26
N GLU D 33 16.10 -8.19 -16.46
CA GLU D 33 16.59 -8.59 -17.79
C GLU D 33 15.69 -9.64 -18.44
N VAL D 34 15.01 -10.40 -17.60
CA VAL D 34 14.17 -11.50 -18.05
C VAL D 34 12.72 -11.16 -17.68
N GLN D 35 11.85 -11.06 -18.67
CA GLN D 35 10.47 -10.70 -18.44
C GLN D 35 9.57 -11.92 -18.54
N VAL D 36 8.84 -12.20 -17.48
CA VAL D 36 7.84 -13.26 -17.51
C VAL D 36 6.68 -12.74 -18.36
N VAL D 37 6.35 -13.51 -19.40
CA VAL D 37 5.52 -13.04 -20.48
C VAL D 37 4.32 -13.98 -20.66
N SER D 38 3.24 -13.46 -21.22
CA SER D 38 2.09 -14.30 -21.47
C SER D 38 1.12 -13.71 -22.49
N THR D 39 0.67 -14.57 -23.40
CA THR D 39 -0.57 -14.34 -24.11
C THR D 39 -1.63 -14.73 -23.11
N ALA D 40 -2.89 -14.51 -23.43
CA ALA D 40 -3.94 -14.86 -22.49
C ALA D 40 -3.96 -16.37 -22.16
N THR D 41 -3.52 -17.21 -23.10
CA THR D 41 -3.70 -18.66 -23.00
C THR D 41 -2.43 -19.46 -22.74
N GLN D 42 -1.27 -18.82 -22.82
CA GLN D 42 -0.01 -19.49 -22.50
C GLN D 42 1.07 -18.51 -22.11
N SER D 43 1.94 -18.95 -21.20
CA SER D 43 2.98 -18.11 -20.59
C SER D 43 4.37 -18.68 -20.82
N PHE D 44 5.34 -17.79 -20.97
CA PHE D 44 6.72 -18.19 -21.24
C PHE D 44 7.60 -16.98 -20.94
N LEU D 45 8.90 -17.12 -21.18
CA LEU D 45 9.85 -16.06 -20.85
C LEU D 45 10.33 -15.32 -22.09
N ALA D 46 10.77 -14.07 -21.86
CA ALA D 46 11.41 -13.27 -22.88
C ALA D 46 12.68 -12.67 -22.29
N THR D 47 13.79 -12.81 -23.00
CA THR D 47 15.10 -12.41 -22.53
C THR D 47 15.54 -11.21 -23.34
N CYS D 48 16.24 -10.27 -22.69
CA CYS D 48 16.70 -9.07 -23.37
C CYS D 48 18.20 -9.09 -23.64
N VAL D 49 18.56 -8.85 -24.90
CA VAL D 49 19.95 -8.74 -25.32
C VAL D 49 20.06 -7.62 -26.38
N ASN D 50 21.04 -6.73 -26.18
CA ASN D 50 21.32 -5.59 -27.08
C ASN D 50 20.15 -4.66 -27.32
N GLY D 51 19.38 -4.38 -26.26
CA GLY D 51 18.23 -3.48 -26.35
C GLY D 51 17.03 -4.10 -27.06
N VAL D 52 17.14 -5.37 -27.44
CA VAL D 52 16.06 -6.08 -28.12
C VAL D 52 15.53 -7.15 -27.20
N CYS D 53 14.21 -7.27 -27.15
CA CYS D 53 13.56 -8.19 -26.24
C CYS D 53 13.16 -9.46 -26.96
N TRP D 54 13.94 -10.52 -26.76
CA TRP D 54 13.84 -11.75 -27.55
C TRP D 54 13.03 -12.83 -26.86
N THR D 55 12.14 -13.48 -27.62
CA THR D 55 11.47 -14.69 -27.14
C THR D 55 11.18 -15.63 -28.31
N VAL D 56 10.58 -16.78 -28.01
CA VAL D 56 10.32 -17.83 -29.01
C VAL D 56 9.06 -17.55 -29.82
N TYR D 57 9.03 -18.03 -31.06
CA TYR D 57 7.87 -17.84 -31.91
C TYR D 57 6.74 -18.79 -31.52
N HIS D 58 7.10 -19.95 -30.96
CA HIS D 58 6.10 -20.98 -30.58
C HIS D 58 5.34 -20.63 -29.30
N GLY D 59 5.69 -19.50 -28.69
CA GLY D 59 4.89 -18.90 -27.63
C GLY D 59 4.23 -17.61 -28.08
N ALA D 60 5.01 -16.74 -28.72
CA ALA D 60 4.55 -15.41 -29.07
C ALA D 60 3.73 -15.39 -30.35
N GLY D 61 4.16 -16.17 -31.34
CA GLY D 61 3.63 -16.00 -32.69
C GLY D 61 4.13 -14.68 -33.22
N SER D 62 3.46 -14.13 -34.22
CA SER D 62 3.82 -12.81 -34.75
C SER D 62 3.22 -11.66 -33.92
N LYS D 63 2.68 -11.99 -32.75
CA LYS D 63 1.94 -11.04 -31.92
C LYS D 63 2.78 -9.85 -31.47
N THR D 64 2.11 -8.73 -31.19
CA THR D 64 2.76 -7.52 -30.71
C THR D 64 2.93 -7.60 -29.20
N LEU D 65 3.74 -6.69 -28.66
CA LEU D 65 3.95 -6.58 -27.22
C LEU D 65 3.20 -5.36 -26.65
N ALA D 66 2.42 -5.56 -25.59
CA ALA D 66 1.71 -4.45 -24.95
C ALA D 66 2.73 -3.53 -24.30
N GLY D 67 2.69 -2.26 -24.66
CA GLY D 67 3.69 -1.29 -24.21
C GLY D 67 3.06 -0.01 -23.71
N PRO D 68 3.89 0.88 -23.12
CA PRO D 68 3.39 2.10 -22.46
C PRO D 68 2.68 3.08 -23.39
N LYS D 69 3.12 3.12 -24.65
CA LYS D 69 2.44 3.94 -25.65
C LYS D 69 1.72 3.05 -26.66
N GLY D 70 1.14 1.96 -26.18
CA GLY D 70 0.41 1.04 -27.04
C GLY D 70 1.22 -0.16 -27.48
N PRO D 71 0.67 -0.96 -28.40
CA PRO D 71 1.31 -2.21 -28.83
C PRO D 71 2.56 -2.01 -29.68
N ILE D 72 3.62 -2.77 -29.38
CA ILE D 72 4.89 -2.72 -30.09
C ILE D 72 4.98 -3.86 -31.09
N THR D 73 5.08 -3.54 -32.38
CA THR D 73 5.26 -4.55 -33.42
C THR D 73 6.63 -5.23 -33.29
N GLN D 74 6.66 -6.53 -33.58
CA GLN D 74 7.91 -7.29 -33.63
C GLN D 74 8.87 -6.67 -34.63
N MET D 75 10.07 -6.34 -34.16
CA MET D 75 11.10 -5.83 -35.06
C MET D 75 11.72 -6.97 -35.86
N TYR D 76 11.86 -8.14 -35.23
CA TYR D 76 12.47 -9.31 -35.84
C TYR D 76 11.57 -10.53 -35.69
N THR D 77 11.61 -11.41 -36.70
CA THR D 77 10.78 -12.62 -36.71
C THR D 77 11.48 -13.69 -37.54
N ASN D 78 11.80 -14.83 -36.93
CA ASN D 78 12.51 -15.91 -37.63
C ASN D 78 11.92 -17.27 -37.28
N VAL D 79 10.84 -17.63 -37.97
CA VAL D 79 10.12 -18.88 -37.71
C VAL D 79 11.05 -20.09 -37.78
N ASP D 80 11.94 -20.12 -38.76
CA ASP D 80 12.89 -21.24 -38.89
C ASP D 80 13.76 -21.42 -37.66
N GLN D 81 14.10 -20.32 -36.99
CA GLN D 81 14.89 -20.40 -35.74
C GLN D 81 14.03 -20.32 -34.48
N ASP D 82 12.71 -20.26 -34.63
CA ASP D 82 11.79 -20.13 -33.50
C ASP D 82 12.19 -18.94 -32.62
N LEU D 83 12.27 -17.76 -33.24
CA LEU D 83 12.84 -16.57 -32.60
C LEU D 83 12.17 -15.27 -33.07
N VAL D 84 11.67 -14.50 -32.11
CA VAL D 84 11.10 -13.18 -32.39
C VAL D 84 11.74 -12.16 -31.46
N GLY D 85 11.57 -10.88 -31.75
CA GLY D 85 12.15 -9.83 -30.92
C GLY D 85 11.47 -8.48 -31.08
N TRP D 86 11.13 -7.84 -29.96
CA TRP D 86 10.57 -6.50 -29.97
C TRP D 86 11.61 -5.47 -29.53
N GLN D 87 11.38 -4.22 -29.92
CA GLN D 87 12.08 -3.11 -29.29
C GLN D 87 11.83 -3.19 -27.80
N ALA D 88 12.91 -3.29 -27.01
CA ALA D 88 12.78 -3.41 -25.56
C ALA D 88 12.13 -2.15 -24.99
N PRO D 89 11.12 -2.33 -24.12
CA PRO D 89 10.40 -1.17 -23.61
C PRO D 89 11.25 -0.35 -22.65
N PRO D 90 10.89 0.93 -22.45
CA PRO D 90 11.69 1.75 -21.53
C PRO D 90 11.73 1.12 -20.13
N GLY D 91 12.91 1.10 -19.52
CA GLY D 91 13.10 0.56 -18.17
C GLY D 91 13.65 -0.86 -18.11
N ALA D 92 13.57 -1.59 -19.22
CA ALA D 92 14.03 -2.99 -19.27
C ALA D 92 15.54 -3.08 -19.40
N ARG D 93 16.17 -3.85 -18.51
CA ARG D 93 17.63 -4.04 -18.54
C ARG D 93 18.01 -5.06 -19.61
N SER D 94 19.17 -4.85 -20.23
CA SER D 94 19.59 -5.68 -21.35
C SER D 94 20.87 -6.44 -21.01
N LEU D 95 20.88 -7.75 -21.26
CA LEU D 95 22.06 -8.58 -21.02
C LEU D 95 23.07 -8.39 -22.13
N THR D 96 24.34 -8.57 -21.78
CA THR D 96 25.43 -8.44 -22.75
C THR D 96 25.78 -9.82 -23.30
N PRO D 97 26.10 -9.91 -24.60
CA PRO D 97 26.41 -11.23 -25.17
C PRO D 97 27.72 -11.82 -24.64
N CYS D 98 27.73 -13.14 -24.44
CA CYS D 98 28.91 -13.83 -23.95
C CYS D 98 30.04 -13.77 -24.96
N THR D 99 31.27 -13.67 -24.47
CA THR D 99 32.43 -13.66 -25.36
C THR D 99 33.60 -14.49 -24.84
N CYS D 100 33.37 -15.29 -23.79
CA CYS D 100 34.43 -16.06 -23.16
C CYS D 100 34.53 -17.49 -23.68
N GLY D 101 33.45 -18.01 -24.28
CA GLY D 101 33.45 -19.34 -24.88
C GLY D 101 33.36 -20.48 -23.87
N SER D 102 32.69 -20.22 -22.76
CA SER D 102 32.55 -21.19 -21.69
C SER D 102 31.49 -22.22 -22.05
N SER D 103 31.80 -23.50 -21.82
CA SER D 103 30.87 -24.60 -22.04
C SER D 103 29.98 -24.86 -20.83
N ASP D 104 30.27 -24.19 -19.72
CA ASP D 104 29.43 -24.30 -18.52
C ASP D 104 28.33 -23.25 -18.58
N LEU D 105 27.12 -23.67 -18.97
CA LEU D 105 25.98 -22.77 -19.09
C LEU D 105 25.01 -22.88 -17.92
N TYR D 106 24.21 -21.84 -17.73
CA TYR D 106 23.24 -21.81 -16.65
C TYR D 106 21.88 -21.30 -17.13
N LEU D 107 20.92 -22.22 -17.22
CA LEU D 107 19.57 -21.90 -17.66
C LEU D 107 18.78 -21.35 -16.48
N VAL D 108 18.15 -20.20 -16.68
CA VAL D 108 17.27 -19.63 -15.66
C VAL D 108 15.81 -19.88 -16.09
N THR D 109 15.00 -20.37 -15.14
CA THR D 109 13.65 -20.82 -15.43
C THR D 109 12.63 -19.82 -14.96
N ARG D 110 11.37 -20.03 -15.34
CA ARG D 110 10.29 -19.16 -14.91
C ARG D 110 10.11 -19.16 -13.39
N HIS D 111 10.47 -20.27 -12.73
CA HIS D 111 10.42 -20.35 -11.27
C HIS D 111 11.74 -19.91 -10.63
N ALA D 112 12.54 -19.13 -11.37
CA ALA D 112 13.82 -18.60 -10.91
C ALA D 112 14.85 -19.66 -10.45
N ASP D 113 14.75 -20.89 -10.96
CA ASP D 113 15.76 -21.90 -10.67
C ASP D 113 16.94 -21.65 -11.59
N VAL D 114 18.15 -21.96 -11.13
CA VAL D 114 19.34 -21.85 -11.96
C VAL D 114 19.86 -23.27 -12.18
N ILE D 115 19.73 -23.75 -13.42
CA ILE D 115 20.01 -25.14 -13.74
C ILE D 115 21.31 -25.28 -14.53
N PRO D 116 22.30 -26.01 -13.96
CA PRO D 116 23.56 -26.19 -14.67
C PRO D 116 23.39 -26.95 -15.96
N VAL D 117 24.07 -26.50 -17.02
CA VAL D 117 24.12 -27.20 -18.30
C VAL D 117 25.55 -27.19 -18.84
N ARG D 118 25.94 -28.26 -19.53
CA ARG D 118 27.20 -28.26 -20.27
C ARG D 118 26.92 -28.22 -21.77
N ARG D 119 27.45 -27.19 -22.44
CA ARG D 119 27.26 -27.00 -23.87
C ARG D 119 28.01 -28.09 -24.63
N ARG D 120 27.29 -28.78 -25.52
CA ARG D 120 27.83 -29.93 -26.24
C ARG D 120 27.39 -29.88 -27.70
N GLY D 121 27.58 -28.72 -28.30
CA GLY D 121 27.00 -28.41 -29.58
C GLY D 121 26.73 -26.92 -29.65
N ASP D 122 26.54 -26.41 -30.86
CA ASP D 122 26.40 -24.98 -31.06
C ASP D 122 25.10 -24.47 -30.45
N SER D 123 24.03 -25.25 -30.61
CA SER D 123 22.70 -24.85 -30.15
C SER D 123 22.08 -25.91 -29.23
N ARG D 124 22.91 -26.53 -28.39
CA ARG D 124 22.47 -27.69 -27.61
C ARG D 124 23.44 -28.02 -26.46
N GLY D 125 22.89 -28.48 -25.33
CA GLY D 125 23.70 -28.90 -24.17
C GLY D 125 22.95 -29.84 -23.23
N SER D 126 23.72 -30.57 -22.41
CA SER D 126 23.16 -31.56 -21.47
C SER D 126 23.08 -31.04 -20.03
N LEU D 127 21.97 -31.31 -19.36
CA LEU D 127 21.81 -30.98 -17.94
C LEU D 127 22.76 -31.84 -17.13
N LEU D 128 23.44 -31.23 -16.16
CA LEU D 128 24.40 -31.97 -15.32
C LEU D 128 23.69 -32.98 -14.41
N SER D 129 22.48 -32.63 -13.98
CA SER D 129 21.61 -33.56 -13.26
C SER D 129 20.19 -33.41 -13.81
N PRO D 130 19.66 -34.48 -14.43
CA PRO D 130 18.30 -34.43 -14.98
C PRO D 130 17.24 -34.02 -13.97
N ARG D 131 16.19 -33.36 -14.46
CA ARG D 131 15.02 -33.03 -13.65
C ARG D 131 13.77 -33.51 -14.38
N PRO D 132 12.66 -33.70 -13.64
CA PRO D 132 11.38 -33.80 -14.31
C PRO D 132 11.18 -32.61 -15.24
N VAL D 133 10.63 -32.88 -16.41
CA VAL D 133 10.42 -31.85 -17.43
C VAL D 133 9.63 -30.63 -16.92
N SER D 134 8.86 -30.80 -15.84
CA SER D 134 8.11 -29.70 -15.22
C SER D 134 9.02 -28.56 -14.75
N TYR D 135 10.23 -28.90 -14.32
CA TYR D 135 11.22 -27.89 -13.95
C TYR D 135 11.50 -26.87 -15.08
N LEU D 136 11.40 -27.32 -16.34
CA LEU D 136 11.69 -26.46 -17.49
C LEU D 136 10.46 -25.88 -18.17
N LYS D 137 9.40 -26.69 -18.28
CA LYS D 137 8.22 -26.29 -19.08
C LYS D 137 7.72 -24.90 -18.70
N GLY D 138 7.41 -24.10 -19.71
CA GLY D 138 7.05 -22.70 -19.51
C GLY D 138 8.23 -21.76 -19.34
N SER D 139 9.46 -22.25 -19.51
CA SER D 139 10.66 -21.39 -19.47
C SER D 139 11.25 -21.04 -20.86
N SER D 140 10.53 -21.35 -21.94
CA SER D 140 11.03 -21.02 -23.28
C SER D 140 11.26 -19.53 -23.37
N GLY D 141 12.21 -19.13 -24.23
CA GLY D 141 12.63 -17.73 -24.33
C GLY D 141 13.44 -17.24 -23.13
N GLY D 142 13.79 -18.14 -22.22
CA GLY D 142 14.62 -17.80 -21.08
C GLY D 142 16.09 -17.87 -21.47
N PRO D 143 16.97 -17.24 -20.68
CA PRO D 143 18.37 -17.11 -21.04
C PRO D 143 19.23 -18.29 -20.63
N LEU D 144 20.23 -18.62 -21.44
CA LEU D 144 21.34 -19.44 -20.98
C LEU D 144 22.52 -18.51 -20.72
N LEU D 145 23.09 -18.61 -19.52
CA LEU D 145 24.15 -17.71 -19.11
C LEU D 145 25.46 -18.46 -18.88
N CYS D 146 26.56 -17.84 -19.31
CA CYS D 146 27.90 -18.30 -18.93
C CYS D 146 28.15 -17.87 -17.47
N PRO D 147 29.23 -18.37 -16.84
CA PRO D 147 29.46 -18.05 -15.42
C PRO D 147 29.57 -16.54 -15.12
N SER D 148 30.00 -15.74 -16.09
CA SER D 148 30.03 -14.29 -15.96
C SER D 148 28.64 -13.64 -16.14
N GLY D 149 27.62 -14.45 -16.41
CA GLY D 149 26.24 -13.95 -16.52
C GLY D 149 25.94 -13.26 -17.83
N HIS D 150 26.68 -13.61 -18.88
CA HIS D 150 26.44 -13.07 -20.22
C HIS D 150 25.58 -14.04 -21.01
N ALA D 151 24.75 -13.51 -21.90
CA ALA D 151 23.82 -14.32 -22.68
C ALA D 151 24.57 -15.10 -23.74
N VAL D 152 24.38 -16.43 -23.74
CA VAL D 152 24.89 -17.28 -24.82
C VAL D 152 23.78 -17.68 -25.79
N GLY D 153 22.55 -17.78 -25.30
CA GLY D 153 21.41 -18.13 -26.13
C GLY D 153 20.12 -18.25 -25.33
N ILE D 154 18.98 -18.33 -26.01
CA ILE D 154 17.70 -18.46 -25.32
C ILE D 154 17.05 -19.84 -25.46
N PHE D 155 16.45 -20.30 -24.38
CA PHE D 155 15.95 -21.65 -24.27
C PHE D 155 14.80 -21.88 -25.26
N ARG D 156 14.89 -22.95 -26.04
CA ARG D 156 13.95 -23.19 -27.13
C ARG D 156 13.19 -24.51 -26.98
N ALA D 157 13.89 -25.60 -26.64
CA ALA D 157 13.26 -26.92 -26.49
C ALA D 157 14.10 -27.79 -25.55
N ALA D 158 13.56 -28.94 -25.15
CA ALA D 158 14.32 -29.88 -24.32
C ALA D 158 14.08 -31.33 -24.74
N VAL D 159 15.13 -32.15 -24.56
CA VAL D 159 15.08 -33.58 -24.88
C VAL D 159 14.74 -34.35 -23.62
N CYS D 160 13.68 -35.15 -23.67
CA CYS D 160 13.18 -35.84 -22.48
C CYS D 160 12.85 -37.28 -22.79
N THR D 161 12.79 -38.07 -21.74
CA THR D 161 12.39 -39.47 -21.82
C THR D 161 11.66 -39.79 -20.54
N ARG D 162 10.53 -40.49 -20.64
CA ARG D 162 9.79 -40.90 -19.46
C ARG D 162 9.48 -39.70 -18.56
N GLY D 163 9.33 -38.53 -19.17
CA GLY D 163 9.03 -37.29 -18.44
C GLY D 163 10.17 -36.69 -17.63
N VAL D 164 11.41 -37.04 -17.97
CA VAL D 164 12.59 -36.42 -17.34
C VAL D 164 13.49 -35.80 -18.41
N ALA D 165 13.72 -34.49 -18.30
CA ALA D 165 14.52 -33.73 -19.26
C ALA D 165 15.99 -33.93 -19.01
N LYS D 166 16.70 -34.44 -20.01
CA LYS D 166 18.13 -34.71 -19.89
C LYS D 166 18.99 -33.66 -20.60
N ALA D 167 18.48 -33.06 -21.68
CA ALA D 167 19.24 -32.04 -22.42
C ALA D 167 18.34 -30.95 -22.97
N VAL D 168 18.96 -29.81 -23.34
CA VAL D 168 18.24 -28.63 -23.83
C VAL D 168 18.71 -28.18 -25.22
N ASP D 169 17.84 -27.42 -25.88
CA ASP D 169 18.12 -26.84 -27.19
C ASP D 169 17.84 -25.34 -27.12
N PHE D 170 18.76 -24.53 -27.64
CA PHE D 170 18.63 -23.08 -27.51
C PHE D 170 19.03 -22.39 -28.80
N VAL D 171 18.49 -21.19 -29.01
CA VAL D 171 18.90 -20.35 -30.12
C VAL D 171 20.15 -19.59 -29.65
N PRO D 172 21.31 -19.87 -30.25
CA PRO D 172 22.53 -19.17 -29.78
C PRO D 172 22.46 -17.67 -30.07
N VAL D 173 23.32 -16.92 -29.39
CA VAL D 173 23.30 -15.47 -29.48
C VAL D 173 23.79 -14.99 -30.85
N GLU D 174 24.52 -15.85 -31.55
CA GLU D 174 25.01 -15.55 -32.90
C GLU D 174 23.87 -15.58 -33.91
N SER D 175 22.98 -16.55 -33.77
CA SER D 175 21.78 -16.63 -34.60
C SER D 175 20.94 -15.36 -34.54
N MET D 176 21.03 -14.64 -33.41
CA MET D 176 20.31 -13.37 -33.24
C MET D 176 20.93 -12.29 -34.11
N GLU D 177 22.25 -12.17 -34.03
CA GLU D 177 23.00 -11.22 -34.83
C GLU D 177 22.73 -11.43 -36.32
N THR D 178 22.55 -12.69 -36.72
CA THR D 178 22.27 -13.04 -38.12
C THR D 178 20.85 -12.67 -38.53
N THR D 179 19.89 -12.84 -37.63
CA THR D 179 18.52 -12.38 -37.85
C THR D 179 18.48 -10.86 -37.88
N MET D 180 19.27 -10.21 -37.02
CA MET D 180 19.30 -8.75 -36.91
C MET D 180 19.85 -8.11 -38.18
N ARG D 181 20.95 -8.66 -38.68
CA ARG D 181 21.57 -8.18 -39.92
C ARG D 181 20.68 -8.48 -41.12
N ALA D 182 20.15 -9.70 -41.19
CA ALA D 182 19.30 -10.13 -42.31
C ALA D 182 18.05 -9.27 -42.51
N SER D 183 17.52 -8.70 -41.42
CA SER D 183 16.42 -7.74 -41.51
C SER D 183 16.88 -6.45 -42.19
N LYS D 184 18.08 -6.00 -41.83
CA LYS D 184 18.64 -4.75 -42.34
C LYS D 184 19.17 -4.95 -43.75
N LYS D 188 -4.96 -11.35 -32.62
CA LYS D 188 -5.60 -10.13 -32.14
C LYS D 188 -5.00 -9.65 -30.83
N GLY D 189 -4.67 -10.58 -29.93
CA GLY D 189 -4.12 -10.24 -28.63
C GLY D 189 -2.64 -9.89 -28.66
N SER D 190 -2.23 -8.99 -27.78
CA SER D 190 -0.83 -8.65 -27.59
C SER D 190 -0.23 -9.55 -26.51
N VAL D 191 1.08 -9.73 -26.59
CA VAL D 191 1.83 -10.42 -25.56
C VAL D 191 2.01 -9.45 -24.40
N VAL D 192 1.96 -9.97 -23.18
CA VAL D 192 1.88 -9.13 -21.98
C VAL D 192 2.92 -9.52 -20.94
N ILE D 193 3.54 -8.51 -20.31
CA ILE D 193 4.48 -8.76 -19.24
C ILE D 193 3.71 -8.94 -17.93
N VAL D 194 3.69 -10.17 -17.42
CA VAL D 194 2.99 -10.52 -16.18
C VAL D 194 3.92 -10.73 -14.98
N GLY D 195 5.20 -10.42 -15.15
CA GLY D 195 6.19 -10.61 -14.10
C GLY D 195 7.61 -10.52 -14.66
N ARG D 196 8.59 -10.71 -13.79
CA ARG D 196 9.99 -10.65 -14.20
C ARG D 196 10.85 -11.56 -13.36
N ILE D 197 12.10 -11.74 -13.78
CA ILE D 197 13.07 -12.50 -13.01
C ILE D 197 14.35 -11.68 -12.90
N ILE D 198 14.65 -11.23 -11.69
CA ILE D 198 15.85 -10.43 -11.44
C ILE D 198 17.05 -11.34 -11.31
N LEU D 199 18.20 -10.87 -11.79
CA LEU D 199 19.45 -11.63 -11.74
C LEU D 199 20.51 -10.93 -10.87
N SER D 200 21.68 -11.58 -10.76
CA SER D 200 22.84 -11.01 -10.04
C SER D 200 24.10 -11.87 -10.19
N ALA E 2 -35.01 8.67 15.47
CA ALA E 2 -36.03 7.68 15.02
C ALA E 2 -35.83 6.31 15.70
N PRO E 3 -36.90 5.49 15.74
CA PRO E 3 -36.71 4.07 16.05
C PRO E 3 -36.07 3.35 14.86
N ILE E 4 -36.31 3.86 13.65
CA ILE E 4 -35.81 3.26 12.41
C ILE E 4 -34.46 3.87 12.05
N THR E 5 -33.43 3.03 12.01
CA THR E 5 -32.10 3.44 11.55
C THR E 5 -31.55 2.33 10.67
N ALA E 6 -30.60 2.67 9.81
CA ALA E 6 -30.12 1.72 8.82
C ALA E 6 -28.73 2.06 8.29
N TYR E 7 -27.94 1.02 8.00
CA TYR E 7 -26.64 1.19 7.36
C TYR E 7 -26.47 0.21 6.20
N SER E 8 -25.70 0.62 5.18
CA SER E 8 -25.51 -0.18 3.97
C SER E 8 -24.21 -0.97 3.97
N GLN E 9 -24.18 -1.99 3.12
CA GLN E 9 -23.04 -2.91 2.99
C GLN E 9 -22.94 -3.40 1.55
N GLN E 10 -21.81 -3.11 0.91
CA GLN E 10 -21.56 -3.60 -0.42
C GLN E 10 -20.85 -4.95 -0.37
N THR E 11 -21.43 -5.95 -1.03
CA THR E 11 -20.83 -7.28 -1.12
C THR E 11 -20.18 -7.56 -2.48
N ARG E 12 -20.39 -6.70 -3.47
CA ARG E 12 -19.86 -6.95 -4.82
C ARG E 12 -19.37 -5.69 -5.55
N GLY E 13 -18.52 -5.92 -6.55
CA GLY E 13 -18.14 -4.90 -7.51
C GLY E 13 -18.86 -5.17 -8.81
N LEU E 14 -18.56 -4.39 -9.84
CA LEU E 14 -19.19 -4.59 -11.14
C LEU E 14 -18.78 -5.94 -11.74
N LEU E 15 -17.50 -6.28 -11.66
CA LEU E 15 -17.01 -7.56 -12.17
C LEU E 15 -17.81 -8.73 -11.63
N GLY E 16 -17.88 -8.82 -10.30
CA GLY E 16 -18.63 -9.86 -9.64
C GLY E 16 -20.08 -9.89 -10.09
N CYS E 17 -20.67 -8.70 -10.20
CA CYS E 17 -22.05 -8.54 -10.65
C CYS E 17 -22.27 -9.10 -12.06
N ILE E 18 -21.33 -8.83 -12.96
CA ILE E 18 -21.45 -9.25 -14.35
C ILE E 18 -21.46 -10.77 -14.44
N ILE E 19 -20.51 -11.39 -13.75
CA ILE E 19 -20.33 -12.84 -13.83
C ILE E 19 -21.54 -13.56 -13.23
N THR E 20 -21.89 -13.19 -12.01
CA THR E 20 -23.08 -13.72 -11.35
C THR E 20 -24.33 -13.57 -12.24
N SER E 21 -24.43 -12.45 -12.94
CA SER E 21 -25.56 -12.18 -13.83
C SER E 21 -25.65 -13.20 -14.96
N LEU E 22 -24.52 -13.54 -15.55
CA LEU E 22 -24.48 -14.52 -16.63
C LEU E 22 -24.69 -15.94 -16.12
N THR E 23 -24.09 -16.27 -14.98
CA THR E 23 -24.25 -17.60 -14.38
C THR E 23 -25.60 -17.74 -13.70
N GLY E 24 -26.12 -16.63 -13.18
CA GLY E 24 -27.32 -16.64 -12.36
C GLY E 24 -27.16 -17.48 -11.11
N ARG E 25 -25.92 -17.64 -10.65
CA ARG E 25 -25.62 -18.48 -9.49
C ARG E 25 -24.87 -17.67 -8.45
N ASP E 26 -25.54 -17.40 -7.33
CA ASP E 26 -25.01 -16.53 -6.28
C ASP E 26 -24.94 -17.30 -4.96
N ARG E 27 -23.73 -17.73 -4.61
CA ARG E 27 -23.51 -18.53 -3.39
C ARG E 27 -23.09 -17.68 -2.17
N ASN E 28 -23.35 -16.36 -2.22
CA ASN E 28 -23.14 -15.50 -1.06
C ASN E 28 -24.21 -15.74 0.00
N GLN E 29 -23.84 -15.54 1.26
CA GLN E 29 -24.80 -15.57 2.35
C GLN E 29 -25.64 -14.29 2.29
N VAL E 30 -26.95 -14.46 2.13
CA VAL E 30 -27.90 -13.35 2.08
C VAL E 30 -28.30 -12.95 3.50
N GLU E 31 -28.35 -11.65 3.77
CA GLU E 31 -28.72 -11.13 5.09
C GLU E 31 -29.53 -9.84 4.98
N GLY E 32 -30.35 -9.56 6.00
CA GLY E 32 -31.11 -8.31 6.06
C GLY E 32 -32.43 -8.35 5.30
N GLU E 33 -33.26 -7.33 5.50
CA GLU E 33 -34.59 -7.28 4.90
C GLU E 33 -34.63 -6.66 3.50
N VAL E 34 -33.68 -5.77 3.22
CA VAL E 34 -33.61 -5.07 1.94
C VAL E 34 -32.28 -5.37 1.25
N GLN E 35 -32.37 -5.73 -0.03
CA GLN E 35 -31.21 -6.09 -0.83
C GLN E 35 -30.91 -5.00 -1.84
N VAL E 36 -29.65 -4.60 -1.91
CA VAL E 36 -29.17 -3.76 -3.01
C VAL E 36 -28.94 -4.67 -4.21
N VAL E 37 -29.71 -4.41 -5.26
CA VAL E 37 -29.85 -5.31 -6.39
C VAL E 37 -29.32 -4.62 -7.66
N SER E 38 -29.00 -5.42 -8.67
CA SER E 38 -28.41 -4.88 -9.89
C SER E 38 -28.48 -5.85 -11.07
N THR E 39 -28.93 -5.34 -12.22
CA THR E 39 -28.59 -5.93 -13.51
C THR E 39 -27.13 -5.51 -13.71
N ALA E 40 -26.57 -5.77 -14.88
CA ALA E 40 -25.22 -5.24 -15.16
C ALA E 40 -25.26 -3.72 -15.45
N THR E 41 -26.39 -3.24 -16.00
CA THR E 41 -26.50 -1.87 -16.49
C THR E 41 -27.35 -0.93 -15.62
N GLN E 42 -28.09 -1.46 -14.65
CA GLN E 42 -28.75 -0.60 -13.67
C GLN E 42 -28.94 -1.25 -12.28
N SER E 43 -28.95 -0.40 -11.27
CA SER E 43 -28.93 -0.82 -9.88
C SER E 43 -30.10 -0.21 -9.09
N PHE E 44 -30.79 -1.03 -8.30
CA PHE E 44 -31.96 -0.59 -7.55
C PHE E 44 -32.11 -1.44 -6.27
N LEU E 45 -33.25 -1.30 -5.58
CA LEU E 45 -33.47 -2.04 -4.34
C LEU E 45 -34.56 -3.10 -4.46
N ALA E 46 -34.53 -4.03 -3.51
CA ALA E 46 -35.54 -5.08 -3.41
C ALA E 46 -35.83 -5.38 -1.94
N THR E 47 -37.10 -5.27 -1.56
CA THR E 47 -37.54 -5.44 -0.18
C THR E 47 -38.21 -6.81 -0.01
N CYS E 48 -37.97 -7.47 1.11
CA CYS E 48 -38.56 -8.77 1.40
C CYS E 48 -39.71 -8.71 2.39
N VAL E 49 -40.85 -9.28 1.99
CA VAL E 49 -42.05 -9.30 2.82
C VAL E 49 -42.76 -10.64 2.70
N ASN E 50 -43.11 -11.23 3.83
CA ASN E 50 -43.76 -12.56 3.87
C ASN E 50 -43.02 -13.60 3.01
N GLY E 51 -41.70 -13.61 3.12
CA GLY E 51 -40.87 -14.62 2.47
C GLY E 51 -40.72 -14.47 0.97
N VAL E 52 -41.22 -13.36 0.43
CA VAL E 52 -41.09 -13.06 -0.98
C VAL E 52 -40.22 -11.83 -1.10
N CYS E 53 -39.35 -11.83 -2.10
CA CYS E 53 -38.42 -10.74 -2.31
C CYS E 53 -38.94 -9.86 -3.44
N TRP E 54 -39.34 -8.64 -3.09
CA TRP E 54 -40.09 -7.78 -3.98
C TRP E 54 -39.24 -6.68 -4.57
N THR E 55 -39.55 -6.28 -5.79
CA THR E 55 -38.90 -5.15 -6.44
C THR E 55 -39.74 -4.63 -7.60
N VAL E 56 -39.32 -3.51 -8.17
CA VAL E 56 -40.04 -2.93 -9.30
C VAL E 56 -39.71 -3.65 -10.61
N TYR E 57 -40.69 -3.70 -11.50
CA TYR E 57 -40.51 -4.27 -12.83
C TYR E 57 -39.63 -3.37 -13.69
N HIS E 58 -39.76 -2.05 -13.51
CA HIS E 58 -38.96 -1.09 -14.27
C HIS E 58 -37.49 -1.17 -13.90
N GLY E 59 -37.15 -1.88 -12.83
CA GLY E 59 -35.78 -2.28 -12.55
C GLY E 59 -35.49 -3.68 -13.06
N ALA E 60 -36.25 -4.66 -12.58
CA ALA E 60 -35.93 -6.08 -12.80
C ALA E 60 -36.41 -6.66 -14.13
N GLY E 61 -37.37 -6.00 -14.78
CA GLY E 61 -38.02 -6.57 -15.95
C GLY E 61 -38.74 -7.85 -15.56
N SER E 62 -38.60 -8.89 -16.38
CA SER E 62 -39.07 -10.22 -16.05
C SER E 62 -37.89 -11.14 -15.69
N LYS E 63 -36.72 -10.55 -15.45
CA LYS E 63 -35.49 -11.30 -15.18
C LYS E 63 -35.59 -12.25 -13.99
N THR E 64 -34.70 -13.23 -13.97
CA THR E 64 -34.57 -14.16 -12.84
C THR E 64 -33.62 -13.58 -11.80
N LEU E 65 -33.63 -14.17 -10.60
CA LEU E 65 -32.76 -13.72 -9.52
C LEU E 65 -31.67 -14.75 -9.25
N ALA E 66 -30.41 -14.29 -9.26
CA ALA E 66 -29.27 -15.17 -9.03
C ALA E 66 -29.36 -15.77 -7.63
N GLY E 67 -29.52 -17.08 -7.56
CA GLY E 67 -29.72 -17.78 -6.29
C GLY E 67 -28.60 -18.76 -5.97
N PRO E 68 -28.65 -19.36 -4.77
CA PRO E 68 -27.61 -20.30 -4.33
C PRO E 68 -27.53 -21.55 -5.21
N LYS E 69 -28.67 -22.14 -5.55
CA LYS E 69 -28.71 -23.30 -6.45
C LYS E 69 -29.22 -22.89 -7.83
N GLY E 70 -28.56 -21.89 -8.42
CA GLY E 70 -28.95 -21.39 -9.73
C GLY E 70 -29.99 -20.28 -9.65
N PRO E 71 -30.48 -19.81 -10.82
CA PRO E 71 -31.37 -18.66 -10.91
C PRO E 71 -32.79 -18.96 -10.47
N ILE E 72 -33.47 -17.95 -9.95
CA ILE E 72 -34.83 -18.07 -9.42
C ILE E 72 -35.79 -17.32 -10.33
N THR E 73 -36.78 -18.03 -10.85
CA THR E 73 -37.79 -17.43 -11.72
C THR E 73 -38.71 -16.54 -10.88
N GLN E 74 -39.20 -15.47 -11.50
CA GLN E 74 -40.17 -14.61 -10.85
C GLN E 74 -41.43 -15.41 -10.54
N MET E 75 -41.83 -15.37 -9.28
CA MET E 75 -43.07 -15.99 -8.85
C MET E 75 -44.24 -15.01 -9.02
N TYR E 76 -44.00 -13.73 -8.78
CA TYR E 76 -44.99 -12.68 -9.04
C TYR E 76 -44.51 -11.74 -10.13
N THR E 77 -45.42 -11.25 -10.97
CA THR E 77 -45.05 -10.33 -12.04
C THR E 77 -46.23 -9.48 -12.51
N ASN E 78 -46.20 -8.21 -12.13
CA ASN E 78 -47.26 -7.27 -12.45
C ASN E 78 -46.68 -5.99 -13.03
N VAL E 79 -46.81 -5.83 -14.35
CA VAL E 79 -46.33 -4.63 -15.05
C VAL E 79 -47.24 -3.44 -14.71
N ASP E 80 -48.55 -3.69 -14.69
CA ASP E 80 -49.53 -2.64 -14.41
C ASP E 80 -49.29 -1.94 -13.07
N GLN E 81 -48.70 -2.66 -12.11
CA GLN E 81 -48.37 -2.10 -10.80
C GLN E 81 -46.85 -1.96 -10.57
N ASP E 82 -46.06 -2.28 -11.59
CA ASP E 82 -44.61 -2.15 -11.53
C ASP E 82 -44.02 -3.01 -10.40
N LEU E 83 -44.50 -4.24 -10.28
CA LEU E 83 -44.15 -5.08 -9.15
C LEU E 83 -43.90 -6.53 -9.54
N VAL E 84 -42.70 -7.02 -9.20
CA VAL E 84 -42.38 -8.45 -9.32
C VAL E 84 -41.82 -8.96 -8.01
N GLY E 85 -41.83 -10.28 -7.84
CA GLY E 85 -41.26 -10.91 -6.67
C GLY E 85 -40.60 -12.26 -6.97
N TRP E 86 -39.65 -12.65 -6.14
CA TRP E 86 -39.03 -13.97 -6.22
C TRP E 86 -39.18 -14.68 -4.88
N GLN E 87 -39.35 -16.00 -4.91
CA GLN E 87 -39.11 -16.82 -3.72
C GLN E 87 -37.86 -16.27 -3.04
N ALA E 88 -38.03 -15.73 -1.83
CA ALA E 88 -36.92 -15.12 -1.11
C ALA E 88 -35.84 -16.15 -0.80
N PRO E 89 -34.59 -15.85 -1.16
CA PRO E 89 -33.52 -16.82 -1.06
C PRO E 89 -33.14 -17.08 0.40
N PRO E 90 -32.58 -18.26 0.69
CA PRO E 90 -32.26 -18.61 2.08
C PRO E 90 -31.32 -17.60 2.75
N GLY E 91 -31.49 -17.39 4.05
CA GLY E 91 -30.69 -16.45 4.82
C GLY E 91 -31.38 -15.10 5.00
N ALA E 92 -32.00 -14.61 3.94
CA ALA E 92 -32.71 -13.32 3.95
C ALA E 92 -33.71 -13.21 5.09
N ARG E 93 -33.91 -11.99 5.56
CA ARG E 93 -34.92 -11.70 6.57
C ARG E 93 -36.16 -11.13 5.89
N SER E 94 -37.32 -11.32 6.51
CA SER E 94 -38.57 -10.85 5.92
C SER E 94 -39.26 -9.85 6.83
N LEU E 95 -39.71 -8.76 6.24
CA LEU E 95 -40.51 -7.76 6.95
C LEU E 95 -41.93 -8.27 7.04
N THR E 96 -42.70 -7.64 7.93
CA THR E 96 -44.10 -8.00 8.11
C THR E 96 -44.96 -6.80 7.71
N PRO E 97 -46.03 -7.03 6.93
CA PRO E 97 -46.88 -5.93 6.46
C PRO E 97 -47.45 -5.04 7.56
N CYS E 98 -47.54 -3.74 7.30
CA CYS E 98 -48.07 -2.80 8.28
C CYS E 98 -49.57 -2.99 8.42
N THR E 99 -50.07 -2.93 9.66
CA THR E 99 -51.50 -3.00 9.94
C THR E 99 -51.95 -1.92 10.93
N CYS E 100 -51.07 -0.95 11.20
CA CYS E 100 -51.38 0.12 12.15
C CYS E 100 -51.98 1.34 11.46
N GLY E 101 -52.16 1.27 10.14
CA GLY E 101 -52.80 2.36 9.40
C GLY E 101 -52.23 3.75 9.66
N SER E 102 -50.92 3.81 9.94
CA SER E 102 -50.24 5.08 10.22
C SER E 102 -49.91 5.82 8.93
N SER E 103 -49.95 7.15 8.99
CA SER E 103 -49.60 7.99 7.85
C SER E 103 -48.19 8.56 7.95
N ASP E 104 -47.43 8.12 8.95
CA ASP E 104 -46.03 8.52 9.09
C ASP E 104 -45.12 7.45 8.52
N LEU E 105 -44.70 7.65 7.27
CA LEU E 105 -43.90 6.67 6.56
C LEU E 105 -42.43 7.07 6.52
N TYR E 106 -41.56 6.08 6.43
CA TYR E 106 -40.13 6.32 6.35
C TYR E 106 -39.58 5.52 5.19
N LEU E 107 -39.18 6.23 4.13
CA LEU E 107 -38.57 5.60 2.96
C LEU E 107 -37.09 5.38 3.24
N VAL E 108 -36.65 4.13 3.08
CA VAL E 108 -35.24 3.78 3.23
C VAL E 108 -34.61 3.72 1.85
N THR E 109 -33.48 4.43 1.67
CA THR E 109 -32.83 4.60 0.37
C THR E 109 -31.64 3.66 0.23
N ARG E 110 -31.11 3.55 -0.98
CA ARG E 110 -29.92 2.73 -1.23
C ARG E 110 -28.68 3.25 -0.49
N HIS E 111 -28.70 4.51 -0.08
CA HIS E 111 -27.59 5.11 0.66
C HIS E 111 -27.83 5.06 2.17
N ALA E 112 -28.68 4.12 2.60
CA ALA E 112 -28.99 3.90 4.02
C ALA E 112 -29.66 5.10 4.73
N ASP E 113 -30.12 6.10 3.97
CA ASP E 113 -30.88 7.20 4.54
C ASP E 113 -32.30 6.74 4.83
N VAL E 114 -32.85 7.23 5.92
CA VAL E 114 -34.23 6.98 6.31
C VAL E 114 -34.95 8.31 6.14
N ILE E 115 -35.77 8.42 5.10
CA ILE E 115 -36.39 9.68 4.73
C ILE E 115 -37.84 9.70 5.19
N PRO E 116 -38.20 10.63 6.12
CA PRO E 116 -39.58 10.77 6.57
C PRO E 116 -40.55 11.16 5.45
N VAL E 117 -41.68 10.47 5.40
CA VAL E 117 -42.77 10.79 4.46
C VAL E 117 -44.11 10.81 5.20
N ARG E 118 -45.01 11.66 4.74
CA ARG E 118 -46.38 11.66 5.25
C ARG E 118 -47.32 11.06 4.21
N ARG E 119 -47.91 9.91 4.53
CA ARG E 119 -48.84 9.26 3.61
C ARG E 119 -50.01 10.18 3.41
N ARG E 120 -50.35 10.43 2.14
CA ARG E 120 -51.42 11.34 1.78
C ARG E 120 -52.31 10.73 0.70
N GLY E 121 -52.61 9.45 0.84
CA GLY E 121 -53.33 8.69 -0.17
C GLY E 121 -52.87 7.25 -0.25
N ASP E 122 -53.58 6.46 -1.04
CA ASP E 122 -53.41 5.02 -1.06
C ASP E 122 -52.02 4.58 -1.47
N SER E 123 -51.42 5.29 -2.43
CA SER E 123 -50.13 4.93 -3.00
C SER E 123 -49.30 6.19 -3.21
N ARG E 124 -49.29 7.06 -2.20
CA ARG E 124 -48.83 8.42 -2.40
C ARG E 124 -48.47 9.11 -1.09
N GLY E 125 -47.28 9.71 -1.03
CA GLY E 125 -46.84 10.47 0.15
C GLY E 125 -46.02 11.70 -0.19
N SER E 126 -45.91 12.62 0.78
CA SER E 126 -45.11 13.83 0.62
C SER E 126 -43.91 13.84 1.57
N LEU E 127 -42.76 14.29 1.07
CA LEU E 127 -41.55 14.39 1.90
C LEU E 127 -41.71 15.55 2.86
N LEU E 128 -41.41 15.30 4.14
CA LEU E 128 -41.49 16.35 5.14
C LEU E 128 -40.47 17.43 4.80
N SER E 129 -39.27 17.00 4.45
CA SER E 129 -38.23 17.91 3.97
C SER E 129 -37.77 17.42 2.58
N PRO E 130 -38.11 18.18 1.52
CA PRO E 130 -37.62 17.85 0.17
C PRO E 130 -36.09 17.68 0.08
N ARG E 131 -35.66 16.84 -0.86
CA ARG E 131 -34.23 16.53 -1.06
C ARG E 131 -33.91 16.37 -2.54
N PRO E 132 -32.69 16.79 -2.96
CA PRO E 132 -32.31 16.63 -4.35
C PRO E 132 -32.51 15.18 -4.82
N VAL E 133 -33.26 15.04 -5.90
CA VAL E 133 -33.69 13.73 -6.42
C VAL E 133 -32.62 12.62 -6.35
N SER E 134 -31.35 13.00 -6.41
CA SER E 134 -30.25 12.05 -6.27
C SER E 134 -30.31 11.25 -4.98
N TYR E 135 -30.99 11.78 -3.96
CA TYR E 135 -31.19 11.06 -2.72
C TYR E 135 -32.07 9.82 -2.93
N LEU E 136 -33.06 9.95 -3.79
CA LEU E 136 -34.02 8.87 -4.04
C LEU E 136 -33.64 8.01 -5.24
N LYS E 137 -33.03 8.61 -6.26
CA LYS E 137 -32.69 7.88 -7.49
C LYS E 137 -31.90 6.61 -7.18
N GLY E 138 -32.25 5.52 -7.87
CA GLY E 138 -31.63 4.23 -7.66
C GLY E 138 -32.22 3.46 -6.49
N SER E 139 -33.21 4.03 -5.80
CA SER E 139 -33.77 3.39 -4.61
C SER E 139 -35.14 2.72 -4.87
N SER E 140 -35.53 2.58 -6.14
CA SER E 140 -36.80 1.93 -6.45
C SER E 140 -36.79 0.49 -5.94
N GLY E 141 -37.95 0.05 -5.45
CA GLY E 141 -38.08 -1.28 -4.87
C GLY E 141 -37.73 -1.34 -3.39
N GLY E 142 -37.24 -0.23 -2.84
CA GLY E 142 -36.95 -0.17 -1.40
C GLY E 142 -38.25 0.02 -0.63
N PRO E 143 -38.21 -0.14 0.69
CA PRO E 143 -39.44 -0.08 1.48
C PRO E 143 -39.92 1.32 1.80
N LEU E 144 -41.22 1.45 2.05
CA LEU E 144 -41.77 2.52 2.85
C LEU E 144 -42.29 1.87 4.11
N LEU E 145 -41.81 2.34 5.26
CA LEU E 145 -42.07 1.68 6.53
C LEU E 145 -42.92 2.59 7.40
N CYS E 146 -43.84 1.98 8.16
CA CYS E 146 -44.56 2.72 9.21
C CYS E 146 -43.60 2.96 10.38
N PRO E 147 -44.02 3.75 11.38
CA PRO E 147 -43.12 4.04 12.50
C PRO E 147 -42.59 2.80 13.21
N SER E 148 -43.39 1.73 13.26
CA SER E 148 -43.00 0.47 13.92
C SER E 148 -42.06 -0.39 13.10
N GLY E 149 -41.74 0.02 11.88
CA GLY E 149 -40.81 -0.72 11.02
C GLY E 149 -41.45 -1.84 10.23
N HIS E 150 -42.76 -1.73 10.02
CA HIS E 150 -43.50 -2.65 9.16
C HIS E 150 -43.60 -2.08 7.74
N ALA E 151 -43.82 -2.96 6.77
CA ALA E 151 -43.86 -2.58 5.37
C ALA E 151 -45.25 -2.10 4.99
N VAL E 152 -45.33 -0.87 4.48
CA VAL E 152 -46.58 -0.33 3.97
C VAL E 152 -46.59 -0.41 2.45
N GLY E 153 -45.41 -0.34 1.84
CA GLY E 153 -45.28 -0.42 0.39
C GLY E 153 -43.86 -0.23 -0.11
N ILE E 154 -43.65 -0.49 -1.41
CA ILE E 154 -42.33 -0.36 -2.03
C ILE E 154 -42.22 0.83 -3.00
N PHE E 155 -41.10 1.52 -2.92
CA PHE E 155 -40.84 2.80 -3.61
C PHE E 155 -40.76 2.59 -5.12
N ARG E 156 -41.52 3.40 -5.86
CA ARG E 156 -41.81 3.16 -7.26
C ARG E 156 -41.47 4.35 -8.17
N ALA E 157 -41.80 5.57 -7.73
CA ALA E 157 -41.54 6.79 -8.49
C ALA E 157 -41.50 8.00 -7.57
N ALA E 158 -41.17 9.18 -8.10
CA ALA E 158 -41.15 10.40 -7.30
C ALA E 158 -41.56 11.65 -8.09
N VAL E 159 -42.26 12.57 -7.42
CA VAL E 159 -42.62 13.85 -8.02
C VAL E 159 -41.49 14.85 -7.75
N CYS E 160 -40.84 15.31 -8.80
CA CYS E 160 -39.73 16.24 -8.66
C CYS E 160 -39.99 17.50 -9.46
N THR E 161 -39.46 18.62 -8.98
CA THR E 161 -39.45 19.89 -9.73
C THR E 161 -38.11 20.56 -9.48
N ARG E 162 -37.49 21.11 -10.52
CA ARG E 162 -36.18 21.77 -10.39
C ARG E 162 -35.12 20.81 -9.83
N GLY E 163 -35.32 19.51 -10.06
CA GLY E 163 -34.46 18.48 -9.52
C GLY E 163 -34.59 18.25 -8.02
N VAL E 164 -35.74 18.63 -7.43
CA VAL E 164 -35.98 18.34 -6.02
C VAL E 164 -37.23 17.48 -5.83
N ALA E 165 -37.05 16.33 -5.18
CA ALA E 165 -38.14 15.40 -4.92
C ALA E 165 -39.00 15.94 -3.79
N LYS E 166 -40.27 16.20 -4.09
CA LYS E 166 -41.21 16.74 -3.12
C LYS E 166 -42.19 15.68 -2.59
N ALA E 167 -42.37 14.60 -3.35
CA ALA E 167 -43.33 13.54 -2.98
C ALA E 167 -42.92 12.18 -3.57
N VAL E 168 -43.59 11.11 -3.12
CA VAL E 168 -43.28 9.76 -3.64
C VAL E 168 -44.53 8.93 -3.92
N ASP E 169 -44.38 7.98 -4.84
CA ASP E 169 -45.41 7.02 -5.21
C ASP E 169 -44.89 5.61 -4.89
N PHE E 170 -45.78 4.74 -4.40
CA PHE E 170 -45.38 3.40 -3.99
C PHE E 170 -46.48 2.37 -4.22
N VAL E 171 -46.10 1.11 -4.32
CA VAL E 171 -47.11 0.05 -4.41
C VAL E 171 -47.53 -0.24 -2.99
N PRO E 172 -48.85 -0.19 -2.70
CA PRO E 172 -49.28 -0.59 -1.35
C PRO E 172 -49.01 -2.07 -1.11
N VAL E 173 -48.74 -2.41 0.14
CA VAL E 173 -48.49 -3.80 0.51
C VAL E 173 -49.73 -4.71 0.29
N GLU E 174 -50.91 -4.10 0.17
CA GLU E 174 -52.15 -4.82 -0.16
C GLU E 174 -52.14 -5.32 -1.60
N SER E 175 -51.66 -4.47 -2.52
CA SER E 175 -51.55 -4.82 -3.93
C SER E 175 -50.79 -6.13 -4.12
N MET E 176 -49.78 -6.33 -3.28
CA MET E 176 -48.95 -7.54 -3.31
C MET E 176 -49.79 -8.80 -3.21
N GLU E 177 -50.70 -8.81 -2.25
CA GLU E 177 -51.55 -9.97 -2.02
C GLU E 177 -52.54 -10.20 -3.18
N THR E 178 -52.77 -9.18 -4.00
CA THR E 178 -53.53 -9.31 -5.25
C THR E 178 -52.64 -9.88 -6.35
N LYS E 188 -31.41 -11.76 -20.77
CA LYS E 188 -30.62 -12.99 -20.61
C LYS E 188 -30.12 -13.10 -19.18
N GLY E 189 -29.51 -12.01 -18.70
CA GLY E 189 -28.85 -12.01 -17.41
C GLY E 189 -29.82 -12.02 -16.25
N SER E 190 -29.40 -12.63 -15.16
CA SER E 190 -30.16 -12.62 -13.93
C SER E 190 -29.98 -11.26 -13.25
N VAL E 191 -30.88 -10.95 -12.33
CA VAL E 191 -30.70 -9.85 -11.41
C VAL E 191 -29.77 -10.37 -10.32
N VAL E 192 -28.86 -9.53 -9.86
CA VAL E 192 -27.86 -9.94 -8.88
C VAL E 192 -27.91 -9.08 -7.62
N ILE E 193 -27.89 -9.72 -6.47
CA ILE E 193 -27.74 -9.03 -5.20
C ILE E 193 -26.28 -8.62 -5.08
N VAL E 194 -26.02 -7.33 -4.94
CA VAL E 194 -24.65 -6.80 -4.87
C VAL E 194 -24.35 -6.11 -3.54
N GLY E 195 -25.35 -6.00 -2.70
CA GLY E 195 -25.18 -5.40 -1.38
C GLY E 195 -26.49 -5.47 -0.65
N ARG E 196 -26.50 -5.00 0.59
CA ARG E 196 -27.71 -5.05 1.39
C ARG E 196 -27.76 -3.87 2.32
N ILE E 197 -28.95 -3.63 2.86
CA ILE E 197 -29.17 -2.57 3.82
C ILE E 197 -29.81 -3.19 5.07
N ILE E 198 -29.09 -3.16 6.19
CA ILE E 198 -29.61 -3.64 7.46
C ILE E 198 -30.46 -2.55 8.12
N LEU E 199 -31.57 -2.95 8.73
CA LEU E 199 -32.47 -2.05 9.46
C LEU E 199 -32.45 -2.34 10.97
N SER E 200 -33.28 -1.63 11.72
CA SER E 200 -33.40 -1.82 13.17
C SER E 200 -34.64 -1.14 13.72
N ALA F 2 1.40 -27.26 -53.54
CA ALA F 2 0.20 -28.16 -53.58
C ALA F 2 -1.05 -27.36 -53.98
N PRO F 3 -1.92 -27.94 -54.83
CA PRO F 3 -3.29 -27.42 -54.96
C PRO F 3 -3.96 -27.07 -53.61
N ILE F 4 -3.53 -27.69 -52.50
CA ILE F 4 -4.07 -27.37 -51.16
C ILE F 4 -3.24 -26.33 -50.39
N THR F 5 -3.87 -25.19 -50.09
CA THR F 5 -3.29 -24.14 -49.24
C THR F 5 -4.36 -23.58 -48.32
N ALA F 6 -3.93 -23.03 -47.18
CA ALA F 6 -4.86 -22.62 -46.15
C ALA F 6 -4.37 -21.40 -45.37
N TYR F 7 -5.33 -20.66 -44.80
CA TYR F 7 -5.03 -19.57 -43.86
C TYR F 7 -6.12 -19.50 -42.78
N SER F 8 -5.77 -18.98 -41.61
CA SER F 8 -6.70 -18.93 -40.47
C SER F 8 -7.18 -17.51 -40.18
N GLN F 9 -8.38 -17.41 -39.62
CA GLN F 9 -8.93 -16.14 -39.14
C GLN F 9 -9.40 -16.33 -37.70
N GLN F 10 -8.82 -15.57 -36.78
CA GLN F 10 -9.33 -15.54 -35.41
C GLN F 10 -10.62 -14.72 -35.38
N THR F 11 -11.64 -15.23 -34.67
CA THR F 11 -12.93 -14.53 -34.53
C THR F 11 -13.30 -14.17 -33.09
N ARG F 12 -12.68 -14.83 -32.12
CA ARG F 12 -12.87 -14.49 -30.70
C ARG F 12 -11.56 -14.44 -29.91
N GLY F 13 -11.63 -13.83 -28.74
CA GLY F 13 -10.57 -13.88 -27.73
C GLY F 13 -11.04 -14.69 -26.52
N LEU F 14 -10.24 -14.65 -25.44
CA LEU F 14 -10.51 -15.48 -24.26
C LEU F 14 -11.77 -15.04 -23.52
N LEU F 15 -11.90 -13.74 -23.28
CA LEU F 15 -13.14 -13.24 -22.65
C LEU F 15 -14.36 -13.57 -23.50
N GLY F 16 -14.25 -13.31 -24.80
CA GLY F 16 -15.33 -13.65 -25.74
C GLY F 16 -15.66 -15.14 -25.73
N CYS F 17 -14.62 -15.96 -25.63
CA CYS F 17 -14.78 -17.41 -25.60
C CYS F 17 -15.47 -17.84 -24.32
N ILE F 18 -14.99 -17.29 -23.20
CA ILE F 18 -15.52 -17.63 -21.89
C ILE F 18 -17.02 -17.39 -21.82
N ILE F 19 -17.46 -16.18 -22.13
CA ILE F 19 -18.87 -15.83 -22.04
C ILE F 19 -19.70 -16.79 -22.90
N THR F 20 -19.25 -16.97 -24.13
CA THR F 20 -19.95 -17.80 -25.10
C THR F 20 -20.01 -19.24 -24.64
N SER F 21 -18.98 -19.69 -23.92
CA SER F 21 -19.00 -21.01 -23.33
C SER F 21 -20.11 -21.10 -22.30
N LEU F 22 -20.16 -20.09 -21.42
CA LEU F 22 -21.18 -20.07 -20.36
C LEU F 22 -22.59 -20.11 -20.93
N THR F 23 -22.87 -19.20 -21.86
CA THR F 23 -24.20 -19.08 -22.45
C THR F 23 -24.51 -20.25 -23.38
N GLY F 24 -23.50 -20.68 -24.13
CA GLY F 24 -23.71 -21.67 -25.18
C GLY F 24 -24.41 -21.10 -26.40
N ARG F 25 -24.41 -19.77 -26.51
CA ARG F 25 -25.04 -19.11 -27.66
C ARG F 25 -24.02 -18.34 -28.48
N ASP F 26 -23.75 -18.85 -29.68
CA ASP F 26 -22.82 -18.22 -30.60
C ASP F 26 -23.57 -17.72 -31.83
N ARG F 27 -23.72 -16.40 -31.93
CA ARG F 27 -24.42 -15.77 -33.05
C ARG F 27 -23.45 -15.27 -34.13
N ASN F 28 -22.18 -15.64 -34.03
CA ASN F 28 -21.19 -15.25 -35.03
C ASN F 28 -21.42 -16.02 -36.33
N GLN F 29 -21.23 -15.33 -37.46
CA GLN F 29 -21.39 -15.93 -38.77
C GLN F 29 -20.31 -16.98 -39.03
N VAL F 30 -20.76 -18.19 -39.34
CA VAL F 30 -19.87 -19.34 -39.51
C VAL F 30 -19.42 -19.47 -40.97
N GLU F 31 -18.13 -19.73 -41.17
CA GLU F 31 -17.53 -19.88 -42.49
C GLU F 31 -16.37 -20.87 -42.50
N GLY F 32 -16.15 -21.48 -43.65
CA GLY F 32 -15.01 -22.39 -43.83
C GLY F 32 -15.35 -23.82 -43.43
N GLU F 33 -14.44 -24.74 -43.72
CA GLU F 33 -14.62 -26.17 -43.42
C GLU F 33 -14.06 -26.59 -42.06
N VAL F 34 -12.88 -26.06 -41.71
CA VAL F 34 -12.25 -26.38 -40.42
C VAL F 34 -12.43 -25.22 -39.45
N GLN F 35 -13.00 -25.53 -38.28
CA GLN F 35 -13.28 -24.54 -37.25
C GLN F 35 -12.27 -24.63 -36.10
N VAL F 36 -11.68 -23.49 -35.75
CA VAL F 36 -10.81 -23.38 -34.57
C VAL F 36 -11.73 -23.29 -33.37
N VAL F 37 -11.53 -24.20 -32.43
CA VAL F 37 -12.52 -24.50 -31.43
C VAL F 37 -11.91 -24.40 -30.03
N SER F 38 -12.72 -24.05 -29.04
CA SER F 38 -12.19 -23.89 -27.68
C SER F 38 -13.20 -24.15 -26.58
N THR F 39 -12.77 -24.87 -25.54
CA THR F 39 -13.36 -24.76 -24.21
C THR F 39 -12.68 -23.54 -23.65
N ALA F 40 -13.03 -23.13 -22.44
CA ALA F 40 -12.36 -21.95 -21.88
C ALA F 40 -10.86 -22.19 -21.68
N THR F 41 -10.48 -23.45 -21.50
CA THR F 41 -9.17 -23.81 -20.96
C THR F 41 -8.26 -24.59 -21.91
N GLN F 42 -8.79 -25.05 -23.04
CA GLN F 42 -7.95 -25.61 -24.11
C GLN F 42 -8.54 -25.40 -25.51
N SER F 43 -7.69 -25.52 -26.53
CA SER F 43 -8.09 -25.24 -27.92
C SER F 43 -7.55 -26.26 -28.90
N PHE F 44 -8.40 -26.60 -29.87
CA PHE F 44 -8.08 -27.63 -30.86
C PHE F 44 -8.83 -27.30 -32.15
N LEU F 45 -9.08 -28.30 -33.02
CA LEU F 45 -9.78 -28.07 -34.28
C LEU F 45 -10.97 -29.01 -34.47
N ALA F 46 -11.87 -28.61 -35.35
CA ALA F 46 -13.01 -29.44 -35.73
C ALA F 46 -13.15 -29.39 -37.26
N THR F 47 -13.52 -30.51 -37.86
CA THR F 47 -13.61 -30.64 -39.31
C THR F 47 -15.02 -31.07 -39.70
N CYS F 48 -15.59 -30.42 -40.71
CA CYS F 48 -16.93 -30.77 -41.20
C CYS F 48 -16.88 -31.75 -42.34
N VAL F 49 -17.64 -32.84 -42.20
CA VAL F 49 -17.80 -33.81 -43.27
C VAL F 49 -19.25 -34.28 -43.31
N ASN F 50 -19.86 -34.16 -44.49
CA ASN F 50 -21.27 -34.51 -44.71
C ASN F 50 -22.18 -33.95 -43.63
N GLY F 51 -22.18 -32.63 -43.51
CA GLY F 51 -23.10 -31.92 -42.62
C GLY F 51 -22.85 -32.10 -41.14
N VAL F 52 -21.81 -32.87 -40.81
CA VAL F 52 -21.50 -33.20 -39.43
C VAL F 52 -20.15 -32.59 -39.08
N CYS F 53 -20.12 -31.87 -37.97
CA CYS F 53 -18.90 -31.20 -37.51
C CYS F 53 -18.16 -32.06 -36.48
N TRP F 54 -17.12 -32.75 -36.95
CA TRP F 54 -16.39 -33.75 -36.14
C TRP F 54 -15.20 -33.17 -35.41
N THR F 55 -15.00 -33.61 -34.17
CA THR F 55 -13.76 -33.33 -33.42
C THR F 55 -13.39 -34.46 -32.46
N VAL F 56 -12.33 -34.21 -31.69
CA VAL F 56 -11.83 -35.21 -30.75
C VAL F 56 -12.52 -35.12 -29.40
N TYR F 57 -12.77 -36.28 -28.79
CA TYR F 57 -13.40 -36.33 -27.47
C TYR F 57 -12.43 -35.82 -26.42
N HIS F 58 -11.14 -36.14 -26.57
CA HIS F 58 -10.13 -35.70 -25.61
C HIS F 58 -9.94 -34.18 -25.60
N GLY F 59 -10.66 -33.49 -26.47
CA GLY F 59 -10.72 -32.04 -26.45
C GLY F 59 -12.08 -31.50 -26.04
N ALA F 60 -13.14 -32.08 -26.60
CA ALA F 60 -14.51 -31.60 -26.39
C ALA F 60 -15.27 -32.36 -25.31
N GLY F 61 -14.89 -33.62 -25.07
CA GLY F 61 -15.62 -34.47 -24.14
C GLY F 61 -17.04 -34.59 -24.63
N SER F 62 -17.98 -34.66 -23.70
CA SER F 62 -19.40 -34.69 -24.07
C SER F 62 -20.01 -33.30 -23.84
N LYS F 63 -19.31 -32.28 -24.32
CA LYS F 63 -19.78 -30.90 -24.20
C LYS F 63 -20.68 -30.54 -25.38
N THR F 64 -21.65 -29.66 -25.14
CA THR F 64 -22.46 -29.09 -26.20
C THR F 64 -21.63 -28.07 -26.99
N LEU F 65 -22.02 -27.82 -28.23
CA LEU F 65 -21.38 -26.80 -29.06
C LEU F 65 -22.26 -25.55 -29.06
N ALA F 66 -21.64 -24.39 -28.86
CA ALA F 66 -22.39 -23.13 -28.86
C ALA F 66 -23.01 -22.93 -30.24
N GLY F 67 -24.29 -22.59 -30.28
CA GLY F 67 -25.02 -22.48 -31.56
C GLY F 67 -25.75 -21.17 -31.68
N PRO F 68 -26.29 -20.86 -32.87
CA PRO F 68 -26.97 -19.59 -33.05
C PRO F 68 -28.35 -19.55 -32.38
N LYS F 69 -28.97 -20.71 -32.17
CA LYS F 69 -30.21 -20.78 -31.37
C LYS F 69 -29.95 -21.48 -30.04
N GLY F 70 -28.75 -21.29 -29.50
CA GLY F 70 -28.35 -21.92 -28.24
C GLY F 70 -27.50 -23.16 -28.48
N PRO F 71 -27.15 -23.89 -27.40
CA PRO F 71 -26.20 -25.00 -27.47
C PRO F 71 -26.70 -26.22 -28.24
N ILE F 72 -25.77 -26.86 -28.95
CA ILE F 72 -26.06 -28.02 -29.78
C ILE F 72 -25.56 -29.28 -29.09
N THR F 73 -26.47 -30.18 -28.76
CA THR F 73 -26.12 -31.50 -28.20
C THR F 73 -25.36 -32.33 -29.23
N GLN F 74 -24.47 -33.19 -28.75
CA GLN F 74 -23.71 -34.08 -29.63
C GLN F 74 -24.66 -35.00 -30.40
N MET F 75 -24.38 -35.14 -31.69
CA MET F 75 -25.11 -36.06 -32.55
C MET F 75 -24.48 -37.45 -32.49
N TYR F 76 -23.16 -37.49 -32.26
CA TYR F 76 -22.43 -38.76 -32.14
C TYR F 76 -21.34 -38.63 -31.09
N THR F 77 -21.15 -39.67 -30.31
CA THR F 77 -20.09 -39.74 -29.31
C THR F 77 -19.47 -41.13 -29.32
N ASN F 78 -18.17 -41.19 -29.59
CA ASN F 78 -17.44 -42.46 -29.57
C ASN F 78 -16.10 -42.27 -28.86
N VAL F 79 -16.08 -42.64 -27.58
CA VAL F 79 -14.91 -42.44 -26.73
C VAL F 79 -13.80 -43.46 -27.04
N ASP F 80 -14.20 -44.65 -27.49
CA ASP F 80 -13.23 -45.67 -27.88
C ASP F 80 -12.34 -45.15 -29.00
N GLN F 81 -12.95 -44.43 -29.95
CA GLN F 81 -12.23 -43.88 -31.10
C GLN F 81 -11.81 -42.42 -30.90
N ASP F 82 -12.14 -41.85 -29.74
CA ASP F 82 -11.82 -40.45 -29.42
C ASP F 82 -12.65 -39.48 -30.29
N LEU F 83 -13.82 -39.91 -30.73
CA LEU F 83 -14.57 -39.17 -31.73
C LEU F 83 -15.87 -38.60 -31.18
N VAL F 84 -16.15 -37.34 -31.50
CA VAL F 84 -17.46 -36.73 -31.27
C VAL F 84 -17.90 -35.92 -32.49
N GLY F 85 -19.21 -35.68 -32.61
CA GLY F 85 -19.73 -34.92 -33.73
C GLY F 85 -21.02 -34.18 -33.41
N TRP F 86 -21.17 -32.99 -33.99
CA TRP F 86 -22.37 -32.17 -33.83
C TRP F 86 -22.97 -31.89 -35.19
N GLN F 87 -24.25 -31.52 -35.21
CA GLN F 87 -24.86 -30.94 -36.41
C GLN F 87 -24.06 -29.71 -36.81
N ALA F 88 -23.64 -29.65 -38.07
CA ALA F 88 -22.87 -28.51 -38.56
C ALA F 88 -23.76 -27.27 -38.58
N PRO F 89 -23.39 -26.23 -37.80
CA PRO F 89 -24.27 -25.07 -37.68
C PRO F 89 -24.36 -24.31 -38.99
N PRO F 90 -25.49 -23.63 -39.23
CA PRO F 90 -25.64 -22.92 -40.51
C PRO F 90 -24.45 -22.00 -40.80
N GLY F 91 -23.98 -22.00 -42.04
CA GLY F 91 -22.80 -21.23 -42.46
C GLY F 91 -21.61 -22.11 -42.75
N ALA F 92 -21.51 -23.24 -42.04
CA ALA F 92 -20.36 -24.14 -42.13
C ALA F 92 -20.36 -25.01 -43.39
N ARG F 93 -19.34 -24.82 -44.22
CA ARG F 93 -19.16 -25.63 -45.43
C ARG F 93 -18.61 -27.00 -45.02
N SER F 94 -18.89 -28.00 -45.84
CA SER F 94 -18.58 -29.37 -45.47
C SER F 94 -17.70 -30.04 -46.52
N LEU F 95 -16.59 -30.64 -46.08
CA LEU F 95 -15.74 -31.44 -46.96
C LEU F 95 -16.43 -32.76 -47.29
N THR F 96 -15.95 -33.43 -48.33
CA THR F 96 -16.51 -34.72 -48.75
C THR F 96 -15.50 -35.85 -48.50
N PRO F 97 -15.98 -37.02 -48.04
CA PRO F 97 -15.12 -38.19 -47.83
C PRO F 97 -14.32 -38.58 -49.05
N CYS F 98 -13.07 -39.00 -48.84
CA CYS F 98 -12.20 -39.36 -49.95
C CYS F 98 -12.46 -40.78 -50.41
N THR F 99 -12.28 -41.01 -51.72
CA THR F 99 -12.52 -42.31 -52.34
C THR F 99 -11.37 -42.79 -53.25
N CYS F 100 -10.36 -41.95 -53.46
CA CYS F 100 -9.26 -42.26 -54.37
C CYS F 100 -8.27 -43.27 -53.76
N GLY F 101 -8.29 -43.40 -52.44
CA GLY F 101 -7.40 -44.31 -51.73
C GLY F 101 -5.94 -43.92 -51.86
N SER F 102 -5.68 -42.62 -51.87
CA SER F 102 -4.32 -42.09 -51.91
C SER F 102 -3.67 -42.25 -50.53
N SER F 103 -2.35 -42.43 -50.54
CA SER F 103 -1.56 -42.51 -49.31
C SER F 103 -0.71 -41.24 -49.11
N ASP F 104 -0.83 -40.29 -50.04
CA ASP F 104 -0.14 -39.00 -49.93
C ASP F 104 -1.03 -37.96 -49.27
N LEU F 105 -1.12 -38.04 -47.94
CA LEU F 105 -2.02 -37.19 -47.16
C LEU F 105 -1.40 -35.85 -46.76
N TYR F 106 -2.27 -34.91 -46.41
CA TYR F 106 -1.86 -33.58 -45.97
C TYR F 106 -2.59 -33.20 -44.69
N LEU F 107 -1.86 -33.08 -43.59
CA LEU F 107 -2.41 -32.57 -42.34
C LEU F 107 -2.44 -31.04 -42.36
N VAL F 108 -3.59 -30.46 -42.03
CA VAL F 108 -3.76 -29.02 -41.87
C VAL F 108 -3.78 -28.70 -40.38
N THR F 109 -3.03 -27.68 -39.97
CA THR F 109 -2.87 -27.35 -38.56
C THR F 109 -3.56 -26.05 -38.19
N ARG F 110 -3.68 -25.80 -36.89
CA ARG F 110 -4.31 -24.58 -36.39
C ARG F 110 -3.61 -23.31 -36.86
N HIS F 111 -2.30 -23.43 -37.15
CA HIS F 111 -1.52 -22.32 -37.70
C HIS F 111 -1.54 -22.30 -39.22
N ALA F 112 -2.47 -23.05 -39.81
CA ALA F 112 -2.67 -23.10 -41.27
C ALA F 112 -1.50 -23.70 -42.07
N ASP F 113 -0.63 -24.44 -41.40
CA ASP F 113 0.43 -25.20 -42.07
C ASP F 113 -0.21 -26.43 -42.73
N VAL F 114 0.27 -26.76 -43.93
CA VAL F 114 -0.21 -27.93 -44.65
C VAL F 114 0.94 -28.93 -44.70
N ILE F 115 0.89 -29.91 -43.81
CA ILE F 115 2.02 -30.81 -43.58
C ILE F 115 1.85 -32.09 -44.40
N PRO F 116 2.84 -32.40 -45.25
CA PRO F 116 2.81 -33.68 -45.97
C PRO F 116 2.92 -34.88 -45.03
N VAL F 117 2.12 -35.90 -45.31
CA VAL F 117 2.13 -37.15 -44.56
C VAL F 117 2.00 -38.31 -45.54
N ARG F 118 2.66 -39.42 -45.24
CA ARG F 118 2.52 -40.64 -46.02
C ARG F 118 1.72 -41.66 -45.23
N ARG F 119 0.50 -41.93 -45.69
CA ARG F 119 -0.36 -42.93 -45.04
C ARG F 119 0.33 -44.28 -45.06
N ARG F 120 0.55 -44.85 -43.87
CA ARG F 120 1.25 -46.12 -43.75
C ARG F 120 0.45 -47.11 -42.89
N GLY F 121 -0.87 -47.05 -43.02
CA GLY F 121 -1.77 -47.91 -42.27
C GLY F 121 -3.21 -47.47 -42.36
N ASP F 122 -4.11 -48.25 -41.76
CA ASP F 122 -5.54 -47.94 -41.75
C ASP F 122 -5.80 -46.58 -41.11
N SER F 123 -5.11 -46.30 -40.01
CA SER F 123 -5.36 -45.09 -39.20
C SER F 123 -4.06 -44.45 -38.69
N ARG F 124 -3.03 -44.47 -39.53
CA ARG F 124 -1.68 -44.04 -39.12
C ARG F 124 -0.85 -43.59 -40.32
N GLY F 125 0.03 -42.61 -40.10
CA GLY F 125 0.86 -42.06 -41.18
C GLY F 125 2.15 -41.43 -40.69
N SER F 126 3.05 -41.15 -41.63
CA SER F 126 4.38 -40.60 -41.34
C SER F 126 4.58 -39.24 -42.02
N LEU F 127 5.18 -38.29 -41.32
CA LEU F 127 5.52 -36.99 -41.90
C LEU F 127 6.68 -37.12 -42.88
N LEU F 128 6.53 -36.57 -44.07
CA LEU F 128 7.60 -36.64 -45.07
C LEU F 128 8.88 -35.97 -44.58
N SER F 129 8.73 -34.86 -43.86
CA SER F 129 9.85 -34.23 -43.15
C SER F 129 9.38 -33.87 -41.74
N PRO F 130 9.94 -34.52 -40.72
CA PRO F 130 9.53 -34.29 -39.33
C PRO F 130 9.61 -32.82 -38.91
N ARG F 131 8.87 -32.49 -37.86
CA ARG F 131 8.92 -31.15 -37.28
C ARG F 131 8.80 -31.19 -35.76
N PRO F 132 9.18 -30.10 -35.07
CA PRO F 132 8.99 -30.03 -33.63
C PRO F 132 7.51 -30.16 -33.24
N VAL F 133 7.25 -31.01 -32.24
CA VAL F 133 5.88 -31.36 -31.83
C VAL F 133 4.93 -30.17 -31.72
N SER F 134 5.49 -29.00 -31.40
CA SER F 134 4.72 -27.77 -31.29
C SER F 134 3.94 -27.43 -32.55
N TYR F 135 4.46 -27.84 -33.71
CA TYR F 135 3.77 -27.65 -34.99
C TYR F 135 2.40 -28.33 -35.03
N LEU F 136 2.26 -29.42 -34.27
CA LEU F 136 1.03 -30.20 -34.28
C LEU F 136 0.13 -29.89 -33.08
N LYS F 137 0.72 -29.72 -31.90
CA LYS F 137 -0.06 -29.52 -30.67
C LYS F 137 -1.19 -28.50 -30.84
N GLY F 138 -2.37 -28.86 -30.36
CA GLY F 138 -3.54 -28.03 -30.51
C GLY F 138 -4.18 -28.10 -31.89
N SER F 139 -3.87 -29.13 -32.67
CA SER F 139 -4.50 -29.29 -33.98
C SER F 139 -5.33 -30.56 -34.10
N SER F 140 -5.51 -31.27 -32.98
CA SER F 140 -6.40 -32.44 -32.95
C SER F 140 -7.78 -32.08 -33.49
N GLY F 141 -8.36 -32.99 -34.25
CA GLY F 141 -9.64 -32.75 -34.93
C GLY F 141 -9.46 -32.00 -36.24
N GLY F 142 -8.21 -31.74 -36.61
CA GLY F 142 -7.92 -31.11 -37.89
C GLY F 142 -7.95 -32.18 -38.97
N PRO F 143 -8.07 -31.75 -40.24
CA PRO F 143 -8.30 -32.67 -41.34
C PRO F 143 -7.02 -33.27 -41.90
N LEU F 144 -7.04 -34.57 -42.17
CA LEU F 144 -6.07 -35.15 -43.09
C LEU F 144 -6.77 -35.26 -44.43
N LEU F 145 -6.11 -34.73 -45.46
CA LEU F 145 -6.71 -34.64 -46.78
C LEU F 145 -5.85 -35.37 -47.80
N CYS F 146 -6.51 -35.94 -48.81
CA CYS F 146 -5.81 -36.55 -49.94
C CYS F 146 -5.44 -35.43 -50.91
N PRO F 147 -4.71 -35.76 -52.00
CA PRO F 147 -4.34 -34.74 -52.99
C PRO F 147 -5.50 -33.91 -53.55
N SER F 148 -6.71 -34.49 -53.57
CA SER F 148 -7.90 -33.79 -54.07
C SER F 148 -8.64 -32.91 -53.03
N GLY F 149 -8.12 -32.83 -51.82
CA GLY F 149 -8.77 -32.03 -50.77
C GLY F 149 -10.06 -32.66 -50.28
N HIS F 150 -10.07 -33.99 -50.23
CA HIS F 150 -11.16 -34.76 -49.64
C HIS F 150 -10.70 -35.33 -48.31
N ALA F 151 -11.63 -35.54 -47.39
CA ALA F 151 -11.28 -36.03 -46.06
C ALA F 151 -11.02 -37.52 -46.08
N VAL F 152 -9.91 -37.93 -45.49
CA VAL F 152 -9.62 -39.34 -45.22
C VAL F 152 -9.80 -39.64 -43.74
N GLY F 153 -9.61 -38.62 -42.89
CA GLY F 153 -9.72 -38.78 -41.43
C GLY F 153 -9.39 -37.49 -40.68
N ILE F 154 -9.42 -37.56 -39.35
CA ILE F 154 -9.09 -36.39 -38.51
C ILE F 154 -7.95 -36.68 -37.53
N PHE F 155 -7.11 -35.66 -37.31
CA PHE F 155 -5.89 -35.75 -36.49
C PHE F 155 -6.21 -36.03 -35.02
N ARG F 156 -5.58 -37.06 -34.48
CA ARG F 156 -5.96 -37.64 -33.20
C ARG F 156 -4.80 -37.67 -32.19
N ALA F 157 -3.60 -37.98 -32.67
CA ALA F 157 -2.39 -38.09 -31.82
C ALA F 157 -1.13 -38.11 -32.68
N ALA F 158 0.01 -37.85 -32.04
CA ALA F 158 1.30 -37.92 -32.73
C ALA F 158 2.27 -38.83 -31.99
N VAL F 159 3.12 -39.50 -32.77
CA VAL F 159 4.24 -40.25 -32.23
C VAL F 159 5.45 -39.30 -32.25
N CYS F 160 6.03 -39.03 -31.08
CA CYS F 160 7.15 -38.11 -30.98
C CYS F 160 8.26 -38.64 -30.07
N THR F 161 9.46 -38.13 -30.32
CA THR F 161 10.63 -38.36 -29.46
C THR F 161 11.42 -37.06 -29.43
N ARG F 162 12.06 -36.75 -28.29
CA ARG F 162 12.97 -35.61 -28.21
C ARG F 162 12.34 -34.28 -28.65
N GLY F 163 11.01 -34.18 -28.58
CA GLY F 163 10.30 -32.99 -29.02
C GLY F 163 10.10 -32.89 -30.52
N VAL F 164 10.37 -33.96 -31.26
CA VAL F 164 10.16 -33.97 -32.71
C VAL F 164 9.06 -34.99 -33.08
N ALA F 165 8.05 -34.53 -33.80
CA ALA F 165 6.95 -35.39 -34.26
C ALA F 165 7.29 -36.02 -35.61
N LYS F 166 7.26 -37.35 -35.64
CA LYS F 166 7.62 -38.10 -36.85
C LYS F 166 6.41 -38.72 -37.53
N ALA F 167 5.49 -39.29 -36.75
CA ALA F 167 4.29 -39.92 -37.30
C ALA F 167 3.03 -39.46 -36.58
N VAL F 168 1.89 -39.70 -37.20
CA VAL F 168 0.60 -39.27 -36.63
C VAL F 168 -0.44 -40.37 -36.67
N ASP F 169 -1.44 -40.22 -35.82
CA ASP F 169 -2.52 -41.17 -35.69
C ASP F 169 -3.81 -40.41 -35.93
N PHE F 170 -4.73 -40.99 -36.70
CA PHE F 170 -5.99 -40.31 -37.02
C PHE F 170 -7.16 -41.27 -37.01
N VAL F 171 -8.35 -40.74 -36.83
CA VAL F 171 -9.57 -41.50 -37.04
C VAL F 171 -9.80 -41.53 -38.55
N PRO F 172 -9.99 -42.72 -39.15
CA PRO F 172 -10.36 -42.73 -40.57
C PRO F 172 -11.79 -42.24 -40.78
N VAL F 173 -12.11 -41.80 -41.99
CA VAL F 173 -13.46 -41.35 -42.32
C VAL F 173 -14.46 -42.53 -42.27
N GLU F 174 -13.97 -43.73 -42.55
CA GLU F 174 -14.78 -44.96 -42.43
C GLU F 174 -15.36 -45.13 -41.03
N SER F 175 -14.50 -45.04 -40.01
CA SER F 175 -14.90 -45.18 -38.61
C SER F 175 -16.05 -44.23 -38.23
N MET F 176 -16.11 -43.08 -38.88
CA MET F 176 -17.18 -42.11 -38.68
C MET F 176 -18.50 -42.67 -39.20
N GLU F 177 -18.45 -43.33 -40.36
CA GLU F 177 -19.64 -43.96 -40.95
C GLU F 177 -20.10 -45.20 -40.16
N THR F 178 -19.17 -45.79 -39.40
CA THR F 178 -19.51 -46.87 -38.47
C THR F 178 -20.16 -46.30 -37.21
N THR F 179 -19.76 -45.08 -36.85
CA THR F 179 -20.41 -44.36 -35.75
C THR F 179 -21.80 -43.85 -36.18
N MET F 180 -21.90 -43.36 -37.42
CA MET F 180 -23.16 -42.83 -37.95
C MET F 180 -24.25 -43.92 -38.08
N ARG F 181 -23.85 -45.11 -38.51
CA ARG F 181 -24.79 -46.24 -38.61
C ARG F 181 -25.19 -46.76 -37.23
N ALA F 182 -24.19 -46.95 -36.36
CA ALA F 182 -24.41 -47.53 -35.03
C ALA F 182 -25.31 -46.67 -34.15
N SER F 183 -25.02 -45.37 -34.10
CA SER F 183 -25.78 -44.44 -33.27
C SER F 183 -27.11 -44.05 -33.91
N LYS F 188 -19.71 -28.00 -17.45
CA LYS F 188 -20.82 -27.08 -17.68
C LYS F 188 -20.73 -26.38 -19.03
N GLY F 189 -19.53 -25.93 -19.40
CA GLY F 189 -19.36 -25.03 -20.54
C GLY F 189 -19.55 -25.66 -21.90
N SER F 190 -20.09 -24.89 -22.84
CA SER F 190 -20.19 -25.33 -24.21
C SER F 190 -18.88 -25.06 -24.92
N VAL F 191 -18.55 -25.88 -25.92
CA VAL F 191 -17.41 -25.62 -26.77
C VAL F 191 -17.77 -24.45 -27.69
N VAL F 192 -16.78 -23.61 -27.96
CA VAL F 192 -16.99 -22.38 -28.70
C VAL F 192 -15.97 -22.23 -29.81
N ILE F 193 -16.46 -21.83 -30.98
CA ILE F 193 -15.62 -21.49 -32.12
C ILE F 193 -14.98 -20.13 -31.89
N VAL F 194 -13.65 -20.08 -31.94
CA VAL F 194 -12.90 -18.85 -31.72
C VAL F 194 -12.09 -18.43 -32.94
N GLY F 195 -12.29 -19.13 -34.05
CA GLY F 195 -11.58 -18.82 -35.27
C GLY F 195 -11.85 -19.93 -36.28
N ARG F 196 -11.34 -19.76 -37.50
CA ARG F 196 -11.52 -20.76 -38.55
C ARG F 196 -10.30 -20.83 -39.46
N ILE F 197 -10.29 -21.86 -40.32
CA ILE F 197 -9.21 -22.06 -41.27
C ILE F 197 -9.81 -22.36 -42.64
N ILE F 198 -9.58 -21.47 -43.59
CA ILE F 198 -10.12 -21.61 -44.94
C ILE F 198 -9.12 -22.36 -45.78
N LEU F 199 -9.61 -23.33 -46.56
CA LEU F 199 -8.78 -24.15 -47.43
C LEU F 199 -9.02 -23.79 -48.90
N SER F 200 -8.20 -24.38 -49.76
CA SER F 200 -8.29 -24.17 -51.21
C SER F 200 -7.47 -25.23 -51.95
N ALA G 2 17.58 23.91 -37.32
CA ALA G 2 16.84 24.94 -36.53
C ALA G 2 17.25 26.37 -36.94
N PRO G 3 16.54 26.96 -37.92
CA PRO G 3 16.73 28.38 -38.25
C PRO G 3 17.16 29.28 -37.08
N ILE G 4 16.78 28.89 -35.85
CA ILE G 4 17.18 29.60 -34.63
C ILE G 4 18.47 29.02 -34.00
N THR G 5 19.52 29.84 -33.95
CA THR G 5 20.77 29.48 -33.27
C THR G 5 21.28 30.70 -32.50
N ALA G 6 22.17 30.47 -31.54
CA ALA G 6 22.55 31.51 -30.59
C ALA G 6 23.88 31.25 -29.89
N TYR G 7 24.56 32.33 -29.53
CA TYR G 7 25.74 32.26 -28.65
C TYR G 7 25.60 33.29 -27.51
N SER G 8 26.54 33.26 -26.56
CA SER G 8 26.46 34.13 -25.39
C SER G 8 27.79 34.77 -25.02
N GLN G 9 27.72 36.03 -24.58
CA GLN G 9 28.89 36.80 -24.17
C GLN G 9 28.70 37.34 -22.76
N GLN G 10 29.65 37.06 -21.87
CA GLN G 10 29.65 37.68 -20.55
C GLN G 10 30.29 39.06 -20.68
N THR G 11 29.64 40.08 -20.12
CA THR G 11 30.20 41.43 -20.10
C THR G 11 30.89 41.77 -18.77
N ARG G 12 30.46 41.12 -17.68
CA ARG G 12 30.95 41.43 -16.34
C ARG G 12 31.26 40.19 -15.52
N GLY G 13 32.28 40.30 -14.67
CA GLY G 13 32.47 39.36 -13.56
C GLY G 13 31.52 39.73 -12.45
N LEU G 14 31.61 39.05 -11.33
CA LEU G 14 30.72 39.32 -10.20
C LEU G 14 31.08 40.64 -9.51
N LEU G 15 32.38 40.88 -9.34
CA LEU G 15 32.85 42.13 -8.77
C LEU G 15 32.14 43.32 -9.41
N GLY G 16 32.18 43.34 -10.74
CA GLY G 16 31.50 44.37 -11.52
C GLY G 16 30.02 44.39 -11.25
N CYS G 17 29.41 43.21 -11.17
CA CYS G 17 27.99 43.04 -10.87
C CYS G 17 27.60 43.64 -9.51
N ILE G 18 28.43 43.43 -8.51
CA ILE G 18 28.12 43.93 -7.16
C ILE G 18 28.13 45.46 -7.11
N ILE G 19 29.04 46.09 -7.84
CA ILE G 19 29.17 47.54 -7.78
C ILE G 19 28.05 48.22 -8.57
N THR G 20 27.89 47.81 -9.82
CA THR G 20 26.77 48.28 -10.64
C THR G 20 25.45 48.13 -9.89
N SER G 21 25.35 47.06 -9.09
CA SER G 21 24.16 46.81 -8.28
C SER G 21 24.02 47.89 -7.21
N LEU G 22 25.09 48.14 -6.47
CA LEU G 22 25.14 49.25 -5.50
C LEU G 22 24.78 50.58 -6.16
N THR G 23 25.54 50.94 -7.18
CA THR G 23 25.40 52.25 -7.82
C THR G 23 24.09 52.40 -8.58
N GLY G 24 23.66 51.33 -9.22
CA GLY G 24 22.48 51.38 -10.08
C GLY G 24 22.75 52.10 -11.39
N ARG G 25 24.03 52.29 -11.73
CA ARG G 25 24.42 52.94 -12.98
C ARG G 25 25.23 52.00 -13.88
N ASP G 26 24.61 51.55 -14.96
CA ASP G 26 25.23 50.67 -15.94
C ASP G 26 25.57 51.49 -17.19
N ARG G 27 26.85 51.79 -17.38
CA ARG G 27 27.31 52.56 -18.54
C ARG G 27 27.55 51.70 -19.79
N ASN G 28 27.60 50.38 -19.63
CA ASN G 28 27.94 49.47 -20.72
C ASN G 28 26.92 49.51 -21.85
N GLN G 29 27.39 49.24 -23.07
CA GLN G 29 26.54 49.27 -24.25
C GLN G 29 25.60 48.06 -24.28
N VAL G 30 24.30 48.33 -24.28
CA VAL G 30 23.28 47.28 -24.32
C VAL G 30 23.13 46.77 -25.75
N GLU G 31 23.21 45.46 -25.94
CA GLU G 31 23.06 44.87 -27.26
C GLU G 31 22.30 43.55 -27.17
N GLY G 32 21.60 43.22 -28.26
CA GLY G 32 20.88 41.95 -28.36
C GLY G 32 19.52 41.98 -27.71
N GLU G 33 18.75 40.91 -27.93
CA GLU G 33 17.37 40.81 -27.44
C GLU G 33 17.27 40.15 -26.07
N VAL G 34 18.19 39.24 -25.76
CA VAL G 34 18.16 38.50 -24.50
C VAL G 34 19.35 38.86 -23.63
N GLN G 35 19.06 39.40 -22.45
CA GLN G 35 20.09 39.82 -21.50
C GLN G 35 20.23 38.81 -20.36
N VAL G 36 21.45 38.32 -20.16
CA VAL G 36 21.79 37.58 -18.96
C VAL G 36 21.94 38.61 -17.84
N VAL G 37 21.13 38.42 -16.81
CA VAL G 37 20.90 39.43 -15.79
C VAL G 37 21.29 38.83 -14.45
N SER G 38 21.54 39.68 -13.46
CA SER G 38 21.84 39.18 -12.12
C SER G 38 21.62 40.21 -11.02
N THR G 39 21.12 39.74 -9.89
CA THR G 39 21.25 40.48 -8.62
C THR G 39 22.67 40.18 -8.19
N ALA G 40 23.09 40.63 -7.02
CA ALA G 40 24.41 40.24 -6.52
C ALA G 40 24.45 38.75 -6.17
N THR G 41 23.28 38.15 -5.94
CA THR G 41 23.18 36.82 -5.36
C THR G 41 22.65 35.73 -6.31
N GLN G 42 21.88 36.11 -7.32
CA GLN G 42 21.39 35.13 -8.29
C GLN G 42 21.30 35.71 -9.69
N SER G 43 21.41 34.84 -10.68
CA SER G 43 21.45 35.22 -12.08
C SER G 43 20.41 34.46 -12.88
N PHE G 44 19.90 35.11 -13.92
CA PHE G 44 18.82 34.59 -14.75
C PHE G 44 18.73 35.46 -16.01
N LEU G 45 17.65 35.35 -16.78
CA LEU G 45 17.55 36.02 -18.07
C LEU G 45 16.43 37.05 -18.14
N ALA G 46 16.57 37.95 -19.11
CA ALA G 46 15.57 38.97 -19.40
C ALA G 46 15.41 39.07 -20.92
N THR G 47 14.16 39.03 -21.37
CA THR G 47 13.82 39.07 -22.80
C THR G 47 13.11 40.37 -23.18
N CYS G 48 13.57 41.03 -24.24
CA CYS G 48 12.92 42.26 -24.70
C CYS G 48 11.83 42.01 -25.74
N VAL G 49 10.64 42.52 -25.45
CA VAL G 49 9.50 42.45 -26.35
C VAL G 49 8.78 43.80 -26.37
N ASN G 50 8.51 44.34 -27.56
CA ASN G 50 7.84 45.64 -27.72
C ASN G 50 8.41 46.75 -26.83
N GLY G 51 9.73 46.94 -26.86
CA GLY G 51 10.38 48.01 -26.11
C GLY G 51 10.41 47.82 -24.59
N VAL G 52 9.87 46.70 -24.10
CA VAL G 52 9.88 46.39 -22.67
C VAL G 52 10.81 45.22 -22.39
N CYS G 53 11.55 45.32 -21.32
CA CYS G 53 12.53 44.33 -20.95
C CYS G 53 11.98 43.42 -19.85
N TRP G 54 11.50 42.25 -20.25
CA TRP G 54 10.73 41.37 -19.39
C TRP G 54 11.59 40.37 -18.62
N THR G 55 11.22 40.11 -17.37
CA THR G 55 11.81 39.03 -16.61
C THR G 55 10.85 38.57 -15.51
N VAL G 56 11.25 37.53 -14.80
CA VAL G 56 10.43 36.93 -13.75
C VAL G 56 10.60 37.64 -12.41
N TYR G 57 9.51 37.70 -11.64
CA TYR G 57 9.56 38.28 -10.30
C TYR G 57 10.47 37.44 -9.39
N HIS G 58 10.41 36.13 -9.52
CA HIS G 58 11.18 35.28 -8.63
C HIS G 58 12.70 35.42 -8.82
N GLY G 59 13.11 36.20 -9.83
CA GLY G 59 14.52 36.56 -10.03
C GLY G 59 14.80 38.00 -9.63
N ALA G 60 14.09 38.95 -10.26
CA ALA G 60 14.32 40.38 -10.03
C ALA G 60 13.59 40.93 -8.80
N GLY G 61 12.48 40.32 -8.41
CA GLY G 61 11.63 40.92 -7.40
C GLY G 61 11.16 42.26 -7.92
N SER G 62 11.07 43.25 -7.03
CA SER G 62 10.63 44.58 -7.41
C SER G 62 11.81 45.46 -7.80
N LYS G 63 13.00 44.86 -7.90
CA LYS G 63 14.23 45.64 -8.02
C LYS G 63 14.30 46.50 -9.27
N THR G 64 15.01 47.63 -9.15
CA THR G 64 15.27 48.50 -10.29
C THR G 64 16.26 47.82 -11.21
N LEU G 65 16.32 48.31 -12.44
CA LEU G 65 17.32 47.88 -13.42
C LEU G 65 18.38 48.95 -13.49
N ALA G 66 19.64 48.56 -13.42
CA ALA G 66 20.75 49.53 -13.50
C ALA G 66 20.92 50.03 -14.93
N GLY G 67 20.84 51.36 -15.12
CA GLY G 67 20.82 51.97 -16.46
C GLY G 67 21.85 53.07 -16.68
N PRO G 68 22.03 53.49 -17.93
CA PRO G 68 23.08 54.45 -18.30
C PRO G 68 23.05 55.77 -17.52
N LYS G 69 21.86 56.26 -17.18
CA LYS G 69 21.71 57.51 -16.43
C LYS G 69 21.13 57.24 -15.04
N GLY G 70 21.56 56.14 -14.42
CA GLY G 70 21.05 55.72 -13.11
C GLY G 70 19.99 54.63 -13.21
N PRO G 71 19.49 54.17 -12.04
CA PRO G 71 18.59 53.00 -11.95
C PRO G 71 17.20 53.22 -12.54
N ILE G 72 16.65 52.17 -13.15
CA ILE G 72 15.34 52.23 -13.79
C ILE G 72 14.30 51.53 -12.93
N THR G 73 13.20 52.22 -12.64
CA THR G 73 12.08 51.65 -11.90
C THR G 73 11.35 50.64 -12.76
N GLN G 74 10.72 49.66 -12.13
CA GLN G 74 9.89 48.70 -12.85
C GLN G 74 8.66 49.37 -13.46
N MET G 75 8.49 49.17 -14.76
CA MET G 75 7.35 49.67 -15.52
C MET G 75 6.09 48.84 -15.25
N TYR G 76 6.28 47.54 -15.04
CA TYR G 76 5.19 46.57 -14.91
C TYR G 76 5.58 45.59 -13.82
N THR G 77 4.70 45.37 -12.85
CA THR G 77 5.00 44.44 -11.73
C THR G 77 3.78 43.57 -11.39
N ASN G 78 3.85 42.30 -11.77
CA ASN G 78 2.76 41.35 -11.55
C ASN G 78 3.27 40.09 -10.90
N VAL G 79 3.04 39.97 -9.59
CA VAL G 79 3.56 38.84 -8.82
C VAL G 79 2.74 37.59 -9.10
N ASP G 80 1.44 37.75 -9.25
CA ASP G 80 0.58 36.60 -9.50
C ASP G 80 1.10 35.81 -10.70
N GLN G 81 1.47 36.51 -11.77
CA GLN G 81 1.97 35.85 -12.98
C GLN G 81 3.50 35.76 -13.04
N ASP G 82 4.19 36.19 -11.98
CA ASP G 82 5.65 36.12 -11.90
C ASP G 82 6.29 36.85 -13.07
N LEU G 83 5.81 38.06 -13.35
CA LEU G 83 6.27 38.83 -14.50
C LEU G 83 6.47 40.29 -14.14
N VAL G 84 7.70 40.76 -14.32
CA VAL G 84 8.00 42.19 -14.16
C VAL G 84 8.62 42.70 -15.46
N GLY G 85 8.61 44.02 -15.66
CA GLY G 85 9.25 44.61 -16.84
C GLY G 85 9.84 46.00 -16.60
N TRP G 86 10.93 46.30 -17.31
CA TRP G 86 11.49 47.65 -17.37
C TRP G 86 11.44 48.18 -18.79
N GLN G 87 11.40 49.51 -18.94
CA GLN G 87 11.78 50.16 -20.20
C GLN G 87 13.04 49.54 -20.75
N ALA G 88 12.99 49.05 -21.98
CA ALA G 88 14.19 48.55 -22.62
C ALA G 88 15.20 49.71 -22.70
N PRO G 89 16.39 49.55 -22.10
CA PRO G 89 17.39 50.61 -22.17
C PRO G 89 17.96 50.80 -23.58
N PRO G 90 18.46 52.01 -23.88
CA PRO G 90 18.97 52.29 -25.23
C PRO G 90 20.02 51.27 -25.66
N GLY G 91 19.85 50.75 -26.88
CA GLY G 91 20.73 49.73 -27.42
C GLY G 91 20.11 48.35 -27.43
N ALA G 92 19.18 48.11 -26.52
CA ALA G 92 18.45 46.85 -26.50
C ALA G 92 17.63 46.70 -27.78
N ARG G 93 17.75 45.54 -28.42
CA ARG G 93 16.84 45.17 -29.51
C ARG G 93 15.69 44.37 -28.91
N SER G 94 14.53 44.46 -29.56
CA SER G 94 13.30 43.91 -29.03
C SER G 94 12.75 42.85 -29.98
N LEU G 95 12.46 41.66 -29.45
CA LEU G 95 11.79 40.64 -30.23
C LEU G 95 10.34 41.02 -30.44
N THR G 96 9.74 40.54 -31.52
CA THR G 96 8.35 40.83 -31.81
C THR G 96 7.49 39.64 -31.38
N PRO G 97 6.30 39.89 -30.79
CA PRO G 97 5.34 38.84 -30.42
C PRO G 97 5.03 37.83 -31.54
N CYS G 98 4.82 36.58 -31.16
CA CYS G 98 4.49 35.52 -32.12
C CYS G 98 3.00 35.52 -32.44
N THR G 99 2.67 35.54 -33.74
CA THR G 99 1.30 35.64 -34.20
C THR G 99 0.83 34.42 -35.01
N CYS G 100 1.74 33.48 -35.25
CA CYS G 100 1.43 32.31 -36.10
C CYS G 100 0.80 31.13 -35.35
N GLY G 101 0.53 31.27 -34.05
CA GLY G 101 -0.10 30.20 -33.27
C GLY G 101 0.58 28.84 -33.41
N SER G 102 1.90 28.84 -33.55
CA SER G 102 2.68 27.62 -33.73
C SER G 102 2.87 26.87 -32.40
N SER G 103 2.79 25.54 -32.47
CA SER G 103 3.00 24.67 -31.31
C SER G 103 4.46 24.21 -31.18
N ASP G 104 5.24 24.34 -32.24
CA ASP G 104 6.66 24.03 -32.17
C ASP G 104 7.47 25.22 -31.65
N LEU G 105 7.91 25.12 -30.38
CA LEU G 105 8.60 26.20 -29.69
C LEU G 105 10.05 25.83 -29.40
N TYR G 106 10.85 26.84 -29.09
CA TYR G 106 12.27 26.63 -28.79
C TYR G 106 12.68 27.51 -27.63
N LEU G 107 13.10 26.87 -26.54
CA LEU G 107 13.55 27.58 -25.35
C LEU G 107 15.03 27.89 -25.43
N VAL G 108 15.39 29.15 -25.20
CA VAL G 108 16.79 29.57 -25.20
C VAL G 108 17.30 29.63 -23.76
N THR G 109 18.40 28.92 -23.48
CA THR G 109 18.99 28.89 -22.13
C THR G 109 20.09 29.95 -21.98
N ARG G 110 20.50 30.15 -20.73
CA ARG G 110 21.62 31.04 -20.39
C ARG G 110 22.97 30.56 -20.95
N HIS G 111 22.99 29.31 -21.42
CA HIS G 111 24.17 28.74 -22.07
C HIS G 111 23.98 28.64 -23.57
N ALA G 112 23.06 29.44 -24.12
CA ALA G 112 22.86 29.54 -25.57
C ALA G 112 22.41 28.24 -26.26
N ASP G 113 22.03 27.22 -25.48
CA ASP G 113 21.39 26.04 -26.04
C ASP G 113 19.99 26.44 -26.47
N VAL G 114 19.46 25.73 -27.45
CA VAL G 114 18.12 26.01 -27.97
C VAL G 114 17.30 24.72 -27.92
N ILE G 115 16.53 24.57 -26.85
CA ILE G 115 15.87 23.31 -26.55
C ILE G 115 14.49 23.24 -27.19
N PRO G 116 14.27 22.25 -28.07
CA PRO G 116 12.94 22.07 -28.67
C PRO G 116 11.87 21.76 -27.63
N VAL G 117 10.70 22.39 -27.79
CA VAL G 117 9.59 22.24 -26.85
C VAL G 117 8.26 22.33 -27.58
N ARG G 118 7.44 21.29 -27.48
CA ARG G 118 6.10 21.31 -28.08
C ARG G 118 5.11 21.97 -27.14
N ARG G 119 4.32 22.92 -27.66
CA ARG G 119 3.31 23.63 -26.87
C ARG G 119 2.10 22.75 -26.64
N ARG G 120 1.77 22.54 -25.37
CA ARG G 120 0.62 21.73 -24.98
C ARG G 120 -0.13 22.48 -23.90
N GLY G 121 -0.96 23.42 -24.32
CA GLY G 121 -1.62 24.35 -23.39
C GLY G 121 -1.07 25.76 -23.49
N ASP G 122 -1.80 26.72 -22.94
CA ASP G 122 -1.47 28.14 -23.02
C ASP G 122 -0.09 28.45 -22.48
N SER G 123 0.13 28.09 -21.23
CA SER G 123 1.34 28.45 -20.50
C SER G 123 2.23 27.24 -20.29
N ARG G 124 2.22 26.29 -21.22
CA ARG G 124 2.72 24.96 -20.92
C ARG G 124 3.15 24.18 -22.17
N GLY G 125 4.23 23.42 -22.04
CA GLY G 125 4.75 22.58 -23.12
C GLY G 125 5.80 21.56 -22.70
N SER G 126 5.93 20.50 -23.49
CA SER G 126 6.83 19.38 -23.16
C SER G 126 8.11 19.36 -24.01
N LEU G 127 9.21 18.91 -23.40
CA LEU G 127 10.50 18.80 -24.09
C LEU G 127 10.49 17.62 -25.04
N LEU G 128 10.90 17.86 -26.27
CA LEU G 128 10.98 16.80 -27.29
C LEU G 128 11.99 15.73 -26.90
N SER G 129 13.09 16.17 -26.29
CA SER G 129 14.06 15.28 -25.68
C SER G 129 14.40 15.86 -24.30
N PRO G 130 13.94 15.21 -23.22
CA PRO G 130 14.22 15.64 -21.85
C PRO G 130 15.71 15.71 -21.51
N ARG G 131 16.07 16.68 -20.68
CA ARG G 131 17.46 16.87 -20.24
C ARG G 131 17.53 17.08 -18.73
N PRO G 132 18.73 16.86 -18.15
CA PRO G 132 19.06 17.28 -16.79
C PRO G 132 18.61 18.71 -16.49
N VAL G 133 17.88 18.88 -15.39
CA VAL G 133 17.35 20.18 -14.98
C VAL G 133 18.39 21.31 -15.01
N SER G 134 19.65 20.96 -14.80
CA SER G 134 20.78 21.88 -14.96
C SER G 134 20.80 22.62 -16.31
N TYR G 135 20.36 21.96 -17.36
CA TYR G 135 20.23 22.61 -18.66
C TYR G 135 19.31 23.84 -18.60
N LEU G 136 18.26 23.74 -17.80
CA LEU G 136 17.23 24.77 -17.72
C LEU G 136 17.47 25.76 -16.60
N LYS G 137 18.07 25.31 -15.49
CA LYS G 137 18.18 26.15 -14.29
C LYS G 137 18.90 27.44 -14.61
N GLY G 138 18.49 28.50 -13.92
CA GLY G 138 19.06 29.81 -14.13
C GLY G 138 18.63 30.47 -15.42
N SER G 139 17.71 29.88 -16.16
CA SER G 139 17.25 30.46 -17.43
C SER G 139 15.83 31.05 -17.39
N SER G 140 15.24 31.16 -16.20
CA SER G 140 13.97 31.88 -16.03
C SER G 140 14.07 33.28 -16.62
N GLY G 141 12.96 33.73 -17.21
CA GLY G 141 12.92 35.01 -17.90
C GLY G 141 13.38 34.94 -19.35
N GLY G 142 13.87 33.78 -19.78
CA GLY G 142 14.36 33.62 -21.14
C GLY G 142 13.22 33.33 -22.09
N PRO G 143 13.40 33.62 -23.39
CA PRO G 143 12.32 33.48 -24.36
C PRO G 143 12.03 32.04 -24.77
N LEU G 144 10.74 31.73 -24.96
CA LEU G 144 10.34 30.59 -25.78
C LEU G 144 9.92 31.18 -27.12
N LEU G 145 10.57 30.73 -28.18
CA LEU G 145 10.38 31.32 -29.50
C LEU G 145 9.67 30.33 -30.41
N CYS G 146 8.95 30.87 -31.39
CA CYS G 146 8.33 30.09 -32.47
C CYS G 146 9.36 29.89 -33.57
N PRO G 147 9.04 29.08 -34.61
CA PRO G 147 10.07 28.77 -35.62
C PRO G 147 10.66 30.00 -36.33
N SER G 148 9.86 31.06 -36.42
CA SER G 148 10.27 32.30 -37.08
C SER G 148 11.12 33.21 -36.19
N GLY G 149 11.24 32.89 -34.91
CA GLY G 149 12.05 33.68 -33.99
C GLY G 149 11.30 34.86 -33.38
N HIS G 150 10.00 34.67 -33.19
CA HIS G 150 9.17 35.63 -32.47
C HIS G 150 8.87 35.06 -31.08
N ALA G 151 8.58 35.93 -30.13
CA ALA G 151 8.40 35.54 -28.74
C ALA G 151 6.98 35.04 -28.46
N VAL G 152 6.85 33.81 -27.97
CA VAL G 152 5.53 33.28 -27.60
C VAL G 152 5.29 33.41 -26.08
N GLY G 153 6.36 33.26 -25.30
CA GLY G 153 6.27 33.44 -23.85
C GLY G 153 7.65 33.60 -23.24
N ILE G 154 7.73 33.58 -21.91
CA ILE G 154 9.04 33.56 -21.24
C ILE G 154 9.10 32.55 -20.10
N PHE G 155 10.26 31.92 -19.98
CA PHE G 155 10.43 30.73 -19.19
C PHE G 155 10.26 31.05 -17.71
N ARG G 156 9.40 30.29 -17.04
CA ARG G 156 8.96 30.62 -15.69
C ARG G 156 9.26 29.52 -14.67
N ALA G 157 9.04 28.26 -15.07
CA ALA G 157 9.20 27.10 -14.19
C ALA G 157 9.27 25.82 -15.01
N ALA G 158 9.83 24.77 -14.43
CA ALA G 158 9.92 23.46 -15.10
C ALA G 158 9.35 22.32 -14.26
N VAL G 159 8.81 21.31 -14.96
CA VAL G 159 8.32 20.09 -14.33
C VAL G 159 9.41 19.04 -14.47
N CYS G 160 9.89 18.54 -13.34
CA CYS G 160 11.01 17.60 -13.32
C CYS G 160 10.71 16.37 -12.49
N THR G 161 11.45 15.31 -12.75
CA THR G 161 11.44 14.14 -11.88
C THR G 161 12.84 13.56 -11.86
N ARG G 162 13.33 13.19 -10.68
CA ARG G 162 14.67 12.61 -10.53
C ARG G 162 15.74 13.53 -11.13
N GLY G 163 15.50 14.84 -11.11
CA GLY G 163 16.44 15.81 -11.64
C GLY G 163 16.53 15.88 -13.16
N VAL G 164 15.54 15.33 -13.86
CA VAL G 164 15.46 15.47 -15.32
C VAL G 164 14.18 16.19 -15.70
N ALA G 165 14.33 17.35 -16.33
CA ALA G 165 13.19 18.18 -16.73
C ALA G 165 12.52 17.58 -17.94
N LYS G 166 11.19 17.54 -17.90
CA LYS G 166 10.37 16.98 -18.98
C LYS G 166 9.49 18.04 -19.65
N ALA G 167 8.99 19.00 -18.87
CA ALA G 167 8.09 20.03 -19.38
C ALA G 167 8.42 21.38 -18.76
N VAL G 168 7.98 22.44 -19.43
CA VAL G 168 8.21 23.80 -18.95
C VAL G 168 6.91 24.60 -18.86
N ASP G 169 6.97 25.63 -18.03
CA ASP G 169 5.89 26.55 -17.84
C ASP G 169 6.39 27.96 -18.18
N PHE G 170 5.55 28.76 -18.83
CA PHE G 170 5.95 30.08 -19.24
C PHE G 170 4.80 31.08 -19.15
N VAL G 171 5.13 32.37 -19.07
CA VAL G 171 4.12 33.41 -19.20
C VAL G 171 3.87 33.56 -20.69
N PRO G 172 2.61 33.36 -21.14
CA PRO G 172 2.34 33.64 -22.55
C PRO G 172 2.50 35.13 -22.87
N VAL G 173 2.89 35.42 -24.10
CA VAL G 173 3.05 36.80 -24.55
C VAL G 173 1.75 37.61 -24.42
N GLU G 174 0.61 36.92 -24.47
CA GLU G 174 -0.70 37.56 -24.33
C GLU G 174 -0.92 38.16 -22.95
N SER G 175 -0.36 37.52 -21.91
CA SER G 175 -0.51 37.96 -20.53
C SER G 175 0.20 39.29 -20.22
N MET G 176 1.08 39.69 -21.13
CA MET G 176 1.90 40.89 -20.96
C MET G 176 1.15 42.16 -21.37
N GLU G 177 0.46 42.09 -22.51
CA GLU G 177 -0.41 43.18 -22.98
C GLU G 177 -1.49 43.52 -21.96
N THR G 178 -1.92 42.52 -21.18
CA THR G 178 -2.83 42.74 -20.05
C THR G 178 -2.05 43.26 -18.84
N LYS G 188 17.75 46.90 -1.86
CA LYS G 188 18.46 48.14 -2.23
C LYS G 188 19.10 48.04 -3.61
N GLY G 189 19.80 46.94 -3.88
CA GLY G 189 20.60 46.82 -5.10
C GLY G 189 19.77 46.72 -6.36
N SER G 190 20.34 47.17 -7.48
CA SER G 190 19.69 47.06 -8.78
C SER G 190 19.99 45.71 -9.41
N VAL G 191 19.09 45.27 -10.28
CA VAL G 191 19.38 44.15 -11.17
C VAL G 191 20.39 44.65 -12.22
N VAL G 192 21.45 43.88 -12.43
CA VAL G 192 22.52 44.25 -13.35
C VAL G 192 22.58 43.29 -14.53
N ILE G 193 22.86 43.86 -15.71
CA ILE G 193 23.10 43.06 -16.91
C ILE G 193 24.57 42.65 -16.89
N VAL G 194 24.81 41.34 -16.92
CA VAL G 194 26.16 40.80 -16.83
C VAL G 194 26.55 40.06 -18.11
N GLY G 195 25.70 40.16 -19.13
CA GLY G 195 25.93 39.45 -20.39
C GLY G 195 24.66 39.35 -21.24
N ARG G 196 24.79 38.80 -22.44
CA ARG G 196 23.67 38.70 -23.37
C ARG G 196 23.77 37.49 -24.30
N ILE G 197 22.63 37.08 -24.83
CA ILE G 197 22.56 35.94 -25.72
C ILE G 197 22.08 36.40 -27.10
N ILE G 198 22.98 36.38 -28.08
CA ILE G 198 22.66 36.82 -29.44
C ILE G 198 21.98 35.69 -30.21
N LEU G 199 20.94 36.03 -30.96
CA LEU G 199 20.11 35.05 -31.68
C LEU G 199 20.24 35.19 -33.21
N SER G 200 19.50 34.36 -33.94
CA SER G 200 19.54 34.37 -35.40
C SER G 200 18.47 33.47 -36.00
N ILE H 4 38.05 4.67 5.69
CA ILE H 4 37.89 5.96 4.94
C ILE H 4 37.25 7.01 5.85
N THR H 5 37.92 8.15 6.01
CA THR H 5 37.32 9.30 6.68
C THR H 5 37.78 10.56 5.96
N ALA H 6 37.22 11.69 6.36
CA ALA H 6 37.63 12.96 5.79
C ALA H 6 37.27 14.14 6.68
N TYR H 7 38.04 15.21 6.52
CA TYR H 7 37.68 16.52 7.03
C TYR H 7 37.96 17.56 5.95
N SER H 8 37.48 18.78 6.14
CA SER H 8 37.58 19.81 5.11
C SER H 8 38.28 21.07 5.61
N GLN H 9 38.76 21.88 4.66
CA GLN H 9 39.48 23.13 4.95
C GLN H 9 39.19 24.20 3.91
N GLN H 10 38.57 25.29 4.37
CA GLN H 10 38.31 26.48 3.56
C GLN H 10 39.58 27.30 3.43
N THR H 11 40.05 27.52 2.20
CA THR H 11 41.26 28.32 1.96
C THR H 11 41.00 29.65 1.23
N ARG H 12 39.74 29.96 0.94
CA ARG H 12 39.37 31.22 0.30
C ARG H 12 37.97 31.67 0.68
N GLY H 13 37.77 32.98 0.71
CA GLY H 13 36.46 33.58 0.88
C GLY H 13 35.88 33.88 -0.49
N LEU H 14 34.77 34.61 -0.53
CA LEU H 14 34.10 34.93 -1.79
C LEU H 14 34.86 35.96 -2.60
N LEU H 15 35.33 37.03 -1.96
CA LEU H 15 36.07 38.07 -2.67
C LEU H 15 37.40 37.54 -3.19
N GLY H 16 38.11 36.78 -2.36
CA GLY H 16 39.31 36.08 -2.80
C GLY H 16 39.04 35.21 -4.01
N CYS H 17 37.89 34.57 -4.01
CA CYS H 17 37.48 33.75 -5.14
C CYS H 17 37.24 34.57 -6.40
N ILE H 18 36.53 35.68 -6.27
CA ILE H 18 36.22 36.52 -7.43
C ILE H 18 37.49 37.02 -8.11
N ILE H 19 38.43 37.51 -7.30
CA ILE H 19 39.67 38.09 -7.80
C ILE H 19 40.51 37.01 -8.49
N THR H 20 40.62 35.85 -7.87
CA THR H 20 41.39 34.75 -8.43
C THR H 20 40.78 34.22 -9.73
N SER H 21 39.45 34.25 -9.84
CA SER H 21 38.77 33.84 -11.06
C SER H 21 39.05 34.79 -12.22
N LEU H 22 38.96 36.09 -11.94
CA LEU H 22 39.25 37.14 -12.91
C LEU H 22 40.66 36.98 -13.47
N THR H 23 41.62 36.94 -12.57
CA THR H 23 43.04 36.87 -12.93
C THR H 23 43.45 35.46 -13.34
N GLY H 24 42.63 34.47 -12.98
CA GLY H 24 42.98 33.07 -13.22
C GLY H 24 44.38 32.73 -12.75
N ARG H 25 44.77 33.28 -11.60
CA ARG H 25 46.09 33.01 -11.03
C ARG H 25 45.99 32.65 -9.55
N ASP H 26 46.01 31.35 -9.26
CA ASP H 26 45.97 30.83 -7.89
C ASP H 26 47.40 30.61 -7.39
N ARG H 27 47.83 31.49 -6.48
CA ARG H 27 49.17 31.42 -5.87
C ARG H 27 49.21 30.59 -4.59
N ASN H 28 48.06 30.03 -4.19
CA ASN H 28 48.00 29.20 -2.99
C ASN H 28 48.61 27.83 -3.25
N GLN H 29 49.07 27.18 -2.20
CA GLN H 29 49.64 25.85 -2.29
C GLN H 29 48.51 24.84 -2.37
N VAL H 30 48.58 23.91 -3.33
CA VAL H 30 47.55 22.90 -3.51
C VAL H 30 47.89 21.65 -2.69
N GLU H 31 46.87 21.09 -2.05
CA GLU H 31 47.01 19.89 -1.22
C GLU H 31 45.75 19.04 -1.30
N GLY H 32 45.91 17.72 -1.18
CA GLY H 32 44.78 16.80 -1.10
C GLY H 32 44.33 16.28 -2.44
N GLU H 33 43.48 15.26 -2.38
CA GLU H 33 43.01 14.55 -3.57
C GLU H 33 41.74 15.19 -4.13
N VAL H 34 40.89 15.67 -3.22
CA VAL H 34 39.62 16.29 -3.60
C VAL H 34 39.67 17.78 -3.29
N GLN H 35 39.29 18.59 -4.27
CA GLN H 35 39.35 20.04 -4.16
C GLN H 35 37.95 20.66 -4.13
N VAL H 36 37.66 21.45 -3.10
CA VAL H 36 36.48 22.29 -3.10
C VAL H 36 36.75 23.42 -4.09
N VAL H 37 35.81 23.62 -4.99
CA VAL H 37 36.03 24.37 -6.19
C VAL H 37 34.86 25.31 -6.41
N SER H 38 35.10 26.46 -7.04
CA SER H 38 34.06 27.48 -7.18
C SER H 38 34.27 28.39 -8.38
N THR H 39 33.21 28.62 -9.14
CA THR H 39 33.07 29.82 -9.94
C THR H 39 32.65 30.85 -8.91
N ALA H 40 32.54 32.12 -9.27
CA ALA H 40 32.13 33.11 -8.27
C ALA H 40 30.69 32.84 -7.78
N THR H 41 29.87 32.29 -8.69
CA THR H 41 28.42 32.19 -8.50
C THR H 41 27.92 30.85 -7.95
N GLN H 42 28.72 29.79 -8.08
CA GLN H 42 28.34 28.47 -7.57
C GLN H 42 29.55 27.64 -7.21
N SER H 43 29.39 26.70 -6.27
CA SER H 43 30.49 25.85 -5.83
C SER H 43 30.18 24.37 -5.88
N PHE H 44 31.22 23.59 -6.13
CA PHE H 44 31.12 22.13 -6.25
C PHE H 44 32.49 21.52 -5.95
N LEU H 45 32.66 20.23 -6.22
CA LEU H 45 33.92 19.55 -5.96
C LEU H 45 34.65 19.15 -7.23
N ALA H 46 35.94 18.84 -7.05
CA ALA H 46 36.82 18.40 -8.13
C ALA H 46 37.73 17.29 -7.61
N THR H 47 37.86 16.22 -8.40
CA THR H 47 38.56 15.01 -7.95
C THR H 47 39.72 14.65 -8.87
N CYS H 48 40.89 14.41 -8.27
CA CYS H 48 42.08 14.05 -9.03
C CYS H 48 42.24 12.55 -9.20
N VAL H 49 42.26 12.11 -10.45
CA VAL H 49 42.58 10.74 -10.80
C VAL H 49 43.55 10.72 -11.98
N ASN H 50 44.60 9.90 -11.86
CA ASN H 50 45.63 9.76 -12.89
C ASN H 50 46.26 11.08 -13.34
N GLY H 51 46.60 11.94 -12.37
CA GLY H 51 47.30 13.19 -12.66
C GLY H 51 46.46 14.24 -13.35
N VAL H 52 45.18 13.93 -13.58
CA VAL H 52 44.22 14.86 -14.17
C VAL H 52 43.22 15.26 -13.09
N CYS H 53 42.78 16.51 -13.14
CA CYS H 53 41.76 17.00 -12.22
C CYS H 53 40.37 17.01 -12.85
N TRP H 54 39.54 16.06 -12.44
CA TRP H 54 38.20 15.91 -13.00
C TRP H 54 37.13 16.63 -12.18
N THR H 55 36.14 17.16 -12.87
CA THR H 55 34.93 17.67 -12.23
C THR H 55 33.76 17.64 -13.22
N VAL H 56 32.59 18.08 -12.74
CA VAL H 56 31.37 18.06 -13.52
C VAL H 56 31.27 19.29 -14.44
N TYR H 57 30.80 19.09 -15.66
CA TYR H 57 30.61 20.21 -16.60
C TYR H 57 29.50 21.14 -16.13
N HIS H 58 28.46 20.56 -15.52
CA HIS H 58 27.34 21.36 -15.01
C HIS H 58 27.77 22.25 -13.84
N GLY H 59 29.02 22.13 -13.42
CA GLY H 59 29.61 23.06 -12.47
C GLY H 59 30.60 24.01 -13.12
N ALA H 60 31.59 23.47 -13.80
CA ALA H 60 32.73 24.24 -14.31
C ALA H 60 32.57 24.72 -15.74
N GLY H 61 31.55 24.22 -16.45
CA GLY H 61 31.38 24.51 -17.88
C GLY H 61 32.68 24.22 -18.62
N SER H 62 33.04 25.09 -19.56
CA SER H 62 34.32 24.98 -20.27
C SER H 62 35.34 25.95 -19.70
N LYS H 63 35.08 26.43 -18.49
CA LYS H 63 35.95 27.42 -17.86
C LYS H 63 37.33 26.83 -17.56
N THR H 64 38.35 27.68 -17.66
CA THR H 64 39.71 27.31 -17.31
C THR H 64 39.82 27.27 -15.80
N LEU H 65 40.93 26.71 -15.32
CA LEU H 65 41.18 26.57 -13.89
C LEU H 65 42.28 27.53 -13.48
N ALA H 66 42.10 28.20 -12.35
CA ALA H 66 43.09 29.17 -11.86
C ALA H 66 44.30 28.44 -11.29
N GLY H 67 45.49 28.73 -11.82
CA GLY H 67 46.71 28.04 -11.44
C GLY H 67 47.84 28.96 -11.00
N PRO H 68 48.99 28.38 -10.63
CA PRO H 68 50.16 29.18 -10.20
C PRO H 68 50.74 30.08 -11.31
N LYS H 69 50.99 29.51 -12.48
CA LYS H 69 51.61 30.25 -13.58
C LYS H 69 50.60 30.82 -14.60
N GLY H 70 49.32 30.79 -14.25
CA GLY H 70 48.24 31.30 -15.11
C GLY H 70 47.07 30.34 -15.17
N PRO H 71 45.99 30.72 -15.89
CA PRO H 71 44.83 29.84 -15.98
C PRO H 71 45.13 28.60 -16.83
N ILE H 72 44.60 27.46 -16.39
CA ILE H 72 44.86 26.16 -17.00
C ILE H 72 43.64 25.75 -17.84
N THR H 73 43.86 25.55 -19.14
CA THR H 73 42.77 25.18 -20.05
C THR H 73 42.38 23.73 -19.82
N GLN H 74 41.11 23.43 -20.04
CA GLN H 74 40.63 22.06 -19.89
C GLN H 74 41.39 21.12 -20.82
N MET H 75 41.94 20.06 -20.25
CA MET H 75 42.62 19.03 -21.03
C MET H 75 41.57 18.10 -21.67
N TYR H 76 40.41 18.00 -21.02
CA TYR H 76 39.29 17.22 -21.52
C TYR H 76 37.96 17.92 -21.25
N THR H 77 36.96 17.59 -22.06
CA THR H 77 35.63 18.20 -21.96
C THR H 77 34.60 17.31 -22.65
N ASN H 78 33.76 16.65 -21.87
CA ASN H 78 32.73 15.76 -22.40
C ASN H 78 31.37 16.13 -21.81
N VAL H 79 30.65 16.99 -22.52
CA VAL H 79 29.33 17.45 -22.08
C VAL H 79 28.35 16.29 -21.93
N ASP H 80 28.31 15.40 -22.93
CA ASP H 80 27.37 14.28 -22.92
C ASP H 80 27.44 13.44 -21.65
N GLN H 81 28.63 13.36 -21.05
CA GLN H 81 28.81 12.65 -19.79
C GLN H 81 28.93 13.58 -18.58
N ASP H 82 28.79 14.89 -18.80
CA ASP H 82 28.93 15.89 -17.74
C ASP H 82 30.32 15.79 -17.07
N LEU H 83 31.36 15.84 -17.88
CA LEU H 83 32.72 15.57 -17.40
C LEU H 83 33.75 16.49 -18.06
N VAL H 84 34.51 17.20 -17.23
CA VAL H 84 35.59 18.05 -17.71
C VAL H 84 36.82 17.82 -16.85
N GLY H 85 37.99 18.09 -17.44
CA GLY H 85 39.25 17.87 -16.73
C GLY H 85 40.34 18.87 -17.08
N TRP H 86 41.17 19.16 -16.08
CA TRP H 86 42.40 19.95 -16.26
C TRP H 86 43.59 19.15 -15.80
N GLN H 87 44.75 19.39 -16.40
CA GLN H 87 46.01 18.93 -15.84
C GLN H 87 46.04 19.32 -14.37
N ALA H 88 46.05 18.32 -13.50
CA ALA H 88 46.10 18.57 -12.06
C ALA H 88 47.34 19.42 -11.74
N PRO H 89 47.15 20.53 -11.00
CA PRO H 89 48.28 21.42 -10.70
C PRO H 89 49.26 20.80 -9.70
N PRO H 90 50.51 21.29 -9.68
CA PRO H 90 51.53 20.72 -8.79
C PRO H 90 51.16 20.90 -7.32
N GLY H 91 51.40 19.85 -6.53
CA GLY H 91 50.95 19.81 -5.14
C GLY H 91 49.77 18.87 -4.94
N ALA H 92 48.89 18.80 -5.94
CA ALA H 92 47.69 17.99 -5.86
C ALA H 92 47.99 16.48 -5.82
N ARG H 93 47.55 15.83 -4.75
CA ARG H 93 47.60 14.37 -4.67
C ARG H 93 46.52 13.79 -5.58
N SER H 94 46.82 12.67 -6.24
CA SER H 94 45.89 12.06 -7.17
C SER H 94 45.49 10.65 -6.73
N LEU H 95 44.18 10.41 -6.68
CA LEU H 95 43.64 9.07 -6.41
C LEU H 95 43.94 8.15 -7.58
N THR H 96 43.92 6.85 -7.30
CA THR H 96 44.10 5.83 -8.32
C THR H 96 42.75 5.13 -8.56
N PRO H 97 42.40 4.87 -9.84
CA PRO H 97 41.18 4.13 -10.16
C PRO H 97 41.08 2.78 -9.43
N CYS H 98 39.84 2.32 -9.24
CA CYS H 98 39.59 1.05 -8.54
C CYS H 98 39.76 -0.15 -9.48
N THR H 99 40.15 -1.29 -8.91
CA THR H 99 40.32 -2.53 -9.67
C THR H 99 39.55 -3.73 -9.10
N CYS H 100 39.20 -3.69 -7.81
CA CYS H 100 38.55 -4.83 -7.15
C CYS H 100 37.12 -5.10 -7.63
N GLY H 101 36.45 -4.09 -8.18
CA GLY H 101 35.09 -4.23 -8.67
C GLY H 101 34.08 -4.45 -7.55
N SER H 102 34.29 -3.73 -6.44
CA SER H 102 33.40 -3.81 -5.29
C SER H 102 32.06 -3.15 -5.61
N SER H 103 31.05 -3.44 -4.80
CA SER H 103 29.77 -2.71 -4.85
C SER H 103 29.56 -1.85 -3.60
N ASP H 104 30.51 -1.91 -2.66
CA ASP H 104 30.42 -1.17 -1.40
C ASP H 104 31.09 0.20 -1.52
N LEU H 105 30.37 1.15 -2.11
CA LEU H 105 30.92 2.47 -2.41
C LEU H 105 30.80 3.45 -1.25
N TYR H 106 31.52 4.56 -1.33
CA TYR H 106 31.46 5.62 -0.33
C TYR H 106 31.58 6.99 -0.99
N LEU H 107 30.64 7.86 -0.67
CA LEU H 107 30.55 9.16 -1.31
C LEU H 107 31.02 10.26 -0.36
N VAL H 108 32.06 10.99 -0.77
CA VAL H 108 32.63 12.05 0.06
C VAL H 108 32.01 13.38 -0.32
N THR H 109 31.42 14.06 0.66
CA THR H 109 30.74 15.34 0.43
C THR H 109 31.70 16.51 0.63
N ARG H 110 31.25 17.69 0.20
CA ARG H 110 31.95 18.96 0.51
C ARG H 110 32.07 19.21 2.02
N HIS H 111 31.13 18.67 2.80
CA HIS H 111 31.13 18.85 4.25
C HIS H 111 31.93 17.77 4.96
N ALA H 112 32.59 16.92 4.19
CA ALA H 112 33.45 15.87 4.73
C ALA H 112 32.71 14.71 5.40
N ASP H 113 31.40 14.60 5.14
CA ASP H 113 30.66 13.38 5.48
C ASP H 113 31.04 12.31 4.47
N VAL H 114 31.14 11.07 4.95
CA VAL H 114 31.40 9.92 4.08
C VAL H 114 30.13 9.10 4.06
N ILE H 115 29.44 9.09 2.91
CA ILE H 115 28.13 8.46 2.81
C ILE H 115 28.26 7.06 2.19
N PRO H 116 27.70 6.03 2.86
CA PRO H 116 27.71 4.70 2.28
C PRO H 116 26.78 4.59 1.07
N VAL H 117 27.26 3.96 0.02
CA VAL H 117 26.47 3.71 -1.19
C VAL H 117 26.70 2.28 -1.69
N ARG H 118 25.65 1.64 -2.18
CA ARG H 118 25.76 0.33 -2.79
C ARG H 118 25.56 0.43 -4.29
N ARG H 119 26.61 0.10 -5.05
CA ARG H 119 26.55 0.16 -6.50
C ARG H 119 25.57 -0.87 -7.03
N ARG H 120 24.59 -0.41 -7.80
CA ARG H 120 23.54 -1.27 -8.35
C ARG H 120 23.31 -0.95 -9.83
N GLY H 121 24.41 -0.77 -10.55
CA GLY H 121 24.35 -0.41 -11.97
C GLY H 121 25.70 0.05 -12.49
N ASP H 122 25.73 0.42 -13.76
CA ASP H 122 26.97 0.82 -14.43
C ASP H 122 27.47 2.18 -13.93
N SER H 123 26.53 3.07 -13.61
CA SER H 123 26.86 4.44 -13.22
C SER H 123 25.85 4.96 -12.18
N ARG H 124 25.52 4.09 -11.23
CA ARG H 124 24.42 4.34 -10.31
C ARG H 124 24.55 3.50 -9.03
N GLY H 125 24.29 4.13 -7.88
CA GLY H 125 24.26 3.45 -6.59
C GLY H 125 23.16 3.97 -5.68
N SER H 126 22.82 3.18 -4.66
CA SER H 126 21.77 3.53 -3.69
C SER H 126 22.36 3.84 -2.32
N LEU H 127 21.87 4.92 -1.70
CA LEU H 127 22.28 5.25 -0.34
C LEU H 127 21.76 4.18 0.61
N LEU H 128 22.62 3.72 1.51
CA LEU H 128 22.25 2.65 2.44
C LEU H 128 21.26 3.16 3.50
N SER H 129 21.35 4.44 3.83
CA SER H 129 20.32 5.12 4.63
C SER H 129 20.08 6.55 4.10
N PRO H 130 18.97 6.74 3.37
CA PRO H 130 18.63 8.03 2.77
C PRO H 130 18.84 9.25 3.68
N ARG H 131 19.15 10.40 3.09
CA ARG H 131 19.37 11.64 3.81
C ARG H 131 18.71 12.79 3.07
N PRO H 132 18.50 13.93 3.78
CA PRO H 132 18.09 15.17 3.12
C PRO H 132 19.04 15.56 2.01
N VAL H 133 18.49 15.88 0.85
CA VAL H 133 19.27 16.27 -0.34
C VAL H 133 20.40 17.27 -0.06
N SER H 134 20.21 18.15 0.93
CA SER H 134 21.25 19.08 1.36
C SER H 134 22.62 18.42 1.62
N TYR H 135 22.59 17.21 2.17
CA TYR H 135 23.82 16.44 2.40
C TYR H 135 24.64 16.23 1.11
N LEU H 136 23.94 16.15 -0.03
CA LEU H 136 24.58 15.91 -1.32
C LEU H 136 24.76 17.16 -2.17
N LYS H 137 23.84 18.13 -2.06
CA LYS H 137 23.86 19.33 -2.92
C LYS H 137 25.16 20.11 -2.75
N GLY H 138 25.83 20.39 -3.87
CA GLY H 138 27.15 21.04 -3.85
C GLY H 138 28.33 20.06 -3.81
N SER H 139 28.05 18.77 -3.72
CA SER H 139 29.10 17.76 -3.67
C SER H 139 29.38 17.12 -5.04
N SER H 140 28.84 17.68 -6.12
CA SER H 140 29.08 17.13 -7.45
C SER H 140 30.55 17.27 -7.84
N GLY H 141 31.06 16.26 -8.54
CA GLY H 141 32.50 16.19 -8.86
C GLY H 141 33.29 15.54 -7.75
N GLY H 142 32.64 15.26 -6.62
CA GLY H 142 33.26 14.56 -5.53
C GLY H 142 33.43 13.09 -5.89
N PRO H 143 34.25 12.37 -5.12
CA PRO H 143 34.55 10.99 -5.42
C PRO H 143 33.58 9.98 -4.81
N LEU H 144 33.35 8.90 -5.54
CA LEU H 144 32.79 7.69 -4.97
C LEU H 144 33.95 6.71 -4.82
N LEU H 145 34.20 6.27 -3.58
CA LEU H 145 35.36 5.46 -3.27
C LEU H 145 35.00 4.01 -3.02
N CYS H 146 35.91 3.10 -3.36
CA CYS H 146 35.79 1.69 -2.98
C CYS H 146 36.29 1.55 -1.54
N PRO H 147 36.11 0.38 -0.92
CA PRO H 147 36.57 0.22 0.47
C PRO H 147 38.05 0.53 0.66
N SER H 148 38.87 0.21 -0.34
CA SER H 148 40.31 0.45 -0.30
C SER H 148 40.70 1.93 -0.44
N GLY H 149 39.76 2.77 -0.88
CA GLY H 149 39.99 4.20 -1.03
C GLY H 149 40.27 4.64 -2.46
N HIS H 150 40.03 3.74 -3.42
CA HIS H 150 40.34 3.99 -4.83
C HIS H 150 39.10 4.50 -5.59
N ALA H 151 39.35 5.26 -6.66
CA ALA H 151 38.29 5.96 -7.39
C ALA H 151 37.49 5.04 -8.32
N VAL H 152 36.17 4.98 -8.13
CA VAL H 152 35.27 4.23 -9.00
C VAL H 152 34.50 5.14 -9.97
N GLY H 153 34.33 6.41 -9.58
CA GLY H 153 33.60 7.39 -10.39
C GLY H 153 33.29 8.65 -9.62
N ILE H 154 32.88 9.70 -10.30
CA ILE H 154 32.60 10.98 -9.63
C ILE H 154 31.09 11.34 -9.62
N PHE H 155 30.67 11.92 -8.50
CA PHE H 155 29.26 12.19 -8.21
C PHE H 155 28.67 13.25 -9.13
N ARG H 156 27.58 12.90 -9.80
CA ARG H 156 27.05 13.69 -10.90
C ARG H 156 25.65 14.23 -10.61
N ALA H 157 24.76 13.35 -10.16
CA ALA H 157 23.34 13.72 -9.92
C ALA H 157 22.70 12.76 -8.92
N ALA H 158 21.63 13.19 -8.26
CA ALA H 158 20.98 12.37 -7.23
C ALA H 158 19.47 12.22 -7.46
N VAL H 159 18.92 11.14 -6.92
CA VAL H 159 17.50 10.82 -7.06
C VAL H 159 16.82 11.10 -5.72
N CYS H 160 15.86 12.03 -5.73
CA CYS H 160 15.20 12.45 -4.50
C CYS H 160 13.70 12.51 -4.68
N THR H 161 12.99 12.36 -3.56
CA THR H 161 11.57 12.63 -3.54
C THR H 161 11.26 13.29 -2.22
N ARG H 162 10.43 14.33 -2.24
CA ARG H 162 10.12 15.13 -1.04
C ARG H 162 11.37 15.73 -0.38
N GLY H 163 12.43 15.92 -1.15
CA GLY H 163 13.65 16.51 -0.64
C GLY H 163 14.54 15.57 0.16
N VAL H 164 14.34 14.26 -0.01
CA VAL H 164 15.25 13.26 0.55
C VAL H 164 15.92 12.50 -0.59
N ALA H 165 17.25 12.39 -0.52
CA ALA H 165 18.01 11.65 -1.51
C ALA H 165 17.99 10.16 -1.16
N LYS H 166 17.62 9.33 -2.15
CA LYS H 166 17.56 7.88 -1.99
C LYS H 166 18.65 7.13 -2.77
N ALA H 167 19.10 7.70 -3.89
CA ALA H 167 20.11 7.06 -4.75
C ALA H 167 20.94 8.12 -5.49
N VAL H 168 22.07 7.70 -6.04
CA VAL H 168 22.99 8.62 -6.76
C VAL H 168 23.45 8.12 -8.13
N ASP H 169 23.86 9.07 -8.96
CA ASP H 169 24.33 8.84 -10.33
C ASP H 169 25.74 9.40 -10.44
N PHE H 170 26.62 8.69 -11.12
CA PHE H 170 28.03 9.09 -11.23
C PHE H 170 28.68 8.66 -12.55
N VAL H 171 29.66 9.44 -13.00
CA VAL H 171 30.47 9.07 -14.16
C VAL H 171 31.45 7.99 -13.71
N PRO H 172 31.40 6.80 -14.32
CA PRO H 172 32.34 5.74 -13.97
C PRO H 172 33.78 6.09 -14.32
N VAL H 173 34.73 5.52 -13.59
CA VAL H 173 36.15 5.74 -13.87
C VAL H 173 36.57 5.22 -15.25
N GLU H 174 35.77 4.34 -15.84
CA GLU H 174 36.01 3.85 -17.21
C GLU H 174 35.70 4.92 -18.25
N SER H 175 34.55 5.58 -18.11
CA SER H 175 34.14 6.64 -19.04
C SER H 175 35.21 7.71 -19.21
N MET H 176 35.89 8.03 -18.13
CA MET H 176 36.99 9.01 -18.15
C MET H 176 38.11 8.52 -19.05
N GLU H 177 38.42 7.22 -18.98
CA GLU H 177 39.47 6.61 -19.80
C GLU H 177 39.08 6.51 -21.28
N THR H 178 37.79 6.56 -21.57
CA THR H 178 37.28 6.65 -22.93
C THR H 178 37.43 8.07 -23.46
N THR H 179 37.00 9.04 -22.65
CA THR H 179 37.14 10.46 -22.97
C THR H 179 38.61 10.86 -23.14
N MET H 180 39.48 10.27 -22.33
CA MET H 180 40.92 10.57 -22.40
C MET H 180 41.53 10.12 -23.72
N ARG H 181 41.16 8.91 -24.16
CA ARG H 181 41.60 8.40 -25.46
C ARG H 181 40.90 9.16 -26.60
N ALA H 182 39.63 9.51 -26.39
CA ALA H 182 38.85 10.24 -27.39
C ALA H 182 39.53 11.53 -27.81
N SER H 183 39.74 12.44 -26.85
CA SER H 183 40.41 13.72 -27.13
C SER H 183 41.91 13.50 -27.40
N LYS H 188 34.04 34.18 -18.90
CA LYS H 188 35.29 34.91 -18.72
C LYS H 188 36.07 34.43 -17.51
N GLY H 189 35.37 34.07 -16.43
CA GLY H 189 36.01 33.68 -15.19
C GLY H 189 36.64 32.30 -15.21
N SER H 190 37.73 32.14 -14.47
CA SER H 190 38.34 30.84 -14.23
C SER H 190 37.70 30.20 -13.00
N VAL H 191 37.63 28.88 -13.02
CA VAL H 191 37.29 28.11 -11.83
C VAL H 191 38.47 28.20 -10.85
N VAL H 192 38.15 28.26 -9.56
CA VAL H 192 39.14 28.44 -8.50
C VAL H 192 38.93 27.42 -7.40
N ILE H 193 40.04 26.98 -6.80
CA ILE H 193 40.01 26.13 -5.62
C ILE H 193 39.86 26.99 -4.38
N VAL H 194 38.73 26.82 -3.68
CA VAL H 194 38.42 27.60 -2.48
C VAL H 194 38.66 26.81 -1.19
N GLY H 195 38.93 25.53 -1.31
CA GLY H 195 39.25 24.69 -0.17
C GLY H 195 39.56 23.28 -0.62
N ARG H 196 39.71 22.37 0.33
CA ARG H 196 39.96 20.96 0.01
C ARG H 196 39.33 20.02 1.04
N ILE H 197 39.41 18.73 0.76
CA ILE H 197 38.88 17.67 1.62
C ILE H 197 39.93 16.56 1.72
N ILE H 198 40.57 16.47 2.89
CA ILE H 198 41.64 15.48 3.12
C ILE H 198 41.06 14.10 3.43
N LEU H 199 41.62 13.07 2.83
CA LEU H 199 41.14 11.69 3.02
C LEU H 199 42.13 10.86 3.83
N SER H 200 41.73 9.64 4.22
CA SER H 200 42.61 8.75 5.00
C SER H 200 41.95 7.39 5.26
N ALA I 2 -5.17 17.33 56.39
CA ALA I 2 -5.55 17.30 54.94
C ALA I 2 -7.05 17.06 54.75
N PRO I 3 -7.81 18.07 54.28
CA PRO I 3 -9.24 17.82 54.01
C PRO I 3 -9.49 16.64 53.05
N ILE I 4 -8.43 16.14 52.43
CA ILE I 4 -8.50 14.92 51.62
C ILE I 4 -8.24 13.69 52.48
N THR I 5 -9.12 12.70 52.38
CA THR I 5 -9.06 11.49 53.20
C THR I 5 -9.45 10.25 52.38
N ALA I 6 -8.81 9.12 52.68
CA ALA I 6 -8.93 7.91 51.85
C ALA I 6 -9.03 6.61 52.66
N TYR I 7 -9.58 5.58 52.01
CA TYR I 7 -9.58 4.21 52.55
C TYR I 7 -9.82 3.20 51.41
N SER I 8 -9.26 2.00 51.57
CA SER I 8 -9.23 1.01 50.50
C SER I 8 -10.16 -0.17 50.76
N GLN I 9 -10.83 -0.63 49.70
CA GLN I 9 -11.65 -1.83 49.75
C GLN I 9 -11.10 -2.85 48.76
N GLN I 10 -10.64 -4.00 49.24
CA GLN I 10 -10.21 -5.07 48.32
C GLN I 10 -11.45 -5.80 47.84
N THR I 11 -11.52 -6.06 46.54
CA THR I 11 -12.68 -6.70 45.93
C THR I 11 -12.35 -8.06 45.30
N ARG I 12 -11.08 -8.42 45.21
CA ARG I 12 -10.70 -9.71 44.60
C ARG I 12 -9.46 -10.32 45.21
N GLY I 13 -9.45 -11.65 45.26
CA GLY I 13 -8.26 -12.43 45.59
C GLY I 13 -7.48 -12.70 44.32
N LEU I 14 -6.37 -13.42 44.46
CA LEU I 14 -5.49 -13.73 43.34
C LEU I 14 -6.17 -14.63 42.32
N LEU I 15 -6.91 -15.64 42.78
CA LEU I 15 -7.60 -16.57 41.88
C LEU I 15 -8.64 -15.88 41.00
N GLY I 16 -9.54 -15.12 41.63
CA GLY I 16 -10.54 -14.34 40.90
C GLY I 16 -9.89 -13.34 39.96
N CYS I 17 -8.75 -12.80 40.38
CA CYS I 17 -7.93 -11.96 39.51
C CYS I 17 -7.43 -12.75 38.30
N ILE I 18 -6.83 -13.91 38.54
CA ILE I 18 -6.30 -14.75 37.46
C ILE I 18 -7.37 -15.09 36.43
N ILE I 19 -8.55 -15.50 36.92
CA ILE I 19 -9.66 -15.88 36.05
C ILE I 19 -10.11 -14.69 35.19
N THR I 20 -10.38 -13.58 35.87
CA THR I 20 -10.86 -12.36 35.22
C THR I 20 -9.86 -11.83 34.20
N SER I 21 -8.56 -12.04 34.45
CA SER I 21 -7.53 -11.64 33.50
C SER I 21 -7.62 -12.46 32.22
N LEU I 22 -7.71 -13.79 32.37
CA LEU I 22 -7.89 -14.72 31.24
C LEU I 22 -9.15 -14.43 30.43
N THR I 23 -10.29 -14.41 31.13
CA THR I 23 -11.59 -14.15 30.51
C THR I 23 -11.68 -12.72 30.01
N GLY I 24 -11.05 -11.78 30.73
CA GLY I 24 -11.14 -10.36 30.39
C GLY I 24 -12.56 -9.83 30.55
N ARG I 25 -13.25 -10.31 31.59
CA ARG I 25 -14.64 -9.95 31.81
C ARG I 25 -14.96 -9.78 33.29
N ASP I 26 -15.00 -8.53 33.75
CA ASP I 26 -15.27 -8.18 35.14
C ASP I 26 -16.73 -7.77 35.31
N ARG I 27 -17.53 -8.63 35.95
CA ARG I 27 -18.94 -8.35 36.18
C ARG I 27 -19.23 -7.67 37.53
N ASN I 28 -18.18 -7.32 38.27
CA ASN I 28 -18.34 -6.66 39.57
C ASN I 28 -18.66 -5.18 39.43
N GLN I 29 -19.43 -4.65 40.37
CA GLN I 29 -19.81 -3.24 40.38
C GLN I 29 -18.57 -2.37 40.62
N VAL I 30 -18.33 -1.40 39.74
CA VAL I 30 -17.20 -0.48 39.89
C VAL I 30 -17.60 0.74 40.73
N GLU I 31 -16.74 1.13 41.67
CA GLU I 31 -17.01 2.25 42.59
C GLU I 31 -15.70 2.97 42.95
N GLY I 32 -15.79 4.22 43.35
CA GLY I 32 -14.61 4.99 43.78
C GLY I 32 -13.82 5.64 42.66
N GLU I 33 -12.90 6.52 43.04
CA GLU I 33 -12.17 7.35 42.09
C GLU I 33 -10.88 6.66 41.66
N VAL I 34 -10.23 5.99 42.59
CA VAL I 34 -9.01 5.26 42.31
C VAL I 34 -9.30 3.77 42.38
N GLN I 35 -8.86 3.04 41.35
CA GLN I 35 -9.00 1.61 41.30
C GLN I 35 -7.66 0.94 41.55
N VAL I 36 -7.63 0.01 42.51
CA VAL I 36 -6.50 -0.89 42.67
C VAL I 36 -6.64 -1.90 41.55
N VAL I 37 -5.51 -2.23 40.95
CA VAL I 37 -5.50 -2.91 39.68
C VAL I 37 -4.34 -3.87 39.68
N SER I 38 -4.40 -4.89 38.83
CA SER I 38 -3.38 -5.92 38.86
C SER I 38 -3.40 -6.80 37.62
N THR I 39 -2.21 -7.07 37.09
CA THR I 39 -2.01 -8.20 36.19
C THR I 39 -2.00 -9.43 37.09
N ALA I 40 -1.72 -10.60 36.54
CA ALA I 40 -1.54 -11.76 37.39
C ALA I 40 -0.31 -11.61 38.27
N THR I 41 0.74 -10.99 37.72
CA THR I 41 2.07 -11.03 38.34
C THR I 41 2.48 -9.77 39.11
N GLN I 42 1.81 -8.64 38.86
CA GLN I 42 2.10 -7.41 39.61
C GLN I 42 0.84 -6.55 39.81
N SER I 43 0.83 -5.78 40.90
CA SER I 43 -0.30 -4.92 41.25
C SER I 43 0.12 -3.46 41.35
N PHE I 44 -0.79 -2.56 41.02
CA PHE I 44 -0.53 -1.12 41.04
C PHE I 44 -1.87 -0.37 40.99
N LEU I 45 -1.84 0.95 40.79
CA LEU I 45 -3.05 1.77 40.84
C LEU I 45 -3.47 2.31 39.46
N ALA I 46 -4.72 2.73 39.38
CA ALA I 46 -5.24 3.42 38.20
C ALA I 46 -6.14 4.58 38.65
N THR I 47 -5.92 5.77 38.08
CA THR I 47 -6.62 6.99 38.49
C THR I 47 -7.54 7.49 37.38
N CYS I 48 -8.78 7.83 37.74
CA CYS I 48 -9.78 8.26 36.77
C CYS I 48 -9.91 9.77 36.68
N VAL I 49 -9.75 10.31 35.49
CA VAL I 49 -9.86 11.75 35.25
C VAL I 49 -10.52 12.02 33.90
N ASN I 50 -11.48 12.94 33.87
CA ASN I 50 -12.21 13.26 32.65
C ASN I 50 -12.76 12.01 31.95
N GLY I 51 -13.32 11.09 32.74
CA GLY I 51 -13.93 9.88 32.20
C GLY I 51 -12.94 8.83 31.71
N VAL I 52 -11.66 9.15 31.69
CA VAL I 52 -10.63 8.21 31.29
C VAL I 52 -10.02 7.63 32.56
N CYS I 53 -9.60 6.38 32.47
CA CYS I 53 -9.02 5.65 33.57
C CYS I 53 -7.52 5.43 33.33
N TRP I 54 -6.71 6.32 33.88
CA TRP I 54 -5.27 6.37 33.57
C TRP I 54 -4.39 5.51 34.46
N THR I 55 -3.32 5.00 33.88
CA THR I 55 -2.29 4.30 34.65
C THR I 55 -0.93 4.27 33.90
N VAL I 56 0.02 3.53 34.46
CA VAL I 56 1.40 3.48 33.94
C VAL I 56 1.62 2.30 32.99
N TYR I 57 2.40 2.54 31.94
CA TYR I 57 2.73 1.49 30.98
C TYR I 57 3.61 0.45 31.64
N HIS I 58 4.49 0.88 32.55
CA HIS I 58 5.41 -0.04 33.24
C HIS I 58 4.70 -1.02 34.17
N GLY I 59 3.41 -0.77 34.42
CA GLY I 59 2.54 -1.72 35.12
C GLY I 59 1.62 -2.47 34.19
N ALA I 60 0.91 -1.74 33.33
CA ALA I 60 -0.17 -2.30 32.51
C ALA I 60 0.26 -2.75 31.12
N GLY I 61 1.43 -2.32 30.67
CA GLY I 61 1.86 -2.59 29.29
C GLY I 61 0.79 -2.15 28.31
N SER I 62 0.60 -2.92 27.25
CA SER I 62 -0.42 -2.62 26.24
C SER I 62 -1.71 -3.40 26.46
N LYS I 63 -1.86 -3.97 27.67
CA LYS I 63 -2.96 -4.89 27.97
C LYS I 63 -4.31 -4.20 27.99
N THR I 64 -5.34 -4.99 27.73
CA THR I 64 -6.72 -4.52 27.81
C THR I 64 -7.12 -4.47 29.28
N LEU I 65 -8.28 -3.87 29.56
CA LEU I 65 -8.85 -3.86 30.90
C LEU I 65 -10.12 -4.73 30.90
N ALA I 66 -10.20 -5.69 31.81
CA ALA I 66 -11.38 -6.56 31.89
C ALA I 66 -12.61 -5.71 32.23
N GLY I 67 -13.64 -5.81 31.39
CA GLY I 67 -14.82 -4.96 31.52
C GLY I 67 -16.12 -5.75 31.53
N PRO I 68 -17.22 -5.11 31.95
CA PRO I 68 -18.50 -5.80 32.14
C PRO I 68 -18.93 -6.59 30.92
N LYS I 69 -18.85 -5.98 29.75
CA LYS I 69 -19.27 -6.62 28.50
C LYS I 69 -18.08 -7.07 27.65
N GLY I 70 -16.95 -7.33 28.29
CA GLY I 70 -15.75 -7.78 27.58
C GLY I 70 -14.56 -6.94 27.94
N PRO I 71 -13.36 -7.32 27.43
CA PRO I 71 -12.13 -6.58 27.70
C PRO I 71 -12.09 -5.25 26.95
N ILE I 72 -11.36 -4.28 27.51
CA ILE I 72 -11.39 -2.91 27.01
C ILE I 72 -10.01 -2.54 26.46
N THR I 73 -9.96 -2.19 25.17
CA THR I 73 -8.72 -1.78 24.54
C THR I 73 -8.28 -0.42 25.10
N GLN I 74 -6.97 -0.21 25.19
CA GLN I 74 -6.43 1.05 25.69
C GLN I 74 -6.80 2.16 24.73
N MET I 75 -7.48 3.19 25.24
CA MET I 75 -7.89 4.31 24.41
C MET I 75 -6.73 5.29 24.21
N TYR I 76 -5.76 5.25 25.11
CA TYR I 76 -4.54 6.05 24.97
C TYR I 76 -3.35 5.24 25.45
N THR I 77 -2.19 5.47 24.84
CA THR I 77 -0.98 4.73 25.16
C THR I 77 0.24 5.56 24.75
N ASN I 78 1.02 5.96 25.75
CA ASN I 78 2.20 6.79 25.55
C ASN I 78 3.37 6.24 26.37
N VAL I 79 4.25 5.50 25.70
CA VAL I 79 5.30 4.75 26.39
C VAL I 79 6.41 5.67 26.88
N ASP I 80 6.68 6.73 26.12
CA ASP I 80 7.68 7.73 26.50
C ASP I 80 7.33 8.33 27.85
N GLN I 81 6.07 8.73 28.00
CA GLN I 81 5.58 9.32 29.23
C GLN I 81 5.14 8.26 30.26
N ASP I 82 5.28 6.97 29.92
CA ASP I 82 4.91 5.88 30.81
C ASP I 82 3.45 6.06 31.24
N LEU I 83 2.55 5.97 30.27
CA LEU I 83 1.14 6.31 30.48
C LEU I 83 0.22 5.54 29.54
N VAL I 84 -0.87 5.01 30.09
CA VAL I 84 -1.92 4.36 29.29
C VAL I 84 -3.29 4.67 29.89
N GLY I 85 -4.33 4.65 29.07
CA GLY I 85 -5.68 4.99 29.52
C GLY I 85 -6.79 4.20 28.84
N TRP I 86 -7.73 3.70 29.64
CA TRP I 86 -8.93 3.02 29.13
C TRP I 86 -10.17 3.84 29.39
N GLN I 87 -11.14 3.77 28.47
CA GLN I 87 -12.49 4.22 28.76
C GLN I 87 -12.85 3.79 30.18
N ALA I 88 -13.09 4.76 31.08
CA ALA I 88 -13.41 4.42 32.47
C ALA I 88 -14.76 3.70 32.54
N PRO I 89 -14.76 2.46 33.06
CA PRO I 89 -15.97 1.64 33.00
C PRO I 89 -17.11 2.24 33.83
N PRO I 90 -18.36 1.97 33.43
CA PRO I 90 -19.51 2.55 34.14
C PRO I 90 -19.46 2.27 35.65
N GLY I 91 -19.75 3.28 36.46
CA GLY I 91 -19.70 3.16 37.92
C GLY I 91 -18.44 3.74 38.55
N ALA I 92 -17.34 3.76 37.79
CA ALA I 92 -16.11 4.39 38.24
C ALA I 92 -16.28 5.91 38.28
N ARG I 93 -16.01 6.52 39.43
CA ARG I 93 -16.09 7.97 39.59
C ARG I 93 -14.80 8.60 39.08
N SER I 94 -14.91 9.82 38.57
CA SER I 94 -13.77 10.50 37.95
C SER I 94 -13.37 11.76 38.73
N LEU I 95 -12.07 11.90 38.95
CA LEU I 95 -11.51 13.14 39.47
C LEU I 95 -11.55 14.19 38.37
N THR I 96 -11.41 15.46 38.76
CA THR I 96 -11.41 16.54 37.78
C THR I 96 -10.10 17.34 37.89
N PRO I 97 -9.42 17.58 36.74
CA PRO I 97 -8.08 18.16 36.70
C PRO I 97 -7.89 19.43 37.54
N CYS I 98 -6.71 19.57 38.12
CA CYS I 98 -6.40 20.72 38.98
C CYS I 98 -6.17 21.98 38.17
N THR I 99 -6.61 23.11 38.71
CA THR I 99 -6.50 24.40 38.04
C THR I 99 -5.91 25.49 38.94
N CYS I 100 -5.77 25.23 40.24
CA CYS I 100 -5.35 26.27 41.19
C CYS I 100 -3.83 26.47 41.18
N GLY I 101 -3.10 25.54 40.59
CA GLY I 101 -1.64 25.67 40.46
C GLY I 101 -0.91 25.56 41.78
N SER I 102 -1.50 24.85 42.74
CA SER I 102 -0.91 24.71 44.08
C SER I 102 0.31 23.79 44.05
N SER I 103 1.35 24.17 44.81
CA SER I 103 2.54 23.34 44.99
C SER I 103 2.38 22.35 46.13
N ASP I 104 1.23 22.37 46.80
CA ASP I 104 0.97 21.49 47.94
C ASP I 104 0.24 20.24 47.49
N LEU I 105 1.02 19.24 47.15
CA LEU I 105 0.49 18.00 46.61
C LEU I 105 0.34 16.91 47.66
N TYR I 106 -0.53 15.96 47.37
CA TYR I 106 -0.78 14.83 48.25
C TYR I 106 -0.85 13.56 47.40
N LEU I 107 0.12 12.67 47.57
CA LEU I 107 0.15 11.39 46.86
C LEU I 107 -0.62 10.35 47.66
N VAL I 108 -1.59 9.71 47.02
CA VAL I 108 -2.34 8.63 47.64
C VAL I 108 -1.68 7.30 47.28
N THR I 109 -1.55 6.40 48.26
CA THR I 109 -0.91 5.09 48.05
C THR I 109 -1.92 3.95 48.00
N ARG I 110 -1.49 2.81 47.48
CA ARG I 110 -2.35 1.63 47.45
C ARG I 110 -2.87 1.27 48.83
N HIS I 111 -2.13 1.67 49.86
CA HIS I 111 -2.51 1.40 51.24
C HIS I 111 -3.39 2.50 51.85
N ALA I 112 -3.87 3.42 51.02
CA ALA I 112 -4.75 4.53 51.45
C ALA I 112 -4.10 5.52 52.43
N ASP I 113 -2.77 5.59 52.43
CA ASP I 113 -2.05 6.66 53.09
C ASP I 113 -2.10 7.88 52.19
N VAL I 114 -2.38 9.04 52.76
CA VAL I 114 -2.28 10.32 52.07
C VAL I 114 -0.92 10.95 52.43
N ILE I 115 0.02 10.95 51.48
CA ILE I 115 1.38 11.39 51.75
C ILE I 115 1.64 12.81 51.21
N PRO I 116 1.88 13.79 52.11
CA PRO I 116 2.20 15.15 51.68
C PRO I 116 3.46 15.24 50.81
N VAL I 117 3.33 15.96 49.69
CA VAL I 117 4.41 16.19 48.74
C VAL I 117 4.41 17.66 48.35
N ARG I 118 5.58 18.29 48.35
CA ARG I 118 5.72 19.64 47.82
C ARG I 118 6.15 19.57 46.35
N ARG I 119 5.41 20.26 45.48
CA ARG I 119 5.75 20.32 44.06
C ARG I 119 6.98 21.19 43.89
N ARG I 120 8.01 20.62 43.28
CA ARG I 120 9.27 21.32 43.04
C ARG I 120 9.68 21.07 41.60
N GLY I 121 8.69 21.00 40.71
CA GLY I 121 8.90 20.58 39.35
C GLY I 121 7.62 20.52 38.55
N ASP I 122 7.77 20.53 37.23
CA ASP I 122 6.66 20.34 36.32
C ASP I 122 6.13 18.90 36.40
N SER I 123 7.04 17.96 36.64
CA SER I 123 6.69 16.54 36.78
C SER I 123 7.39 15.90 38.00
N ARG I 124 7.65 16.70 39.02
CA ARG I 124 8.48 16.27 40.14
C ARG I 124 8.09 16.98 41.43
N GLY I 125 8.22 16.27 42.55
CA GLY I 125 7.92 16.83 43.87
C GLY I 125 8.59 16.05 44.98
N SER I 126 8.82 16.71 46.12
CA SER I 126 9.50 16.08 47.24
C SER I 126 8.54 15.87 48.41
N LEU I 127 8.76 14.77 49.15
CA LEU I 127 8.00 14.47 50.35
C LEU I 127 8.39 15.45 51.42
N LEU I 128 7.43 15.80 52.26
CA LEU I 128 7.71 16.68 53.40
C LEU I 128 8.48 15.88 54.44
N SER I 129 8.11 14.62 54.63
CA SER I 129 8.82 13.72 55.52
C SER I 129 9.06 12.37 54.84
N PRO I 130 10.31 12.11 54.40
CA PRO I 130 10.69 10.86 53.75
C PRO I 130 10.22 9.60 54.50
N ARG I 131 9.79 8.60 53.73
CA ARG I 131 9.34 7.32 54.26
C ARG I 131 10.12 6.17 53.61
N PRO I 132 10.09 4.98 54.24
CA PRO I 132 10.57 3.77 53.61
C PRO I 132 9.92 3.56 52.25
N VAL I 133 10.72 3.21 51.27
CA VAL I 133 10.24 3.04 49.89
C VAL I 133 9.01 2.12 49.79
N SER I 134 8.87 1.17 50.72
CA SER I 134 7.71 0.28 50.76
C SER I 134 6.37 1.02 50.82
N TYR I 135 6.37 2.17 51.49
CA TYR I 135 5.20 3.07 51.51
C TYR I 135 4.70 3.39 50.10
N LEU I 136 5.63 3.55 49.16
CA LEU I 136 5.29 3.94 47.80
C LEU I 136 5.18 2.77 46.83
N LYS I 137 5.99 1.73 47.01
CA LYS I 137 6.04 0.62 46.06
C LYS I 137 4.65 -0.02 45.89
N GLY I 138 4.23 -0.15 44.65
CA GLY I 138 2.90 -0.63 44.31
C GLY I 138 1.88 0.46 44.05
N SER I 139 2.25 1.72 44.29
CA SER I 139 1.33 2.86 44.12
C SER I 139 1.50 3.62 42.78
N SER I 140 2.35 3.14 41.87
CA SER I 140 2.44 3.75 40.55
C SER I 140 1.06 3.79 39.91
N GLY I 141 0.77 4.89 39.22
CA GLY I 141 -0.57 5.15 38.68
C GLY I 141 -1.49 5.84 39.68
N GLY I 142 -0.99 6.05 40.90
CA GLY I 142 -1.77 6.68 41.96
C GLY I 142 -1.86 8.18 41.76
N PRO I 143 -2.91 8.81 42.30
CA PRO I 143 -3.08 10.24 42.08
C PRO I 143 -2.21 11.13 42.96
N LEU I 144 -1.70 12.22 42.38
CA LEU I 144 -1.19 13.35 43.15
C LEU I 144 -2.27 14.42 43.15
N LEU I 145 -2.67 14.85 44.35
CA LEU I 145 -3.83 15.74 44.48
C LEU I 145 -3.41 17.07 45.07
N CYS I 146 -4.04 18.15 44.59
CA CYS I 146 -3.89 19.47 45.19
C CYS I 146 -4.80 19.53 46.42
N PRO I 147 -4.65 20.57 47.27
CA PRO I 147 -5.42 20.62 48.52
C PRO I 147 -6.94 20.63 48.34
N SER I 148 -7.41 20.92 47.13
CA SER I 148 -8.84 20.87 46.81
C SER I 148 -9.29 19.50 46.27
N GLY I 149 -8.37 18.55 46.16
CA GLY I 149 -8.71 17.20 45.73
C GLY I 149 -8.84 17.04 44.22
N HIS I 150 -8.23 17.95 43.47
CA HIS I 150 -8.18 17.83 42.02
C HIS I 150 -6.91 17.11 41.61
N ALA I 151 -6.92 16.54 40.40
CA ALA I 151 -5.81 15.72 39.89
C ALA I 151 -4.76 16.58 39.18
N VAL I 152 -3.52 16.56 39.67
CA VAL I 152 -2.41 17.31 39.05
C VAL I 152 -1.54 16.40 38.19
N GLY I 153 -1.46 15.12 38.57
CA GLY I 153 -0.70 14.14 37.80
C GLY I 153 -0.72 12.80 38.49
N ILE I 154 -0.34 11.74 37.78
CA ILE I 154 -0.32 10.41 38.38
C ILE I 154 1.11 9.88 38.61
N PHE I 155 1.26 9.12 39.69
CA PHE I 155 2.55 8.68 40.23
C PHE I 155 3.29 7.75 39.26
N ARG I 156 4.56 8.04 39.01
CA ARG I 156 5.32 7.34 37.98
C ARG I 156 6.55 6.61 38.55
N ALA I 157 7.40 7.35 39.25
CA ALA I 157 8.63 6.78 39.83
C ALA I 157 9.03 7.55 41.07
N ALA I 158 10.05 7.06 41.79
CA ALA I 158 10.50 7.73 43.01
C ALA I 158 12.02 7.76 43.16
N VAL I 159 12.51 8.78 43.86
CA VAL I 159 13.95 8.97 44.12
C VAL I 159 14.27 8.40 45.50
N CYS I 160 15.23 7.47 45.57
CA CYS I 160 15.55 6.77 46.82
C CYS I 160 17.04 6.63 47.12
N THR I 161 17.39 6.80 48.39
CA THR I 161 18.75 6.54 48.88
C THR I 161 18.65 5.66 50.13
N ARG I 162 19.21 4.46 50.06
CA ARG I 162 19.21 3.52 51.20
C ARG I 162 17.81 3.06 51.59
N GLY I 163 16.95 2.86 50.60
CA GLY I 163 15.58 2.42 50.84
C GLY I 163 14.63 3.47 51.41
N VAL I 164 15.05 4.74 51.46
CA VAL I 164 14.15 5.81 51.90
C VAL I 164 13.83 6.80 50.77
N ALA I 165 12.55 6.86 50.43
CA ALA I 165 12.06 7.72 49.35
C ALA I 165 12.05 9.16 49.81
N LYS I 166 12.74 10.01 49.05
CA LYS I 166 12.79 11.44 49.34
C LYS I 166 11.91 12.26 48.38
N ALA I 167 11.89 11.86 47.10
CA ALA I 167 11.12 12.56 46.07
C ALA I 167 10.38 11.61 45.15
N VAL I 168 9.39 12.15 44.43
CA VAL I 168 8.59 11.38 43.49
C VAL I 168 8.60 12.01 42.09
N ASP I 169 8.32 11.18 41.09
CA ASP I 169 8.15 11.61 39.71
C ASP I 169 6.73 11.27 39.28
N PHE I 170 6.07 12.17 38.56
CA PHE I 170 4.68 11.95 38.13
C PHE I 170 4.40 12.54 36.76
N VAL I 171 3.42 11.95 36.06
CA VAL I 171 2.94 12.46 34.78
C VAL I 171 1.99 13.63 35.03
N PRO I 172 2.33 14.84 34.54
CA PRO I 172 1.41 15.96 34.75
C PRO I 172 0.09 15.74 34.03
N VAL I 173 -0.98 16.36 34.52
CA VAL I 173 -2.30 16.22 33.91
C VAL I 173 -2.36 16.87 32.52
N GLU I 174 -1.45 17.81 32.27
CA GLU I 174 -1.35 18.45 30.96
C GLU I 174 -0.93 17.43 29.92
N SER I 175 0.15 16.70 30.23
CA SER I 175 0.67 15.66 29.34
C SER I 175 -0.39 14.63 28.93
N MET I 176 -1.47 14.54 29.69
CA MET I 176 -2.59 13.66 29.38
C MET I 176 -3.47 14.25 28.27
N GLU I 177 -3.72 15.55 28.33
CA GLU I 177 -4.35 16.25 27.21
C GLU I 177 -3.43 16.24 25.99
N THR I 178 -2.12 16.30 26.26
CA THR I 178 -1.10 16.19 25.22
C THR I 178 -1.16 14.81 24.57
N THR I 179 -1.38 13.77 25.38
CA THR I 179 -1.62 12.42 24.88
C THR I 179 -2.97 12.36 24.14
N MET I 180 -4.01 12.92 24.77
CA MET I 180 -5.38 12.83 24.24
C MET I 180 -5.57 13.56 22.91
N ARG I 181 -4.91 14.70 22.72
CA ARG I 181 -4.98 15.42 21.44
C ARG I 181 -4.14 14.70 20.38
N ALA I 182 -2.99 14.16 20.78
CA ALA I 182 -2.12 13.40 19.88
C ALA I 182 -2.51 11.92 19.86
N LYS I 188 -1.00 -11.49 26.78
CA LYS I 188 -2.31 -12.10 26.58
C LYS I 188 -3.36 -11.65 27.61
N GLY I 189 -2.97 -11.53 28.87
CA GLY I 189 -3.91 -11.27 29.96
C GLY I 189 -4.40 -9.83 30.04
N SER I 190 -5.62 -9.65 30.54
CA SER I 190 -6.17 -8.32 30.78
C SER I 190 -5.76 -7.82 32.17
N VAL I 191 -5.71 -6.51 32.31
CA VAL I 191 -5.52 -5.89 33.62
C VAL I 191 -6.85 -6.03 34.36
N VAL I 192 -6.77 -6.29 35.66
CA VAL I 192 -7.95 -6.56 36.46
C VAL I 192 -8.05 -5.59 37.63
N ILE I 193 -9.26 -5.11 37.89
CA ILE I 193 -9.54 -4.30 39.07
C ILE I 193 -9.73 -5.24 40.27
N VAL I 194 -8.82 -5.17 41.24
CA VAL I 194 -8.81 -6.08 42.39
C VAL I 194 -9.24 -5.38 43.69
N GLY I 195 -9.66 -4.12 43.59
CA GLY I 195 -10.07 -3.33 44.74
C GLY I 195 -10.07 -1.85 44.38
N ARG I 196 -10.48 -0.99 45.30
CA ARG I 196 -10.52 0.45 45.04
C ARG I 196 -10.26 1.33 46.26
N ILE I 197 -9.99 2.62 45.99
CA ILE I 197 -9.77 3.61 47.04
C ILE I 197 -10.77 4.72 46.87
N ILE I 198 -11.56 4.97 47.91
CA ILE I 198 -12.59 5.99 47.91
C ILE I 198 -12.02 7.23 48.59
N LEU I 199 -12.06 8.36 47.88
CA LEU I 199 -11.48 9.62 48.33
C LEU I 199 -12.55 10.53 48.93
N SER I 200 -12.15 11.72 49.39
CA SER I 200 -13.10 12.61 50.05
C SER I 200 -12.61 14.07 50.11
N GLY I 201 -13.39 14.96 49.50
CA GLY I 201 -12.95 16.31 49.17
C GLY I 201 -13.14 16.53 47.67
N ARG I 202 -13.77 17.64 47.31
CA ARG I 202 -14.12 17.94 45.92
C ARG I 202 -12.91 17.97 44.98
N ALA J 2 29.85 -22.06 62.52
CA ALA J 2 29.07 -21.45 63.64
C ALA J 2 28.31 -22.52 64.42
N PRO J 3 27.96 -22.23 65.68
CA PRO J 3 27.04 -23.11 66.39
C PRO J 3 25.66 -23.03 65.74
N ILE J 4 25.40 -21.92 65.05
CA ILE J 4 24.15 -21.69 64.38
C ILE J 4 24.22 -22.19 62.93
N THR J 5 23.38 -23.17 62.61
CA THR J 5 23.10 -23.54 61.22
C THR J 5 21.60 -23.71 61.06
N ALA J 6 21.15 -23.77 59.81
CA ALA J 6 19.72 -23.90 59.54
C ALA J 6 19.42 -24.54 58.19
N TYR J 7 18.26 -25.18 58.12
CA TYR J 7 17.71 -25.64 56.83
C TYR J 7 16.21 -25.33 56.78
N SER J 8 15.71 -25.13 55.57
CA SER J 8 14.33 -24.72 55.34
C SER J 8 13.44 -25.92 54.99
N GLN J 9 12.14 -25.74 55.16
CA GLN J 9 11.15 -26.73 54.77
C GLN J 9 9.92 -26.06 54.18
N GLN J 10 9.56 -26.44 52.96
CA GLN J 10 8.37 -25.94 52.29
C GLN J 10 7.22 -26.91 52.60
N THR J 11 6.04 -26.37 52.91
CA THR J 11 4.87 -27.17 53.26
C THR J 11 3.60 -26.83 52.45
N ARG J 12 3.70 -25.84 51.58
CA ARG J 12 2.58 -25.43 50.75
C ARG J 12 3.08 -24.90 49.43
N GLY J 13 2.24 -25.03 48.42
CA GLY J 13 2.44 -24.37 47.15
C GLY J 13 1.65 -23.09 47.18
N LEU J 14 1.68 -22.35 46.07
CA LEU J 14 0.93 -21.12 45.94
C LEU J 14 -0.57 -21.36 45.97
N LEU J 15 -1.02 -22.43 45.33
CA LEU J 15 -2.45 -22.77 45.29
C LEU J 15 -2.99 -23.03 46.68
N GLY J 16 -2.27 -23.84 47.46
CA GLY J 16 -2.63 -24.07 48.85
C GLY J 16 -2.66 -22.76 49.60
N CYS J 17 -1.61 -21.96 49.41
CA CYS J 17 -1.49 -20.64 50.04
C CYS J 17 -2.71 -19.75 49.79
N ILE J 18 -3.17 -19.71 48.55
CA ILE J 18 -4.31 -18.87 48.15
C ILE J 18 -5.59 -19.19 48.92
N ILE J 19 -5.85 -20.49 49.11
CA ILE J 19 -7.06 -20.91 49.83
C ILE J 19 -6.94 -20.64 51.31
N THR J 20 -5.86 -21.17 51.91
CA THR J 20 -5.62 -20.99 53.32
C THR J 20 -5.72 -19.51 53.68
N SER J 21 -5.23 -18.66 52.78
CA SER J 21 -5.38 -17.22 52.94
C SER J 21 -6.86 -16.81 52.88
N LEU J 22 -7.60 -17.33 51.91
CA LEU J 22 -9.03 -17.03 51.78
C LEU J 22 -9.83 -17.51 53.00
N THR J 23 -9.66 -18.79 53.33
CA THR J 23 -10.38 -19.39 54.45
C THR J 23 -9.89 -18.84 55.79
N GLY J 24 -8.58 -18.57 55.87
CA GLY J 24 -7.95 -18.19 57.13
C GLY J 24 -7.86 -19.37 58.08
N ARG J 25 -7.81 -20.58 57.52
CA ARG J 25 -7.83 -21.81 58.30
C ARG J 25 -6.64 -22.68 57.92
N ASP J 26 -5.60 -22.61 58.74
CA ASP J 26 -4.39 -23.40 58.53
C ASP J 26 -4.44 -24.62 59.44
N ARG J 27 -4.70 -25.79 58.86
CA ARG J 27 -4.77 -27.05 59.60
C ARG J 27 -3.41 -27.76 59.71
N ASN J 28 -2.37 -27.18 59.11
CA ASN J 28 -1.06 -27.81 59.09
C ASN J 28 -0.34 -27.66 60.42
N GLN J 29 0.27 -28.75 60.87
CA GLN J 29 1.02 -28.76 62.11
C GLN J 29 2.17 -27.74 62.06
N VAL J 30 2.21 -26.84 63.03
CA VAL J 30 3.20 -25.76 63.04
C VAL J 30 4.46 -26.23 63.78
N GLU J 31 5.63 -25.89 63.22
CA GLU J 31 6.91 -26.32 63.80
C GLU J 31 7.99 -25.27 63.59
N GLY J 32 9.09 -25.42 64.34
CA GLY J 32 10.25 -24.55 64.23
C GLY J 32 10.09 -23.22 64.94
N GLU J 33 11.20 -22.48 65.02
CA GLU J 33 11.23 -21.16 65.65
C GLU J 33 10.87 -20.05 64.66
N VAL J 34 11.25 -20.24 63.40
CA VAL J 34 11.00 -19.27 62.33
C VAL J 34 10.03 -19.89 61.32
N GLN J 35 9.02 -19.13 60.90
CA GLN J 35 8.05 -19.59 59.90
C GLN J 35 8.28 -18.85 58.60
N VAL J 36 8.14 -19.57 57.48
CA VAL J 36 8.17 -18.94 56.17
C VAL J 36 6.74 -18.57 55.87
N VAL J 37 6.52 -17.27 55.67
CA VAL J 37 5.19 -16.69 55.65
C VAL J 37 4.90 -16.07 54.28
N SER J 38 3.63 -16.03 53.91
CA SER J 38 3.23 -15.51 52.61
C SER J 38 1.78 -15.03 52.58
N THR J 39 1.57 -13.83 52.04
CA THR J 39 0.26 -13.46 51.53
C THR J 39 0.18 -14.12 50.17
N ALA J 40 -0.94 -14.00 49.49
CA ALA J 40 -1.03 -14.60 48.16
C ALA J 40 0.02 -13.97 47.23
N THR J 41 0.32 -12.69 47.46
CA THR J 41 1.09 -11.85 46.54
C THR J 41 2.55 -11.59 46.93
N GLN J 42 2.92 -11.81 48.18
CA GLN J 42 4.32 -11.68 48.60
C GLN J 42 4.67 -12.55 49.80
N SER J 43 5.92 -12.97 49.85
CA SER J 43 6.42 -13.88 50.87
C SER J 43 7.55 -13.25 51.69
N PHE J 44 7.61 -13.62 52.96
CA PHE J 44 8.60 -13.10 53.90
C PHE J 44 8.68 -14.04 55.11
N LEU J 45 9.34 -13.62 56.20
CA LEU J 45 9.50 -14.49 57.37
C LEU J 45 8.83 -13.91 58.62
N ALA J 46 8.52 -14.79 59.56
CA ALA J 46 8.06 -14.40 60.90
C ALA J 46 8.90 -15.15 61.93
N THR J 47 9.13 -14.50 63.08
CA THR J 47 9.96 -15.08 64.13
C THR J 47 9.17 -15.12 65.44
N CYS J 48 9.29 -16.23 66.16
CA CYS J 48 8.67 -16.38 67.48
C CYS J 48 9.62 -15.97 68.61
N VAL J 49 9.15 -15.11 69.50
CA VAL J 49 9.90 -14.76 70.71
C VAL J 49 8.94 -14.58 71.88
N ASN J 50 9.21 -15.28 72.98
CA ASN J 50 8.35 -15.25 74.17
C ASN J 50 6.88 -15.48 73.83
N GLY J 51 6.60 -16.58 73.16
CA GLY J 51 5.23 -16.98 72.83
C GLY J 51 4.49 -16.07 71.84
N VAL J 52 5.11 -14.97 71.45
CA VAL J 52 4.54 -14.07 70.46
C VAL J 52 5.22 -14.36 69.13
N CYS J 53 4.46 -14.17 68.04
CA CYS J 53 4.92 -14.48 66.70
C CYS J 53 5.10 -13.19 65.88
N TRP J 54 6.35 -12.71 65.81
CA TRP J 54 6.65 -11.40 65.25
C TRP J 54 6.95 -11.42 63.76
N THR J 55 6.55 -10.35 63.08
CA THR J 55 6.92 -10.14 61.68
C THR J 55 6.72 -8.67 61.31
N VAL J 56 7.15 -8.32 60.10
CA VAL J 56 7.15 -6.93 59.65
C VAL J 56 5.79 -6.50 59.10
N TYR J 57 5.40 -5.26 59.40
CA TYR J 57 4.15 -4.70 58.89
C TYR J 57 4.20 -4.57 57.38
N HIS J 58 5.36 -4.17 56.83
CA HIS J 58 5.46 -3.91 55.39
C HIS J 58 5.25 -5.16 54.53
N GLY J 59 5.12 -6.33 55.19
CA GLY J 59 4.71 -7.55 54.52
C GLY J 59 3.32 -7.99 54.96
N ALA J 60 3.14 -8.12 56.26
CA ALA J 60 1.88 -8.65 56.81
C ALA J 60 0.75 -7.63 56.90
N GLY J 61 1.06 -6.35 56.71
CA GLY J 61 0.08 -5.29 56.90
C GLY J 61 -0.65 -5.49 58.21
N SER J 62 -1.95 -5.21 58.23
CA SER J 62 -2.77 -5.43 59.42
C SER J 62 -3.59 -6.72 59.27
N LYS J 63 -3.03 -7.69 58.54
CA LYS J 63 -3.77 -8.89 58.20
C LYS J 63 -3.82 -9.89 59.35
N THR J 64 -4.86 -10.72 59.33
CA THR J 64 -4.97 -11.86 60.25
C THR J 64 -3.99 -12.98 59.84
N LEU J 65 -3.78 -13.95 60.74
CA LEU J 65 -2.93 -15.11 60.46
C LEU J 65 -3.75 -16.38 60.52
N ALA J 66 -3.72 -17.15 59.43
CA ALA J 66 -4.51 -18.39 59.32
C ALA J 66 -4.09 -19.44 60.35
N GLY J 67 -5.05 -19.90 61.15
CA GLY J 67 -4.76 -20.84 62.23
C GLY J 67 -5.72 -22.03 62.28
N PRO J 68 -5.42 -23.00 63.16
CA PRO J 68 -6.19 -24.25 63.22
C PRO J 68 -7.68 -24.03 63.47
N LYS J 69 -8.03 -23.05 64.29
CA LYS J 69 -9.42 -22.74 64.61
C LYS J 69 -9.79 -21.35 64.08
N GLY J 70 -9.56 -21.15 62.77
CA GLY J 70 -9.88 -19.89 62.13
C GLY J 70 -8.72 -18.91 62.15
N PRO J 71 -8.92 -17.71 61.58
CA PRO J 71 -7.87 -16.71 61.47
C PRO J 71 -7.59 -16.01 62.80
N ILE J 72 -6.31 -15.69 63.00
CA ILE J 72 -5.83 -15.07 64.24
C ILE J 72 -5.68 -13.57 64.04
N THR J 73 -6.30 -12.78 64.90
CA THR J 73 -6.16 -11.33 64.88
C THR J 73 -4.79 -10.90 65.39
N GLN J 74 -4.22 -9.86 64.81
CA GLN J 74 -2.96 -9.30 65.30
C GLN J 74 -3.14 -8.82 66.75
N MET J 75 -2.34 -9.39 67.65
CA MET J 75 -2.32 -8.91 69.03
C MET J 75 -1.63 -7.57 69.10
N TYR J 76 -0.48 -7.47 68.46
CA TYR J 76 0.33 -6.27 68.48
C TYR J 76 0.46 -5.68 67.08
N THR J 77 0.46 -4.36 67.00
CA THR J 77 0.53 -3.64 65.74
C THR J 77 1.27 -2.31 65.98
N ASN J 78 2.39 -2.13 65.30
CA ASN J 78 3.25 -0.95 65.48
C ASN J 78 3.86 -0.51 64.16
N VAL J 79 3.23 0.48 63.52
CA VAL J 79 3.61 0.88 62.15
C VAL J 79 4.85 1.76 62.16
N ASP J 80 5.01 2.58 63.20
CA ASP J 80 6.19 3.44 63.34
C ASP J 80 7.48 2.63 63.36
N GLN J 81 7.43 1.43 63.93
CA GLN J 81 8.59 0.54 63.98
C GLN J 81 8.40 -0.68 63.09
N ASP J 82 7.44 -0.61 62.16
CA ASP J 82 7.21 -1.65 61.15
C ASP J 82 6.93 -3.05 61.75
N LEU J 83 6.21 -3.11 62.88
CA LEU J 83 6.09 -4.36 63.65
C LEU J 83 4.65 -4.82 63.93
N VAL J 84 4.40 -6.11 63.69
CA VAL J 84 3.14 -6.77 64.03
C VAL J 84 3.39 -8.13 64.69
N GLY J 85 2.43 -8.56 65.51
CA GLY J 85 2.55 -9.81 66.24
C GLY J 85 1.23 -10.51 66.51
N TRP J 86 1.23 -11.84 66.35
CA TRP J 86 0.07 -12.68 66.66
C TRP J 86 0.41 -13.59 67.84
N GLN J 87 -0.63 -14.14 68.47
CA GLN J 87 -0.47 -15.29 69.38
C GLN J 87 0.21 -16.42 68.59
N ALA J 88 1.35 -16.88 69.07
CA ALA J 88 2.08 -17.96 68.39
C ALA J 88 1.21 -19.22 68.40
N PRO J 89 0.88 -19.75 67.20
CA PRO J 89 -0.09 -20.83 67.13
C PRO J 89 0.44 -22.11 67.73
N PRO J 90 -0.42 -22.91 68.38
CA PRO J 90 0.04 -24.11 69.07
C PRO J 90 0.87 -25.00 68.17
N GLY J 91 2.08 -25.34 68.62
CA GLY J 91 3.03 -26.10 67.83
C GLY J 91 4.34 -25.36 67.70
N ALA J 92 4.26 -24.10 67.24
CA ALA J 92 5.45 -23.29 67.01
C ALA J 92 6.32 -23.21 68.25
N ARG J 93 7.64 -23.28 68.06
CA ARG J 93 8.59 -23.12 69.15
C ARG J 93 9.02 -21.65 69.18
N SER J 94 9.47 -21.19 70.34
CA SER J 94 9.75 -19.78 70.54
C SER J 94 11.20 -19.53 70.94
N LEU J 95 11.80 -18.50 70.35
CA LEU J 95 13.15 -18.07 70.70
C LEU J 95 13.13 -17.31 72.03
N THR J 96 14.31 -17.18 72.62
CA THR J 96 14.44 -16.53 73.92
C THR J 96 15.30 -15.26 73.78
N PRO J 97 14.78 -14.10 74.23
CA PRO J 97 15.48 -12.81 74.05
C PRO J 97 16.93 -12.83 74.51
N CYS J 98 17.83 -12.29 73.70
CA CYS J 98 19.26 -12.30 74.03
C CYS J 98 19.59 -11.35 75.17
N THR J 99 20.48 -11.79 76.05
CA THR J 99 20.83 -11.04 77.25
C THR J 99 22.29 -10.60 77.29
N CYS J 100 23.18 -11.36 76.63
CA CYS J 100 24.62 -11.15 76.77
C CYS J 100 25.13 -9.82 76.19
N GLY J 101 24.36 -9.24 75.27
CA GLY J 101 24.74 -7.96 74.67
C GLY J 101 25.95 -8.08 73.75
N SER J 102 25.97 -9.13 72.94
CA SER J 102 27.02 -9.31 71.94
C SER J 102 26.77 -8.40 70.75
N SER J 103 27.84 -8.06 70.04
CA SER J 103 27.75 -7.35 68.77
C SER J 103 27.87 -8.32 67.61
N ASP J 104 28.17 -9.59 67.90
CA ASP J 104 28.35 -10.63 66.87
C ASP J 104 27.00 -11.26 66.51
N LEU J 105 26.35 -10.70 65.51
CA LEU J 105 25.01 -11.14 65.12
C LEU J 105 25.02 -12.00 63.86
N TYR J 106 24.02 -12.87 63.76
CA TYR J 106 23.90 -13.81 62.65
C TYR J 106 22.47 -13.73 62.09
N LEU J 107 22.34 -13.24 60.86
CA LEU J 107 21.02 -13.11 60.20
C LEU J 107 20.64 -14.38 59.44
N VAL J 108 19.46 -14.91 59.71
CA VAL J 108 18.93 -16.07 59.01
C VAL J 108 18.12 -15.58 57.80
N THR J 109 18.29 -16.23 56.66
CA THR J 109 17.53 -15.88 55.44
C THR J 109 16.48 -16.94 55.13
N ARG J 110 15.53 -16.57 54.27
CA ARG J 110 14.48 -17.48 53.80
C ARG J 110 15.02 -18.73 53.09
N HIS J 111 16.22 -18.62 52.55
CA HIS J 111 16.90 -19.74 51.91
C HIS J 111 17.74 -20.55 52.92
N ALA J 112 17.58 -20.25 54.21
CA ALA J 112 18.28 -20.92 55.32
C ALA J 112 19.78 -20.62 55.39
N ASP J 113 20.22 -19.51 54.77
CA ASP J 113 21.61 -19.07 54.88
C ASP J 113 21.78 -18.20 56.13
N VAL J 114 22.87 -18.43 56.86
CA VAL J 114 23.18 -17.69 58.09
C VAL J 114 24.28 -16.66 57.80
N ILE J 115 23.91 -15.38 57.78
CA ILE J 115 24.84 -14.32 57.41
C ILE J 115 25.42 -13.66 58.66
N PRO J 116 26.75 -13.70 58.83
CA PRO J 116 27.38 -12.96 59.93
C PRO J 116 27.25 -11.45 59.76
N VAL J 117 26.79 -10.78 60.82
CA VAL J 117 26.56 -9.33 60.82
C VAL J 117 27.11 -8.71 62.11
N ARG J 118 27.86 -7.63 61.98
CA ARG J 118 28.41 -6.93 63.16
C ARG J 118 27.49 -5.80 63.56
N ARG J 119 27.02 -5.85 64.81
CA ARG J 119 26.15 -4.82 65.37
C ARG J 119 26.97 -3.56 65.57
N ARG J 120 26.49 -2.46 65.00
CA ARG J 120 27.14 -1.16 65.13
C ARG J 120 26.08 -0.08 65.38
N GLY J 121 25.17 -0.37 66.31
CA GLY J 121 24.07 0.53 66.61
C GLY J 121 22.95 -0.11 67.40
N ASP J 122 22.02 0.74 67.83
CA ASP J 122 20.85 0.31 68.58
C ASP J 122 20.02 -0.66 67.73
N SER J 123 19.85 -0.31 66.46
CA SER J 123 19.02 -1.07 65.52
C SER J 123 19.69 -1.18 64.14
N ARG J 124 20.98 -1.46 64.13
CA ARG J 124 21.75 -1.43 62.89
C ARG J 124 23.05 -2.23 62.99
N GLY J 125 23.44 -2.86 61.88
CA GLY J 125 24.70 -3.61 61.80
C GLY J 125 25.19 -3.79 60.37
N SER J 126 26.46 -4.12 60.22
CA SER J 126 27.09 -4.28 58.89
C SER J 126 27.44 -5.74 58.62
N LEU J 127 27.43 -6.13 57.34
CA LEU J 127 27.75 -7.51 56.95
C LEU J 127 29.26 -7.71 56.86
N LEU J 128 29.77 -8.80 57.46
CA LEU J 128 31.21 -9.05 57.52
C LEU J 128 31.80 -9.33 56.12
N SER J 129 30.96 -9.83 55.23
CA SER J 129 31.29 -9.94 53.81
C SER J 129 30.01 -9.72 53.00
N PRO J 130 29.87 -8.52 52.38
CA PRO J 130 28.63 -8.18 51.66
C PRO J 130 28.19 -9.21 50.62
N ARG J 131 26.88 -9.38 50.47
CA ARG J 131 26.32 -10.23 49.42
C ARG J 131 25.41 -9.40 48.51
N PRO J 132 25.16 -9.91 47.28
CA PRO J 132 24.11 -9.33 46.46
C PRO J 132 22.79 -9.32 47.24
N VAL J 133 22.03 -8.23 47.11
CA VAL J 133 20.80 -8.04 47.87
C VAL J 133 19.87 -9.25 47.79
N SER J 134 19.87 -9.94 46.65
CA SER J 134 19.06 -11.15 46.45
C SER J 134 19.16 -12.20 47.56
N TYR J 135 20.26 -12.20 48.31
CA TYR J 135 20.40 -13.03 49.51
C TYR J 135 19.44 -12.55 50.61
N LEU J 136 19.45 -11.24 50.85
CA LEU J 136 18.64 -10.66 51.92
C LEU J 136 17.16 -10.51 51.56
N LYS J 137 16.86 -10.35 50.28
CA LYS J 137 15.50 -10.07 49.85
C LYS J 137 14.55 -11.21 50.21
N GLY J 138 13.33 -10.83 50.55
CA GLY J 138 12.31 -11.78 50.99
C GLY J 138 12.48 -12.29 52.42
N SER J 139 13.48 -11.78 53.16
CA SER J 139 13.81 -12.33 54.49
C SER J 139 13.47 -11.38 55.65
N SER J 140 12.76 -10.30 55.37
CA SER J 140 12.26 -9.40 56.42
C SER J 140 11.43 -10.18 57.45
N GLY J 141 11.47 -9.71 58.69
CA GLY J 141 10.87 -10.43 59.81
C GLY J 141 11.69 -11.61 60.33
N GLY J 142 12.78 -11.95 59.65
CA GLY J 142 13.65 -13.05 60.08
C GLY J 142 14.54 -12.63 61.23
N PRO J 143 15.02 -13.59 62.03
CA PRO J 143 15.80 -13.25 63.22
C PRO J 143 17.27 -12.96 62.95
N LEU J 144 17.78 -11.89 63.54
CA LEU J 144 19.21 -11.73 63.76
C LEU J 144 19.49 -12.32 65.14
N LEU J 145 20.34 -13.34 65.20
CA LEU J 145 20.62 -14.06 66.45
C LEU J 145 22.01 -13.75 66.98
N CYS J 146 22.16 -13.82 68.30
CA CYS J 146 23.48 -13.72 68.94
C CYS J 146 24.18 -15.07 68.77
N PRO J 147 25.46 -15.16 69.19
CA PRO J 147 26.18 -16.44 69.05
C PRO J 147 25.57 -17.60 69.86
N SER J 148 24.75 -17.28 70.87
CA SER J 148 24.05 -18.30 71.65
C SER J 148 22.73 -18.76 71.00
N GLY J 149 22.41 -18.23 69.83
CA GLY J 149 21.14 -18.54 69.19
C GLY J 149 19.95 -17.95 69.93
N HIS J 150 20.17 -16.80 70.57
CA HIS J 150 19.11 -16.02 71.19
C HIS J 150 18.77 -14.87 70.26
N ALA J 151 17.53 -14.38 70.36
CA ALA J 151 17.05 -13.31 69.48
C ALA J 151 17.48 -11.93 69.97
N VAL J 152 18.03 -11.12 69.06
CA VAL J 152 18.34 -9.72 69.35
C VAL J 152 17.36 -8.76 68.66
N GLY J 153 16.89 -9.13 67.48
CA GLY J 153 15.92 -8.33 66.74
C GLY J 153 15.40 -9.06 65.51
N ILE J 154 14.53 -8.40 64.74
CA ILE J 154 14.07 -8.98 63.48
C ILE J 154 14.30 -8.05 62.29
N PHE J 155 14.67 -8.67 61.17
CA PHE J 155 15.14 -7.99 59.97
C PHE J 155 14.05 -7.11 59.33
N ARG J 156 14.43 -5.87 59.01
CA ARG J 156 13.48 -4.85 58.60
C ARG J 156 13.82 -4.23 57.24
N ALA J 157 15.04 -3.74 57.10
CA ALA J 157 15.53 -3.17 55.84
C ALA J 157 17.02 -3.43 55.65
N ALA J 158 17.56 -3.02 54.50
CA ALA J 158 19.00 -3.15 54.26
C ALA J 158 19.54 -2.00 53.41
N VAL J 159 20.83 -1.72 53.60
CA VAL J 159 21.51 -0.64 52.90
C VAL J 159 22.31 -1.21 51.72
N CYS J 160 21.89 -0.89 50.49
CA CYS J 160 22.49 -1.46 49.28
C CYS J 160 23.02 -0.39 48.35
N THR J 161 24.09 -0.73 47.64
CA THR J 161 24.63 0.12 46.59
C THR J 161 25.08 -0.79 45.45
N ARG J 162 24.68 -0.45 44.23
CA ARG J 162 25.01 -1.24 43.03
C ARG J 162 24.53 -2.69 43.13
N GLY J 163 23.42 -2.92 43.82
CA GLY J 163 22.84 -4.26 43.95
C GLY J 163 23.46 -5.17 45.00
N VAL J 164 24.40 -4.64 45.78
CA VAL J 164 25.04 -5.43 46.84
C VAL J 164 24.80 -4.77 48.20
N ALA J 165 24.23 -5.56 49.12
CA ALA J 165 23.88 -5.07 50.45
C ALA J 165 25.10 -5.11 51.36
N LYS J 166 25.33 -4.03 52.08
CA LYS J 166 26.50 -3.86 52.93
C LYS J 166 26.16 -3.74 54.43
N ALA J 167 24.91 -3.45 54.74
CA ALA J 167 24.46 -3.31 56.12
C ALA J 167 22.95 -3.46 56.25
N VAL J 168 22.50 -3.74 57.47
CA VAL J 168 21.08 -4.02 57.73
C VAL J 168 20.52 -3.16 58.85
N ASP J 169 19.20 -3.10 58.86
CA ASP J 169 18.43 -2.40 59.88
C ASP J 169 17.44 -3.42 60.44
N PHE J 170 17.34 -3.51 61.76
CA PHE J 170 16.48 -4.50 62.41
C PHE J 170 15.76 -3.93 63.62
N VAL J 171 14.59 -4.47 63.92
CA VAL J 171 13.80 -4.06 65.08
C VAL J 171 14.38 -4.75 66.31
N PRO J 172 14.94 -3.99 67.28
CA PRO J 172 15.48 -4.63 68.49
C PRO J 172 14.41 -5.38 69.28
N VAL J 173 14.84 -6.34 70.10
CA VAL J 173 13.94 -7.10 70.96
C VAL J 173 13.31 -6.20 72.02
N GLU J 174 14.04 -5.15 72.41
CA GLU J 174 13.58 -4.17 73.38
C GLU J 174 12.36 -3.43 72.86
N SER J 175 12.41 -3.02 71.60
CA SER J 175 11.27 -2.35 70.95
C SER J 175 9.99 -3.18 71.04
N MET J 176 10.14 -4.51 71.02
CA MET J 176 8.99 -5.40 71.11
C MET J 176 8.35 -5.32 72.50
N GLU J 177 9.18 -5.26 73.54
CA GLU J 177 8.68 -5.13 74.92
C GLU J 177 8.03 -3.77 75.15
N THR J 178 8.52 -2.74 74.45
CA THR J 178 7.87 -1.43 74.46
C THR J 178 6.49 -1.53 73.83
N THR J 179 6.44 -2.08 72.61
CA THR J 179 5.19 -2.31 71.90
C THR J 179 4.20 -3.12 72.76
N MET J 180 4.70 -4.18 73.39
CA MET J 180 3.88 -5.03 74.23
C MET J 180 3.36 -4.29 75.47
N ARG J 181 4.19 -3.44 76.06
CA ARG J 181 3.77 -2.61 77.19
C ARG J 181 2.72 -1.59 76.75
N ALA J 182 2.97 -0.96 75.60
CA ALA J 182 2.02 -0.04 75.00
C ALA J 182 0.86 -0.81 74.37
N LYS J 188 -8.16 -8.47 52.55
CA LYS J 188 -9.17 -9.41 53.02
C LYS J 188 -8.57 -10.75 53.48
N GLY J 189 -7.53 -11.21 52.79
CA GLY J 189 -6.93 -12.50 53.09
C GLY J 189 -6.05 -12.52 54.33
N SER J 190 -5.90 -13.70 54.92
CA SER J 190 -4.99 -13.90 56.04
C SER J 190 -3.58 -14.06 55.51
N VAL J 191 -2.60 -13.83 56.38
CA VAL J 191 -1.22 -14.22 56.09
C VAL J 191 -1.13 -15.72 56.34
N VAL J 192 -0.38 -16.41 55.48
CA VAL J 192 -0.31 -17.87 55.54
C VAL J 192 1.13 -18.34 55.75
N ILE J 193 1.28 -19.38 56.57
CA ILE J 193 2.57 -20.07 56.72
C ILE J 193 2.72 -21.08 55.58
N VAL J 194 3.78 -20.92 54.80
CA VAL J 194 4.02 -21.74 53.61
C VAL J 194 5.27 -22.61 53.73
N GLY J 195 5.87 -22.63 54.92
CA GLY J 195 7.10 -23.37 55.16
C GLY J 195 7.71 -22.92 56.46
N ARG J 196 8.90 -23.39 56.77
CA ARG J 196 9.58 -22.97 58.00
C ARG J 196 11.08 -23.15 57.92
N ILE J 197 11.78 -22.60 58.92
CA ILE J 197 13.22 -22.70 59.00
C ILE J 197 13.63 -23.11 60.42
N ILE J 198 14.05 -24.37 60.55
CA ILE J 198 14.50 -24.93 61.81
C ILE J 198 15.94 -24.46 62.02
N LEU J 199 16.32 -24.24 63.27
CA LEU J 199 17.65 -23.79 63.61
C LEU J 199 18.38 -24.90 64.36
N SER J 200 19.61 -24.61 64.79
CA SER J 200 20.39 -25.55 65.59
C SER J 200 21.57 -24.83 66.24
N ILE K 4 19.36 -6.39 14.85
CA ILE K 4 18.71 -7.38 15.76
C ILE K 4 17.36 -6.85 16.24
N THR K 5 16.29 -7.56 15.89
CA THR K 5 14.94 -7.20 16.34
C THR K 5 14.27 -8.43 16.94
N ALA K 6 13.18 -8.21 17.68
CA ALA K 6 12.55 -9.27 18.46
C ALA K 6 11.12 -8.95 18.86
N TYR K 7 10.40 -9.98 19.27
CA TYR K 7 9.06 -9.82 19.88
C TYR K 7 8.81 -11.00 20.84
N SER K 8 7.89 -10.81 21.79
CA SER K 8 7.56 -11.84 22.76
C SER K 8 6.26 -12.59 22.42
N GLN K 9 6.09 -13.76 23.03
CA GLN K 9 4.87 -14.56 22.89
C GLN K 9 4.55 -15.31 24.19
N GLN K 10 3.55 -14.84 24.93
CA GLN K 10 3.15 -15.53 26.15
C GLN K 10 2.41 -16.80 25.82
N THR K 11 2.79 -17.90 26.48
CA THR K 11 2.18 -19.22 26.26
C THR K 11 1.35 -19.70 27.44
N ARG K 12 1.54 -19.09 28.61
CA ARG K 12 0.82 -19.47 29.81
C ARG K 12 0.41 -18.27 30.65
N GLY K 13 -0.68 -18.45 31.40
CA GLY K 13 -1.04 -17.57 32.49
C GLY K 13 -0.47 -18.15 33.76
N LEU K 14 -0.78 -17.51 34.88
CA LEU K 14 -0.20 -17.93 36.15
C LEU K 14 -0.74 -19.27 36.65
N LEU K 15 -2.01 -19.55 36.43
CA LEU K 15 -2.63 -20.77 36.97
C LEU K 15 -2.01 -22.01 36.32
N GLY K 16 -1.92 -21.99 34.98
CA GLY K 16 -1.23 -23.03 34.23
C GLY K 16 0.22 -23.16 34.65
N CYS K 17 0.83 -22.03 35.00
CA CYS K 17 2.20 -22.03 35.47
C CYS K 17 2.35 -22.79 36.77
N ILE K 18 1.44 -22.55 37.70
CA ILE K 18 1.54 -23.15 39.04
C ILE K 18 1.38 -24.67 39.00
N ILE K 19 0.48 -25.14 38.14
CA ILE K 19 0.24 -26.57 37.97
C ILE K 19 1.46 -27.22 37.35
N THR K 20 1.97 -26.61 36.28
CA THR K 20 3.13 -27.13 35.58
C THR K 20 4.34 -27.17 36.51
N SER K 21 4.48 -26.13 37.33
CA SER K 21 5.50 -26.08 38.38
C SER K 21 5.34 -27.23 39.36
N LEU K 22 4.10 -27.59 39.70
CA LEU K 22 3.84 -28.72 40.58
C LEU K 22 4.21 -30.05 39.92
N THR K 23 3.54 -30.35 38.81
CA THR K 23 3.72 -31.64 38.15
C THR K 23 5.12 -31.80 37.59
N GLY K 24 5.69 -30.70 37.13
CA GLY K 24 7.00 -30.74 36.47
C GLY K 24 6.91 -31.38 35.10
N ARG K 25 5.73 -31.34 34.50
CA ARG K 25 5.48 -31.92 33.18
C ARG K 25 4.93 -30.84 32.24
N ASP K 26 5.80 -30.37 31.35
CA ASP K 26 5.49 -29.33 30.38
C ASP K 26 5.34 -29.96 28.99
N ARG K 27 4.10 -30.12 28.54
CA ARG K 27 3.81 -30.68 27.22
C ARG K 27 3.66 -29.63 26.11
N ASN K 28 3.85 -28.35 26.43
CA ASN K 28 3.87 -27.31 25.41
C ASN K 28 5.09 -27.46 24.51
N GLN K 29 4.92 -27.17 23.24
CA GLN K 29 6.02 -27.20 22.28
C GLN K 29 6.95 -26.02 22.52
N VAL K 30 8.26 -26.28 22.50
CA VAL K 30 9.26 -25.24 22.72
C VAL K 30 9.71 -24.63 21.40
N GLU K 31 9.84 -23.31 21.39
CA GLU K 31 10.32 -22.56 20.22
C GLU K 31 11.08 -21.33 20.67
N GLY K 32 12.00 -20.86 19.84
CA GLY K 32 12.82 -19.69 20.16
C GLY K 32 14.09 -20.05 20.90
N GLU K 33 15.00 -19.09 21.00
CA GLU K 33 16.25 -19.26 21.73
C GLU K 33 16.12 -18.79 23.18
N VAL K 34 15.44 -17.67 23.36
CA VAL K 34 15.23 -17.07 24.69
C VAL K 34 13.84 -17.43 25.20
N GLN K 35 13.78 -18.03 26.39
CA GLN K 35 12.51 -18.45 26.99
C GLN K 35 12.11 -17.56 28.16
N VAL K 36 10.83 -17.22 28.24
CA VAL K 36 10.29 -16.48 29.38
C VAL K 36 9.89 -17.48 30.44
N VAL K 37 10.69 -17.52 31.50
CA VAL K 37 10.65 -18.57 32.47
C VAL K 37 10.07 -18.00 33.76
N SER K 38 9.43 -18.86 34.54
CA SER K 38 8.79 -18.46 35.79
C SER K 38 8.81 -19.59 36.81
N THR K 39 9.22 -19.29 38.05
CA THR K 39 8.77 -20.08 39.20
C THR K 39 7.32 -19.63 39.33
N ALA K 40 6.60 -20.09 40.35
CA ALA K 40 5.25 -19.58 40.55
C ALA K 40 5.28 -18.10 40.98
N THR K 41 6.30 -17.77 41.78
CA THR K 41 6.36 -16.51 42.51
C THR K 41 7.12 -15.39 41.79
N GLN K 42 8.14 -15.73 41.01
CA GLN K 42 8.88 -14.72 40.24
C GLN K 42 9.19 -15.18 38.82
N SER K 43 9.33 -14.22 37.93
CA SER K 43 9.54 -14.48 36.52
C SER K 43 10.81 -13.80 36.02
N PHE K 44 11.55 -14.52 35.19
CA PHE K 44 12.79 -14.02 34.60
C PHE K 44 12.97 -14.62 33.20
N LEU K 45 14.22 -14.75 32.73
CA LEU K 45 14.50 -15.26 31.40
C LEU K 45 15.49 -16.43 31.44
N ALA K 46 15.71 -17.05 30.29
CA ALA K 46 16.68 -18.13 30.14
C ALA K 46 17.15 -18.19 28.70
N THR K 47 18.47 -18.26 28.51
CA THR K 47 19.08 -18.24 27.18
C THR K 47 19.63 -19.61 26.82
N CYS K 48 19.31 -20.07 25.61
CA CYS K 48 19.87 -21.32 25.08
C CYS K 48 21.21 -21.05 24.41
N VAL K 49 22.26 -21.70 24.89
CA VAL K 49 23.57 -21.65 24.23
C VAL K 49 24.19 -23.05 24.19
N ASN K 50 24.75 -23.40 23.04
CA ASN K 50 25.32 -24.74 22.80
C ASN K 50 24.40 -25.88 23.30
N GLY K 51 23.12 -25.76 22.99
CA GLY K 51 22.13 -26.77 23.38
C GLY K 51 21.87 -26.90 24.86
N VAL K 52 22.43 -25.99 25.66
CA VAL K 52 22.24 -26.00 27.10
C VAL K 52 21.43 -24.77 27.45
N CYS K 53 20.36 -24.97 28.21
CA CYS K 53 19.48 -23.89 28.58
C CYS K 53 20.00 -23.21 29.86
N TRP K 54 20.36 -21.93 29.74
CA TRP K 54 21.05 -21.20 30.81
C TRP K 54 20.16 -20.14 31.45
N THR K 55 20.37 -19.91 32.75
CA THR K 55 19.73 -18.80 33.47
C THR K 55 20.40 -18.52 34.81
N VAL K 56 19.84 -17.54 35.53
CA VAL K 56 20.39 -17.08 36.81
C VAL K 56 19.91 -17.93 37.99
N TYR K 57 20.79 -18.14 38.96
CA TYR K 57 20.44 -18.86 40.19
C TYR K 57 19.47 -18.06 41.04
N HIS K 58 19.63 -16.73 41.07
CA HIS K 58 18.79 -15.89 41.94
C HIS K 58 17.31 -15.90 41.54
N GLY K 59 17.01 -16.37 40.33
CA GLY K 59 15.64 -16.62 39.90
C GLY K 59 15.26 -18.08 40.07
N ALA K 60 16.03 -18.98 39.47
CA ALA K 60 15.67 -20.39 39.40
C ALA K 60 15.99 -21.17 40.68
N GLY K 61 16.93 -20.68 41.48
CA GLY K 61 17.51 -21.48 42.56
C GLY K 61 18.17 -22.72 41.97
N SER K 62 18.10 -23.85 42.67
CA SER K 62 18.60 -25.11 42.13
C SER K 62 17.43 -26.00 41.66
N LYS K 63 16.36 -25.37 41.19
CA LYS K 63 15.14 -26.08 40.79
C LYS K 63 15.31 -26.84 39.48
N THR K 64 14.40 -27.78 39.26
CA THR K 64 14.33 -28.53 38.00
C THR K 64 13.62 -27.67 36.97
N LEU K 65 13.62 -28.15 35.71
CA LEU K 65 12.93 -27.46 34.63
C LEU K 65 11.86 -28.38 34.06
N ALA K 66 10.61 -27.91 34.07
CA ALA K 66 9.50 -28.72 33.58
C ALA K 66 9.72 -29.06 32.11
N GLY K 67 9.62 -30.36 31.80
CA GLY K 67 9.85 -30.88 30.44
C GLY K 67 8.84 -31.93 30.00
N PRO K 68 8.89 -32.33 28.73
CA PRO K 68 7.83 -33.13 28.09
C PRO K 68 7.69 -34.51 28.70
N LYS K 69 8.82 -35.08 29.13
CA LYS K 69 8.83 -36.37 29.80
C LYS K 69 9.21 -36.21 31.27
N GLY K 70 8.75 -35.12 31.86
CA GLY K 70 8.96 -34.87 33.28
C GLY K 70 9.92 -33.73 33.55
N PRO K 71 10.33 -33.56 34.81
CA PRO K 71 11.17 -32.45 35.23
C PRO K 71 12.66 -32.69 34.98
N ILE K 72 13.28 -31.77 34.27
CA ILE K 72 14.70 -31.87 33.94
C ILE K 72 15.56 -31.38 35.11
N THR K 73 16.49 -32.23 35.56
CA THR K 73 17.45 -31.84 36.58
C THR K 73 18.45 -30.86 36.00
N GLN K 74 18.96 -29.97 36.84
CA GLN K 74 20.02 -29.05 36.42
C GLN K 74 21.28 -29.85 36.08
N MET K 75 21.83 -29.60 34.90
CA MET K 75 23.09 -30.21 34.50
C MET K 75 24.26 -29.38 35.01
N TYR K 76 24.05 -28.07 35.17
CA TYR K 76 25.07 -27.15 35.65
C TYR K 76 24.52 -26.29 36.77
N THR K 77 25.34 -26.09 37.80
CA THR K 77 24.98 -25.28 38.96
C THR K 77 26.23 -24.56 39.49
N ASN K 78 26.21 -23.23 39.45
CA ASN K 78 27.34 -22.41 39.89
C ASN K 78 26.80 -21.17 40.59
N VAL K 79 26.81 -21.18 41.92
CA VAL K 79 26.22 -20.10 42.72
C VAL K 79 27.12 -18.87 42.73
N ASP K 80 28.43 -19.08 42.86
CA ASP K 80 29.39 -17.97 42.81
C ASP K 80 29.17 -17.09 41.59
N GLN K 81 28.93 -17.73 40.43
CA GLN K 81 28.67 -17.02 39.17
C GLN K 81 27.18 -16.75 38.92
N ASP K 82 26.33 -17.05 39.90
CA ASP K 82 24.87 -16.89 39.78
C ASP K 82 24.35 -17.57 38.50
N LEU K 83 24.87 -18.76 38.21
CA LEU K 83 24.62 -19.43 36.93
C LEU K 83 24.12 -20.86 37.11
N VAL K 84 23.07 -21.22 36.37
CA VAL K 84 22.57 -22.59 36.33
C VAL K 84 22.26 -23.00 34.91
N GLY K 85 22.20 -24.31 34.67
CA GLY K 85 21.93 -24.84 33.36
C GLY K 85 21.12 -26.12 33.38
N TRP K 86 20.35 -26.33 32.32
CA TRP K 86 19.65 -27.58 32.07
C TRP K 86 20.01 -28.09 30.68
N GLN K 87 19.72 -29.37 30.43
CA GLN K 87 19.62 -29.86 29.07
C GLN K 87 18.48 -29.09 28.41
N ALA K 88 18.74 -28.46 27.26
CA ALA K 88 17.70 -27.72 26.53
C ALA K 88 16.69 -28.71 25.98
N PRO K 89 15.39 -28.48 26.25
CA PRO K 89 14.37 -29.43 25.82
C PRO K 89 14.14 -29.36 24.32
N PRO K 90 13.64 -30.46 23.72
CA PRO K 90 13.46 -30.52 22.27
C PRO K 90 12.51 -29.44 21.77
N GLY K 91 12.85 -28.86 20.62
CA GLY K 91 12.13 -27.70 20.07
C GLY K 91 12.86 -26.40 20.34
N ALA K 92 13.52 -26.32 21.49
CA ALA K 92 14.29 -25.14 21.88
C ALA K 92 15.41 -24.88 20.89
N ARG K 93 15.39 -23.69 20.28
CA ARG K 93 16.44 -23.28 19.37
C ARG K 93 17.60 -22.70 20.19
N SER K 94 18.82 -22.78 19.65
CA SER K 94 20.03 -22.48 20.41
C SER K 94 20.85 -21.38 19.74
N LEU K 95 21.34 -20.44 20.54
CA LEU K 95 22.27 -19.42 20.06
C LEU K 95 23.68 -19.98 20.07
N THR K 96 24.51 -19.48 19.16
CA THR K 96 25.90 -19.89 19.06
C THR K 96 26.77 -18.75 19.66
N PRO K 97 27.75 -19.09 20.52
CA PRO K 97 28.65 -18.12 21.17
C PRO K 97 29.32 -17.11 20.22
N CYS K 98 29.48 -15.88 20.69
CA CYS K 98 30.12 -14.83 19.90
C CYS K 98 31.62 -14.98 19.92
N THR K 99 32.27 -14.62 18.82
CA THR K 99 33.72 -14.78 18.69
C THR K 99 34.47 -13.59 18.05
N CYS K 100 33.74 -12.64 17.46
CA CYS K 100 34.38 -11.49 16.81
C CYS K 100 35.00 -10.49 17.79
N GLY K 101 34.66 -10.59 19.07
CA GLY K 101 35.21 -9.70 20.10
C GLY K 101 34.65 -8.29 20.07
N SER K 102 33.43 -8.15 19.54
CA SER K 102 32.78 -6.85 19.44
C SER K 102 32.34 -6.33 20.81
N SER K 103 32.54 -5.02 21.05
CA SER K 103 32.08 -4.36 22.26
C SER K 103 30.80 -3.55 22.00
N ASP K 104 30.09 -3.88 20.92
CA ASP K 104 28.79 -3.31 20.61
C ASP K 104 27.70 -4.31 20.94
N LEU K 105 27.34 -4.38 22.23
CA LEU K 105 26.40 -5.37 22.71
C LEU K 105 24.96 -4.87 22.60
N TYR K 106 24.03 -5.81 22.72
CA TYR K 106 22.60 -5.50 22.68
C TYR K 106 21.86 -6.44 23.65
N LEU K 107 21.38 -5.88 24.75
CA LEU K 107 20.61 -6.67 25.72
C LEU K 107 19.15 -6.78 25.27
N VAL K 108 18.63 -8.00 25.24
CA VAL K 108 17.21 -8.22 24.92
C VAL K 108 16.44 -8.43 26.21
N THR K 109 15.35 -7.67 26.38
CA THR K 109 14.54 -7.67 27.59
C THR K 109 13.42 -8.70 27.48
N ARG K 110 12.71 -8.89 28.59
CA ARG K 110 11.51 -9.74 28.61
C ARG K 110 10.36 -9.12 27.82
N HIS K 111 10.40 -7.80 27.66
CA HIS K 111 9.40 -7.06 26.88
C HIS K 111 9.83 -6.92 25.41
N ALA K 112 10.88 -7.65 25.01
CA ALA K 112 11.36 -7.71 23.62
C ALA K 112 11.99 -6.41 23.13
N ASP K 113 12.37 -5.54 24.07
CA ASP K 113 13.13 -4.35 23.72
C ASP K 113 14.59 -4.77 23.51
N VAL K 114 15.22 -4.18 22.50
CA VAL K 114 16.62 -4.45 22.22
C VAL K 114 17.41 -3.22 22.66
N ILE K 115 18.08 -3.33 23.80
CA ILE K 115 18.76 -2.20 24.42
C ILE K 115 20.23 -2.19 24.04
N PRO K 116 20.68 -1.15 23.31
CA PRO K 116 22.09 -1.04 22.96
C PRO K 116 22.97 -0.87 24.20
N VAL K 117 24.04 -1.66 24.25
CA VAL K 117 25.02 -1.62 25.34
C VAL K 117 26.43 -1.60 24.74
N ARG K 118 27.34 -0.87 25.38
CA ARG K 118 28.75 -0.95 25.03
C ARG K 118 29.51 -1.69 26.12
N ARG K 119 30.25 -2.72 25.71
CA ARG K 119 31.01 -3.56 26.64
C ARG K 119 32.22 -2.80 27.16
N ARG K 120 32.35 -2.74 28.49
CA ARG K 120 33.43 -2.01 29.15
C ARG K 120 34.01 -2.84 30.30
N GLY K 121 34.43 -4.05 29.95
CA GLY K 121 34.96 -5.01 30.91
C GLY K 121 34.62 -6.42 30.50
N ASP K 122 35.24 -7.40 31.17
CA ASP K 122 34.97 -8.81 30.89
C ASP K 122 33.51 -9.16 31.10
N SER K 123 32.97 -8.73 32.23
CA SER K 123 31.62 -9.08 32.64
C SER K 123 30.81 -7.82 32.95
N ARG K 124 30.94 -6.80 32.11
CA ARG K 124 30.38 -5.49 32.41
C ARG K 124 30.31 -4.57 31.18
N GLY K 125 29.19 -3.83 31.06
CA GLY K 125 28.97 -2.89 29.96
C GLY K 125 28.01 -1.78 30.33
N SER K 126 28.07 -0.66 29.60
CA SER K 126 27.23 0.52 29.90
C SER K 126 26.17 0.74 28.83
N LEU K 127 25.02 1.26 29.23
CA LEU K 127 23.93 1.57 28.30
C LEU K 127 24.22 2.85 27.53
N LEU K 128 23.94 2.84 26.23
CA LEU K 128 24.19 4.00 25.38
C LEU K 128 23.21 5.14 25.69
N SER K 129 21.99 4.77 26.11
CA SER K 129 21.02 5.74 26.64
C SER K 129 20.26 5.10 27.81
N PRO K 130 20.48 5.60 29.04
CA PRO K 130 19.84 5.02 30.22
C PRO K 130 18.31 4.97 30.15
N ARG K 131 17.72 3.95 30.77
CA ARG K 131 16.28 3.84 30.91
C ARG K 131 15.91 3.54 32.36
N PRO K 132 14.66 3.88 32.76
CA PRO K 132 14.14 3.49 34.08
C PRO K 132 14.30 1.99 34.34
N VAL K 133 14.78 1.62 35.53
CA VAL K 133 15.14 0.23 35.82
C VAL K 133 14.06 -0.80 35.43
N SER K 134 12.79 -0.38 35.43
CA SER K 134 11.68 -1.24 34.98
C SER K 134 11.88 -1.83 33.59
N TYR K 135 12.63 -1.14 32.74
CA TYR K 135 13.00 -1.69 31.42
C TYR K 135 13.79 -3.00 31.52
N LEU K 136 14.69 -3.08 32.50
CA LEU K 136 15.55 -4.25 32.68
C LEU K 136 14.98 -5.30 33.63
N LYS K 137 14.25 -4.85 34.64
CA LYS K 137 13.80 -5.75 35.70
C LYS K 137 13.10 -6.97 35.14
N GLY K 138 13.36 -8.12 35.75
CA GLY K 138 12.77 -9.37 35.31
C GLY K 138 13.43 -9.96 34.06
N SER K 139 14.52 -9.36 33.60
CA SER K 139 15.18 -9.85 32.39
C SER K 139 16.49 -10.57 32.69
N SER K 140 16.76 -10.87 33.96
CA SER K 140 17.94 -11.65 34.34
C SER K 140 17.89 -12.99 33.63
N GLY K 141 19.03 -13.43 33.11
CA GLY K 141 19.11 -14.63 32.27
C GLY K 141 19.10 -14.30 30.78
N GLY K 142 18.43 -13.21 30.40
CA GLY K 142 18.34 -12.79 29.00
C GLY K 142 19.68 -12.44 28.38
N PRO K 143 19.79 -12.56 27.05
CA PRO K 143 21.09 -12.52 26.40
C PRO K 143 21.61 -11.11 26.10
N LEU K 144 22.91 -10.92 26.26
CA LEU K 144 23.61 -9.81 25.63
C LEU K 144 24.24 -10.36 24.34
N LEU K 145 23.95 -9.70 23.22
CA LEU K 145 24.38 -10.16 21.89
C LEU K 145 25.31 -9.17 21.21
N CYS K 146 26.23 -9.69 20.39
CA CYS K 146 27.07 -8.85 19.54
C CYS K 146 26.24 -8.49 18.30
N PRO K 147 26.77 -7.61 17.42
CA PRO K 147 26.03 -7.18 16.22
C PRO K 147 25.55 -8.31 15.28
N SER K 148 26.24 -9.44 15.26
CA SER K 148 25.87 -10.58 14.39
C SER K 148 24.82 -11.52 15.02
N GLY K 149 24.40 -11.24 16.26
CA GLY K 149 23.36 -12.01 16.94
C GLY K 149 23.85 -13.24 17.70
N HIS K 150 25.14 -13.28 18.01
CA HIS K 150 25.74 -14.39 18.74
C HIS K 150 25.87 -14.03 20.22
N ALA K 151 25.82 -15.05 21.08
CA ALA K 151 25.78 -14.84 22.53
C ALA K 151 27.15 -14.48 23.12
N VAL K 152 27.23 -13.36 23.82
CA VAL K 152 28.47 -12.93 24.49
C VAL K 152 28.41 -13.21 26.00
N GLY K 153 27.22 -13.12 26.57
CA GLY K 153 27.00 -13.37 27.99
C GLY K 153 25.55 -13.17 28.37
N ILE K 154 25.17 -13.59 29.57
CA ILE K 154 23.77 -13.45 30.02
C ILE K 154 23.59 -12.47 31.18
N PHE K 155 22.47 -11.74 31.14
CA PHE K 155 22.20 -10.63 32.05
C PHE K 155 21.98 -11.13 33.47
N ARG K 156 22.58 -10.42 34.42
CA ARG K 156 22.68 -10.89 35.80
C ARG K 156 22.28 -9.82 36.83
N ALA K 157 22.77 -8.60 36.66
CA ALA K 157 22.45 -7.49 37.55
C ALA K 157 22.63 -6.15 36.84
N ALA K 158 22.18 -5.07 37.47
CA ALA K 158 22.32 -3.74 36.91
C ALA K 158 22.72 -2.73 37.96
N VAL K 159 23.51 -1.75 37.55
CA VAL K 159 23.90 -0.67 38.43
C VAL K 159 22.90 0.46 38.17
N CYS K 160 22.17 0.86 39.22
CA CYS K 160 21.15 1.89 39.09
C CYS K 160 21.34 3.02 40.08
N THR K 161 20.91 4.22 39.69
CA THR K 161 20.88 5.36 40.61
C THR K 161 19.59 6.14 40.39
N ARG K 162 18.90 6.46 41.48
CA ARG K 162 17.65 7.23 41.42
C ARG K 162 16.56 6.53 40.60
N GLY K 163 16.69 5.21 40.42
CA GLY K 163 15.73 4.44 39.64
C GLY K 163 16.09 4.24 38.17
N VAL K 164 17.17 4.87 37.71
CA VAL K 164 17.64 4.69 36.32
C VAL K 164 18.84 3.73 36.26
N ALA K 165 18.76 2.74 35.36
CA ALA K 165 19.85 1.80 35.13
C ALA K 165 20.79 2.35 34.09
N LYS K 166 22.02 2.64 34.51
CA LYS K 166 23.07 3.14 33.62
C LYS K 166 23.94 2.00 33.06
N ALA K 167 24.15 0.96 33.87
CA ALA K 167 25.03 -0.15 33.47
C ALA K 167 24.49 -1.53 33.87
N VAL K 168 25.12 -2.56 33.32
CA VAL K 168 24.71 -3.96 33.52
C VAL K 168 25.90 -4.87 33.81
N ASP K 169 25.61 -5.95 34.52
CA ASP K 169 26.58 -6.99 34.83
C ASP K 169 26.10 -8.29 34.20
N PHE K 170 26.98 -8.99 33.50
CA PHE K 170 26.58 -10.21 32.83
C PHE K 170 27.67 -11.27 32.90
N VAL K 171 27.26 -12.53 33.03
CA VAL K 171 28.19 -13.66 33.02
C VAL K 171 28.71 -13.81 31.59
N PRO K 172 30.05 -13.88 31.41
CA PRO K 172 30.60 -14.10 30.07
C PRO K 172 30.31 -15.50 29.53
N VAL K 173 30.23 -15.63 28.21
CA VAL K 173 29.97 -16.92 27.57
C VAL K 173 31.11 -17.92 27.79
N GLU K 174 32.33 -17.42 27.97
CA GLU K 174 33.50 -18.27 28.28
C GLU K 174 33.44 -18.86 29.68
N SER K 175 32.87 -18.11 30.62
CA SER K 175 32.71 -18.56 32.01
C SER K 175 31.82 -19.81 32.12
N MET K 176 31.03 -20.06 31.08
CA MET K 176 30.14 -21.22 31.01
C MET K 176 30.92 -22.44 30.50
N GLU K 177 31.95 -22.18 29.72
CA GLU K 177 32.83 -23.24 29.22
C GLU K 177 33.83 -23.66 30.29
N LYS K 188 10.23 -26.43 46.09
CA LYS K 188 9.81 -27.74 45.61
C LYS K 188 9.52 -27.72 44.11
N GLY K 189 8.74 -26.74 43.68
CA GLY K 189 8.22 -26.69 42.31
C GLY K 189 9.29 -26.57 41.24
N SER K 190 8.92 -26.91 40.01
CA SER K 190 9.82 -26.74 38.89
C SER K 190 9.75 -25.32 38.38
N VAL K 191 10.73 -24.97 37.55
CA VAL K 191 10.69 -23.74 36.77
C VAL K 191 9.93 -24.04 35.49
N VAL K 192 9.10 -23.10 35.08
CA VAL K 192 8.18 -23.30 33.95
C VAL K 192 8.42 -22.28 32.85
N ILE K 193 8.32 -22.73 31.60
CA ILE K 193 8.35 -21.85 30.45
C ILE K 193 6.94 -21.31 30.23
N VAL K 194 6.79 -19.99 30.32
CA VAL K 194 5.50 -19.33 30.20
C VAL K 194 5.42 -18.36 29.01
N GLY K 195 6.50 -18.29 28.24
CA GLY K 195 6.54 -17.44 27.06
C GLY K 195 7.88 -17.58 26.37
N ARG K 196 8.06 -16.87 25.27
CA ARG K 196 9.34 -16.86 24.55
C ARG K 196 9.54 -15.57 23.76
N ILE K 197 10.80 -15.23 23.51
CA ILE K 197 11.16 -14.03 22.77
C ILE K 197 11.89 -14.42 21.49
N ILE K 198 11.19 -14.34 20.37
CA ILE K 198 11.74 -14.70 19.06
C ILE K 198 12.66 -13.57 18.59
N LEU K 199 13.72 -13.92 17.88
CA LEU K 199 14.76 -12.98 17.44
C LEU K 199 14.86 -12.93 15.91
N SER K 200 15.89 -12.24 15.41
CA SER K 200 16.24 -12.27 13.99
C SER K 200 17.69 -11.85 13.79
N ALA L 2 -5.48 38.68 8.95
CA ALA L 2 -4.82 37.84 9.99
C ALA L 2 -4.15 38.69 11.06
N PRO L 3 -4.50 38.47 12.36
CA PRO L 3 -3.76 39.16 13.42
C PRO L 3 -2.23 39.17 13.17
N ILE L 4 -1.73 38.18 12.43
CA ILE L 4 -0.35 38.17 11.98
C ILE L 4 -0.19 38.75 10.57
N THR L 5 0.64 39.79 10.46
CA THR L 5 1.17 40.28 9.19
C THR L 5 2.59 40.75 9.43
N ALA L 6 3.35 40.99 8.37
CA ALA L 6 4.76 41.33 8.52
C ALA L 6 5.36 42.08 7.33
N TYR L 7 6.52 42.67 7.56
CA TYR L 7 7.27 43.38 6.52
C TYR L 7 8.78 43.31 6.80
N SER L 8 9.59 43.39 5.76
CA SER L 8 11.04 43.19 5.87
C SER L 8 11.86 44.48 5.72
N GLN L 9 13.09 44.43 6.25
CA GLN L 9 14.02 45.57 6.24
C GLN L 9 15.45 45.10 6.00
N GLN L 10 16.01 45.51 4.87
CA GLN L 10 17.41 45.20 4.57
C GLN L 10 18.31 46.16 5.33
N THR L 11 19.31 45.61 6.02
CA THR L 11 20.30 46.43 6.74
C THR L 11 21.71 46.30 6.17
N ARG L 12 21.88 45.49 5.14
CA ARG L 12 23.20 45.31 4.50
C ARG L 12 23.09 44.88 3.04
N GLY L 13 24.10 45.25 2.25
CA GLY L 13 24.35 44.62 0.96
C GLY L 13 25.40 43.53 1.11
N LEU L 14 25.73 42.87 0.01
CA LEU L 14 26.66 41.74 0.01
C LEU L 14 28.04 42.12 0.53
N LEU L 15 28.54 43.29 0.12
CA LEU L 15 29.86 43.73 0.53
C LEU L 15 29.94 43.93 2.03
N GLY L 16 29.04 44.76 2.56
CA GLY L 16 28.93 44.98 3.99
C GLY L 16 28.79 43.68 4.76
N CYS L 17 28.17 42.69 4.12
CA CYS L 17 28.05 41.36 4.69
C CYS L 17 29.38 40.63 4.75
N ILE L 18 30.09 40.57 3.62
CA ILE L 18 31.36 39.85 3.53
C ILE L 18 32.38 40.35 4.57
N ILE L 19 32.49 41.65 4.72
CA ILE L 19 33.39 42.26 5.70
C ILE L 19 32.96 41.83 7.09
N THR L 20 31.65 41.91 7.32
CA THR L 20 31.07 41.55 8.60
C THR L 20 31.24 40.06 8.86
N SER L 21 31.20 39.25 7.81
CA SER L 21 31.44 37.81 7.93
C SER L 21 32.88 37.52 8.36
N LEU L 22 33.81 38.34 7.89
CA LEU L 22 35.22 38.13 8.18
C LEU L 22 35.60 38.60 9.59
N THR L 23 35.21 39.82 9.93
CA THR L 23 35.50 40.37 11.27
C THR L 23 34.67 39.69 12.36
N GLY L 24 33.50 39.19 11.97
CA GLY L 24 32.55 38.64 12.94
C GLY L 24 32.12 39.69 13.96
N ARG L 25 32.07 40.95 13.52
CA ARG L 25 31.81 42.07 14.42
C ARG L 25 30.64 42.93 13.95
N ASP L 26 29.43 42.56 14.38
CA ASP L 26 28.22 43.29 14.00
C ASP L 26 27.94 44.44 14.96
N ARG L 27 28.33 45.64 14.55
CA ARG L 27 28.08 46.84 15.35
C ARG L 27 26.64 47.31 15.27
N ASN L 28 25.92 46.89 14.23
CA ASN L 28 24.59 47.41 13.95
C ASN L 28 23.52 46.97 14.96
N GLN L 29 22.64 47.90 15.31
CA GLN L 29 21.62 47.70 16.35
C GLN L 29 20.61 46.63 15.98
N VAL L 30 20.60 45.54 16.75
CA VAL L 30 19.70 44.42 16.49
C VAL L 30 18.28 44.78 16.92
N GLU L 31 17.32 44.50 16.04
CA GLU L 31 15.92 44.79 16.30
C GLU L 31 15.04 43.69 15.71
N GLY L 32 14.02 43.29 16.44
CA GLY L 32 13.05 42.32 15.96
C GLY L 32 13.21 40.92 16.49
N GLU L 33 12.23 40.09 16.15
CA GLU L 33 12.16 38.71 16.58
C GLU L 33 12.90 37.84 15.57
N VAL L 34 12.51 37.99 14.30
CA VAL L 34 13.06 37.23 13.19
C VAL L 34 14.11 38.05 12.44
N GLN L 35 15.32 37.51 12.32
CA GLN L 35 16.40 38.13 11.55
C GLN L 35 16.55 37.43 10.23
N VAL L 36 16.83 38.22 9.19
CA VAL L 36 17.27 37.69 7.92
C VAL L 36 18.77 37.57 8.05
N VAL L 37 19.26 36.36 7.85
CA VAL L 37 20.63 36.02 8.13
C VAL L 37 21.33 35.65 6.82
N SER L 38 22.65 35.77 6.78
CA SER L 38 23.40 35.34 5.60
C SER L 38 24.84 34.95 5.89
N THR L 39 25.28 33.88 5.23
CA THR L 39 26.70 33.63 5.04
C THR L 39 27.03 34.46 3.81
N ALA L 40 28.27 34.43 3.34
CA ALA L 40 28.61 35.20 2.15
C ALA L 40 28.05 34.56 0.88
N THR L 41 27.70 33.28 0.94
CA THR L 41 27.27 32.50 -0.23
C THR L 41 25.80 32.13 -0.23
N GLN L 42 25.14 32.23 0.92
CA GLN L 42 23.72 31.92 1.00
C GLN L 42 23.03 32.53 2.20
N SER L 43 21.71 32.62 2.09
CA SER L 43 20.90 33.38 3.03
C SER L 43 19.65 32.61 3.45
N PHE L 44 19.28 32.79 4.72
CA PHE L 44 18.13 32.14 5.31
C PHE L 44 17.58 33.04 6.42
N LEU L 45 16.89 32.46 7.39
CA LEU L 45 16.33 33.25 8.49
C LEU L 45 16.80 32.71 9.84
N ALA L 46 16.66 33.55 10.86
CA ALA L 46 16.95 33.14 12.22
C ALA L 46 15.90 33.70 13.17
N THR L 47 15.28 32.81 13.95
CA THR L 47 14.22 33.18 14.89
C THR L 47 14.71 33.16 16.34
N CYS L 48 14.31 34.17 17.11
CA CYS L 48 14.67 34.27 18.53
C CYS L 48 13.55 33.81 19.46
N VAL L 49 13.84 32.81 20.29
CA VAL L 49 12.88 32.25 21.24
C VAL L 49 13.55 32.11 22.61
N ASN L 50 12.89 32.61 23.66
CA ASN L 50 13.46 32.60 25.02
C ASN L 50 14.87 33.18 25.07
N GLY L 51 15.09 34.30 24.40
CA GLY L 51 16.39 34.95 24.37
C GLY L 51 17.49 34.17 23.68
N VAL L 52 17.14 33.09 22.98
CA VAL L 52 18.09 32.31 22.20
C VAL L 52 17.76 32.47 20.73
N CYS L 53 18.79 32.59 19.90
CA CYS L 53 18.64 32.90 18.50
C CYS L 53 18.82 31.67 17.62
N TRP L 54 17.69 31.09 17.19
CA TRP L 54 17.69 29.79 16.54
C TRP L 54 17.76 29.86 15.01
N THR L 55 18.39 28.86 14.40
CA THR L 55 18.35 28.69 12.96
C THR L 55 18.75 27.28 12.52
N VAL L 56 18.82 27.07 11.20
CA VAL L 56 19.03 25.73 10.65
C VAL L 56 20.50 25.44 10.40
N TYR L 57 20.89 24.18 10.60
CA TYR L 57 22.28 23.79 10.40
C TYR L 57 22.61 23.79 8.93
N HIS L 58 21.67 23.33 8.11
CA HIS L 58 21.91 23.22 6.67
C HIS L 58 22.17 24.59 6.01
N GLY L 59 21.95 25.67 6.75
CA GLY L 59 22.28 27.02 6.28
C GLY L 59 23.50 27.63 6.98
N ALA L 60 23.54 27.50 8.30
CA ALA L 60 24.53 28.19 9.12
C ALA L 60 25.77 27.36 9.45
N GLY L 61 25.72 26.06 9.21
CA GLY L 61 26.83 25.18 9.56
C GLY L 61 27.12 25.27 11.05
N SER L 62 28.39 25.14 11.43
CA SER L 62 28.78 25.29 12.82
C SER L 62 29.47 26.64 13.03
N LYS L 63 29.11 27.61 12.19
CA LYS L 63 29.74 28.92 12.20
C LYS L 63 29.28 29.75 13.39
N THR L 64 30.05 30.79 13.67
CA THR L 64 29.70 31.77 14.69
C THR L 64 28.74 32.82 14.12
N LEU L 65 28.21 33.65 15.01
CA LEU L 65 27.36 34.77 14.63
C LEU L 65 28.08 36.07 14.94
N ALA L 66 28.19 36.93 13.93
CA ALA L 66 28.75 38.26 14.12
C ALA L 66 27.99 39.04 15.20
N GLY L 67 28.73 39.60 16.15
CA GLY L 67 28.14 40.28 17.30
C GLY L 67 28.90 41.53 17.72
N PRO L 68 28.29 42.36 18.59
CA PRO L 68 28.81 43.68 18.96
C PRO L 68 30.26 43.65 19.45
N LYS L 69 30.58 42.71 20.33
CA LYS L 69 31.92 42.58 20.88
C LYS L 69 32.64 41.34 20.32
N GLY L 70 32.45 41.10 19.03
CA GLY L 70 33.09 39.97 18.34
C GLY L 70 32.10 38.88 17.98
N PRO L 71 32.61 37.78 17.38
CA PRO L 71 31.75 36.68 16.92
C PRO L 71 31.27 35.81 18.09
N ILE L 72 30.02 35.36 18.03
CA ILE L 72 29.44 34.54 19.09
C ILE L 72 29.46 33.07 18.68
N THR L 73 30.04 32.22 19.52
CA THR L 73 30.06 30.78 19.31
C THR L 73 28.66 30.21 19.50
N GLN L 74 28.32 29.18 18.72
CA GLN L 74 27.05 28.49 18.87
C GLN L 74 26.98 27.90 20.26
N MET L 75 25.88 28.15 20.96
CA MET L 75 25.68 27.57 22.27
C MET L 75 25.11 26.16 22.15
N TYR L 76 24.24 25.97 21.17
CA TYR L 76 23.62 24.68 20.94
C TYR L 76 23.78 24.30 19.47
N THR L 77 24.07 23.02 19.23
CA THR L 77 24.24 22.47 17.87
C THR L 77 23.66 21.05 17.81
N ASN L 78 22.69 20.85 16.92
CA ASN L 78 22.04 19.54 16.77
C ASN L 78 21.88 19.20 15.29
N VAL L 79 22.88 18.50 14.77
CA VAL L 79 22.95 18.16 13.34
C VAL L 79 21.82 17.23 12.97
N ASP L 80 21.48 16.32 13.88
CA ASP L 80 20.45 15.33 13.63
C ASP L 80 19.11 16.03 13.39
N GLN L 81 18.87 17.12 14.11
CA GLN L 81 17.62 17.90 13.96
C GLN L 81 17.79 19.18 13.13
N ASP L 82 18.92 19.33 12.43
CA ASP L 82 19.21 20.51 11.60
C ASP L 82 19.08 21.83 12.37
N LEU L 83 19.49 21.86 13.64
CA LEU L 83 19.27 23.03 14.50
C LEU L 83 20.55 23.57 15.16
N VAL L 84 20.72 24.90 15.10
CA VAL L 84 21.82 25.60 15.77
C VAL L 84 21.33 26.85 16.49
N GLY L 85 22.02 27.24 17.55
CA GLY L 85 21.60 28.37 18.39
C GLY L 85 22.73 29.23 18.95
N TRP L 86 22.47 30.53 19.03
CA TRP L 86 23.40 31.50 19.61
C TRP L 86 22.69 32.25 20.73
N GLN L 87 23.44 32.65 21.75
CA GLN L 87 22.96 33.63 22.74
C GLN L 87 22.53 34.87 21.98
N ALA L 88 21.24 35.22 22.07
CA ALA L 88 20.73 36.39 21.37
C ALA L 88 21.58 37.60 21.73
N PRO L 89 22.12 38.31 20.71
CA PRO L 89 22.87 39.53 21.00
C PRO L 89 21.90 40.61 21.47
N PRO L 90 22.27 41.39 22.51
CA PRO L 90 21.35 42.40 23.06
C PRO L 90 20.64 43.26 21.99
N GLY L 91 19.46 43.78 22.35
CA GLY L 91 18.63 44.54 21.41
C GLY L 91 17.62 43.66 20.68
N ALA L 92 17.97 42.38 20.51
CA ALA L 92 17.07 41.40 19.90
C ALA L 92 15.86 41.14 20.79
N ARG L 93 14.71 41.00 20.15
CA ARG L 93 13.47 40.67 20.83
C ARG L 93 13.31 39.16 20.75
N SER L 94 12.50 38.59 21.62
CA SER L 94 12.28 37.16 21.64
C SER L 94 10.80 36.84 21.40
N LEU L 95 10.54 35.74 20.70
CA LEU L 95 9.19 35.20 20.56
C LEU L 95 8.96 34.21 21.67
N THR L 96 7.87 34.38 22.39
CA THR L 96 7.50 33.43 23.45
C THR L 96 6.92 32.16 22.82
N PRO L 97 7.27 30.96 23.36
CA PRO L 97 6.75 29.70 22.83
C PRO L 97 5.23 29.58 22.86
N CYS L 98 4.69 28.75 21.97
CA CYS L 98 3.26 28.54 21.87
C CYS L 98 2.79 27.52 22.89
N THR L 99 1.62 27.76 23.48
CA THR L 99 1.06 26.85 24.49
C THR L 99 -0.42 26.53 24.28
N CYS L 100 -1.02 26.97 23.17
CA CYS L 100 -2.46 26.80 22.96
C CYS L 100 -2.79 25.57 22.11
N GLY L 101 -1.79 24.76 21.80
CA GLY L 101 -1.98 23.48 21.10
C GLY L 101 -2.79 23.58 19.82
N SER L 102 -2.63 24.69 19.10
CA SER L 102 -3.39 24.92 17.88
C SER L 102 -2.75 24.24 16.66
N SER L 103 -3.59 24.00 15.65
CA SER L 103 -3.16 23.39 14.41
C SER L 103 -3.30 24.36 13.25
N ASP L 104 -3.50 25.64 13.58
CA ASP L 104 -3.54 26.71 12.60
C ASP L 104 -2.20 27.42 12.66
N LEU L 105 -1.26 26.97 11.83
CA LEU L 105 0.07 27.55 11.83
C LEU L 105 0.23 28.58 10.72
N TYR L 106 1.21 29.46 10.89
CA TYR L 106 1.47 30.55 9.96
C TYR L 106 2.98 30.73 9.78
N LEU L 107 3.46 30.46 8.56
CA LEU L 107 4.87 30.50 8.25
C LEU L 107 5.25 31.88 7.73
N VAL L 108 6.26 32.48 8.35
CA VAL L 108 6.78 33.77 7.92
C VAL L 108 8.03 33.58 7.06
N THR L 109 7.96 34.10 5.83
CA THR L 109 9.05 33.99 4.86
C THR L 109 9.99 35.17 4.91
N ARG L 110 11.09 35.05 4.16
CA ARG L 110 12.07 36.13 4.03
C ARG L 110 11.49 37.36 3.30
N HIS L 111 10.56 37.12 2.38
CA HIS L 111 9.88 38.19 1.65
C HIS L 111 8.70 38.74 2.45
N ALA L 112 8.60 38.39 3.73
CA ALA L 112 7.60 38.94 4.64
C ALA L 112 6.19 38.56 4.25
N ASP L 113 6.06 37.38 3.66
CA ASP L 113 4.75 36.79 3.36
C ASP L 113 4.40 35.87 4.49
N VAL L 114 3.11 35.81 4.82
CA VAL L 114 2.61 34.96 5.89
C VAL L 114 1.72 33.90 5.25
N ILE L 115 2.04 32.64 5.53
CA ILE L 115 1.51 31.52 4.77
C ILE L 115 0.73 30.55 5.68
N PRO L 116 -0.61 30.46 5.47
CA PRO L 116 -1.41 29.50 6.23
C PRO L 116 -0.94 28.04 6.08
N VAL L 117 -0.59 27.45 7.23
CA VAL L 117 -0.17 26.05 7.31
C VAL L 117 -1.04 25.36 8.34
N ARG L 118 -1.60 24.21 7.97
CA ARG L 118 -2.35 23.41 8.93
C ARG L 118 -1.48 22.29 9.49
N ARG L 119 -1.31 22.31 10.81
CA ARG L 119 -0.48 21.32 11.48
C ARG L 119 -1.08 19.94 11.32
N ARG L 120 -0.27 19.02 10.80
CA ARG L 120 -0.70 17.68 10.53
C ARG L 120 0.40 16.74 10.97
N GLY L 121 0.61 16.68 12.28
CA GLY L 121 1.66 15.88 12.89
C GLY L 121 2.60 16.68 13.78
N ASP L 122 3.52 15.97 14.43
CA ASP L 122 4.43 16.57 15.41
C ASP L 122 5.27 17.68 14.78
N SER L 123 5.91 17.39 13.65
CA SER L 123 6.83 18.33 13.03
C SER L 123 6.57 18.49 11.53
N ARG L 124 5.28 18.50 11.14
CA ARG L 124 4.92 18.60 9.73
C ARG L 124 3.53 19.24 9.59
N GLY L 125 3.38 20.11 8.58
CA GLY L 125 2.09 20.75 8.28
C GLY L 125 1.95 20.99 6.79
N SER L 126 0.70 21.10 6.32
CA SER L 126 0.43 21.32 4.89
C SER L 126 -0.15 22.73 4.63
N LEU L 127 0.36 23.37 3.57
CA LEU L 127 -0.11 24.70 3.19
C LEU L 127 -1.58 24.62 2.82
N LEU L 128 -2.39 25.55 3.31
CA LEU L 128 -3.82 25.57 2.96
C LEU L 128 -4.02 25.77 1.46
N SER L 129 -3.17 26.60 0.87
CA SER L 129 -3.13 26.75 -0.59
C SER L 129 -1.67 26.65 -1.02
N PRO L 130 -1.37 25.71 -1.94
CA PRO L 130 0.04 25.56 -2.33
C PRO L 130 0.58 26.79 -3.05
N ARG L 131 1.89 26.93 -3.07
CA ARG L 131 2.53 27.97 -3.84
C ARG L 131 3.78 27.42 -4.49
N PRO L 132 4.29 28.08 -5.55
CA PRO L 132 5.55 27.69 -6.17
C PRO L 132 6.68 27.75 -5.16
N VAL L 133 7.55 26.74 -5.18
CA VAL L 133 8.61 26.57 -4.18
C VAL L 133 9.41 27.83 -3.84
N SER L 134 9.61 28.71 -4.82
CA SER L 134 10.34 29.97 -4.61
C SER L 134 9.75 30.85 -3.50
N TYR L 135 8.45 30.75 -3.28
CA TYR L 135 7.80 31.42 -2.15
C TYR L 135 8.44 31.06 -0.79
N LEU L 136 8.81 29.80 -0.63
CA LEU L 136 9.41 29.31 0.63
C LEU L 136 10.92 29.27 0.60
N LYS L 137 11.52 29.05 -0.56
CA LYS L 137 12.97 28.90 -0.66
C LYS L 137 13.67 30.15 -0.14
N GLY L 138 14.67 29.94 0.70
CA GLY L 138 15.38 31.01 1.38
C GLY L 138 14.88 31.28 2.79
N SER L 139 13.79 30.62 3.21
CA SER L 139 13.16 30.97 4.48
C SER L 139 13.36 29.94 5.60
N SER L 140 14.35 29.07 5.47
CA SER L 140 14.68 28.11 6.53
C SER L 140 15.12 28.87 7.80
N GLY L 141 14.73 28.33 8.95
CA GLY L 141 15.00 28.98 10.22
C GLY L 141 13.98 30.05 10.57
N GLY L 142 13.05 30.34 9.65
CA GLY L 142 11.97 31.28 9.91
C GLY L 142 10.94 30.61 10.78
N PRO L 143 10.13 31.39 11.49
CA PRO L 143 9.22 30.82 12.47
C PRO L 143 7.96 30.24 11.87
N LEU L 144 7.32 29.35 12.60
CA LEU L 144 5.93 29.01 12.36
C LEU L 144 5.19 29.40 13.62
N LEU L 145 4.19 30.27 13.45
CA LEU L 145 3.50 30.86 14.57
C LEU L 145 2.10 30.26 14.72
N CYS L 146 1.56 30.33 15.92
CA CYS L 146 0.15 30.02 16.15
C CYS L 146 -0.61 31.33 15.98
N PRO L 147 -1.95 31.29 15.92
CA PRO L 147 -2.74 32.51 15.68
C PRO L 147 -2.43 33.70 16.61
N SER L 148 -2.01 33.40 17.84
CA SER L 148 -1.63 34.42 18.82
C SER L 148 -0.21 34.97 18.63
N GLY L 149 0.48 34.51 17.59
CA GLY L 149 1.83 34.95 17.30
C GLY L 149 2.87 34.40 18.27
N HIS L 150 2.62 33.22 18.82
CA HIS L 150 3.63 32.50 19.60
C HIS L 150 4.31 31.48 18.70
N ALA L 151 5.50 31.03 19.11
CA ALA L 151 6.33 30.16 18.27
C ALA L 151 6.06 28.68 18.53
N VAL L 152 5.70 27.94 17.48
CA VAL L 152 5.52 26.48 17.59
C VAL L 152 6.74 25.71 17.08
N GLY L 153 7.48 26.28 16.14
CA GLY L 153 8.67 25.63 15.61
C GLY L 153 9.35 26.48 14.56
N ILE L 154 10.52 26.06 14.07
CA ILE L 154 11.20 26.78 12.98
C ILE L 154 11.33 25.98 11.68
N PHE L 155 11.18 26.68 10.56
CA PHE L 155 11.03 26.06 9.25
C PHE L 155 12.33 25.40 8.77
N ARG L 156 12.22 24.16 8.29
CA ARG L 156 13.37 23.30 8.00
C ARG L 156 13.44 22.78 6.55
N ALA L 157 12.30 22.31 6.03
CA ALA L 157 12.25 21.67 4.71
C ALA L 157 10.83 21.69 4.14
N ALA L 158 10.71 21.43 2.84
CA ALA L 158 9.41 21.39 2.19
C ALA L 158 9.21 20.15 1.33
N VAL L 159 7.94 19.76 1.20
CA VAL L 159 7.53 18.68 0.32
C VAL L 159 7.04 19.32 -0.97
N CYS L 160 7.75 19.07 -2.07
CA CYS L 160 7.44 19.68 -3.36
C CYS L 160 7.27 18.67 -4.48
N THR L 161 6.61 19.11 -5.54
CA THR L 161 6.50 18.32 -6.77
C THR L 161 6.27 19.30 -7.91
N ARG L 162 6.97 19.10 -9.02
CA ARG L 162 6.82 19.97 -10.20
C ARG L 162 7.10 21.44 -9.88
N GLY L 163 7.91 21.68 -8.84
CA GLY L 163 8.20 23.03 -8.38
C GLY L 163 7.03 23.75 -7.73
N VAL L 164 6.10 22.98 -7.17
CA VAL L 164 5.08 23.56 -6.30
C VAL L 164 5.17 22.89 -4.93
N ALA L 165 5.19 23.71 -3.88
CA ALA L 165 5.35 23.22 -2.51
C ALA L 165 3.99 22.94 -1.91
N LYS L 166 3.81 21.73 -1.40
CA LYS L 166 2.51 21.30 -0.88
C LYS L 166 2.48 21.23 0.65
N ALA L 167 3.64 21.00 1.27
CA ALA L 167 3.70 20.87 2.73
C ALA L 167 5.11 21.14 3.28
N VAL L 168 5.18 21.46 4.57
CA VAL L 168 6.41 21.91 5.21
C VAL L 168 6.83 21.02 6.38
N ASP L 169 8.14 20.96 6.60
CA ASP L 169 8.73 20.22 7.71
C ASP L 169 9.39 21.24 8.60
N PHE L 170 9.36 21.01 9.91
CA PHE L 170 9.92 21.96 10.86
C PHE L 170 10.42 21.32 12.17
N VAL L 171 11.05 22.15 13.00
CA VAL L 171 11.54 21.73 14.30
C VAL L 171 10.51 22.18 15.35
N PRO L 172 9.90 21.23 16.09
CA PRO L 172 9.02 21.63 17.19
C PRO L 172 9.75 22.36 18.33
N VAL L 173 9.06 23.32 18.94
CA VAL L 173 9.60 24.08 20.07
C VAL L 173 9.98 23.19 21.28
N GLU L 174 9.44 21.96 21.31
CA GLU L 174 9.84 20.95 22.29
C GLU L 174 11.23 20.38 22.01
N SER L 175 11.57 20.21 20.73
CA SER L 175 12.89 19.69 20.33
C SER L 175 14.03 20.64 20.70
N MET L 176 13.71 21.93 20.75
CA MET L 176 14.67 22.96 21.13
C MET L 176 14.98 22.85 22.63
N GLU L 177 13.95 22.57 23.43
CA GLU L 177 14.12 22.34 24.87
C GLU L 177 14.85 21.02 25.16
N THR L 178 14.72 20.05 24.25
CA THR L 178 15.46 18.81 24.32
C THR L 178 16.96 19.06 24.18
N THR L 179 17.32 19.89 23.20
CA THR L 179 18.71 20.27 22.94
C THR L 179 19.31 21.05 24.11
N MET L 180 18.55 22.03 24.60
CA MET L 180 19.01 22.88 25.70
C MET L 180 19.30 22.06 26.95
N ARG L 181 18.41 21.14 27.27
CA ARG L 181 18.57 20.29 28.46
C ARG L 181 19.75 19.33 28.31
N ALA L 182 19.99 18.87 27.09
CA ALA L 182 21.12 17.99 26.80
C ALA L 182 22.45 18.73 26.95
N SER L 183 22.58 19.85 26.24
CA SER L 183 23.79 20.66 26.27
C SER L 183 23.93 21.40 27.60
N LYS L 188 35.15 29.25 8.32
CA LYS L 188 36.02 30.39 8.61
C LYS L 188 35.24 31.65 8.92
N GLY L 189 34.37 32.05 8.00
CA GLY L 189 33.56 33.26 8.15
C GLY L 189 32.40 33.06 9.09
N SER L 190 31.87 34.16 9.63
CA SER L 190 30.74 34.11 10.54
C SER L 190 29.45 34.32 9.80
N VAL L 191 28.34 34.01 10.49
CA VAL L 191 27.01 34.30 9.98
C VAL L 191 26.69 35.77 10.25
N VAL L 192 26.05 36.45 9.30
CA VAL L 192 25.78 37.87 9.40
C VAL L 192 24.31 38.19 9.29
N ILE L 193 23.80 38.96 10.25
CA ILE L 193 22.43 39.46 10.17
C ILE L 193 22.42 40.59 9.14
N VAL L 194 21.74 40.35 8.02
CA VAL L 194 21.73 41.29 6.90
C VAL L 194 20.41 42.07 6.78
N GLY L 195 19.45 41.75 7.65
CA GLY L 195 18.15 42.39 7.62
C GLY L 195 17.19 41.70 8.56
N ARG L 196 15.97 42.24 8.69
CA ARG L 196 15.01 41.71 9.67
C ARG L 196 13.55 41.81 9.20
N ILE L 197 12.69 41.06 9.88
CA ILE L 197 11.29 40.97 9.52
C ILE L 197 10.43 41.36 10.72
N ILE L 198 9.85 42.54 10.64
CA ILE L 198 9.02 43.08 11.71
C ILE L 198 7.63 42.45 11.64
N LEU L 199 7.25 41.73 12.70
CA LEU L 199 5.93 41.08 12.77
C LEU L 199 4.89 42.05 13.33
N SER L 200 3.78 41.51 13.83
CA SER L 200 2.79 42.31 14.54
C SER L 200 2.15 41.52 15.68
ZN ZN M . -5.79 -50.62 2.09
C1 3EO N . 5.93 -33.73 -12.85
C2 3EO N . 5.46 -34.63 -14.01
C3 3EO N . 6.60 -34.95 -14.99
C4 3EO N . 5.57 -34.59 -16.04
C6 3EO N . 5.08 -35.82 -16.82
C7 3EO N . 3.29 -34.40 -15.11
C11 3EO N . 4.64 -37.18 -18.93
C12 3EO N . 3.39 -36.98 -19.80
C15 3EO N . 0.27 -37.22 -17.60
C16 3EO N . -0.04 -36.80 -16.34
C19 3EO N . 1.15 -35.38 -14.33
C21 3EO N . 0.66 -36.72 -13.72
O28 3EO N . -1.21 -31.92 -15.80
C30 3EO N . 0.03 -29.58 -12.88
C31 3EO N . -1.07 -29.15 -13.92
C33 3EO N . 7.41 -34.04 -10.84
C34 3EO N . 8.10 -34.95 -10.03
C35 3EO N . 7.62 -32.68 -10.63
C36 3EO N . 8.96 -34.50 -9.02
C37 3EO N . 8.47 -32.24 -9.63
C39 3EO N . 7.95 -36.32 -10.20
C40 3EO N . 8.62 -37.23 -9.39
S25 3EO N . -0.66 -31.83 -14.48
O27 3EO N . -1.67 -32.11 -13.51
C26 3EO N . 0.01 -30.18 -14.24
C29 3EO N . 0.98 -29.71 -15.33
N23 3EO N . 0.51 -32.95 -14.31
C22 3EO N . 0.14 -34.25 -14.49
O24 3EO N . -1.03 -34.50 -14.74
C20 3EO N . 0.97 -36.58 -15.21
C14 3EO N . 1.68 -37.52 -18.08
C13 3EO N . 2.21 -36.42 -19.01
N9 3EO N . 5.12 -35.97 -18.22
C10 3EO N . 5.66 -34.97 -19.15
O8 3EO N . 4.61 -36.74 -16.16
N18 3EO N . 2.56 -34.97 -14.06
O17 3EO N . 2.74 -34.26 -16.19
N5 3EO N . 4.62 -34.00 -15.08
O32 3EO N . 6.57 -34.51 -11.83
C43 3EO N . 8.68 -30.81 -9.41
N45 3EO N . 8.55 -29.81 -10.30
C47 3EO N . 8.81 -28.60 -9.74
C48 3EO N . 8.46 -27.27 -10.40
C50 3EO N . 7.45 -27.41 -11.56
C49 3EO N . 9.69 -26.47 -10.84
C46 3EO N . 9.17 -28.69 -8.41
S44 3EO N . 9.11 -30.22 -7.99
N38 3EO N . 9.14 -33.14 -8.83
C41 3EO N . 9.64 -35.39 -8.22
C42 3EO N . 9.47 -36.77 -8.40
O51 3EO N . 10.14 -37.66 -7.60
C52 3EO N . 11.51 -37.56 -7.24
CL CL O . 4.21 -39.27 -24.58
ZN ZN P . -12.16 36.01 -12.08
C1 3EO Q . -27.88 16.43 -7.72
C2 3EO Q . -28.48 16.98 -9.02
C3 3EO Q . -29.97 17.32 -8.92
C4 3EO Q . -30.11 16.39 -10.10
C6 3EO Q . -30.72 17.06 -11.35
C7 3EO Q . -27.87 16.20 -11.19
C11 3EO Q . -32.41 17.07 -13.27
C12 3EO Q . -31.58 17.80 -14.34
C15 3EO Q . -28.06 17.73 -15.67
C16 3EO Q . -26.90 17.62 -14.98
C19 3EO Q . -26.00 17.07 -12.47
C21 3EO Q . -25.43 18.48 -12.83
O28 3EO Q . -25.08 13.04 -14.23
C30 3EO Q . -23.26 11.85 -10.96
C31 3EO Q . -23.42 10.97 -12.26
C33 3EO Q . -27.35 17.44 -5.49
C34 3EO Q . -27.30 18.62 -4.74
C35 3EO Q . -27.10 16.22 -4.89
C36 3EO Q . -27.00 18.55 -3.38
C37 3EO Q . -26.80 16.17 -3.54
C39 3EO Q . -27.54 19.86 -5.29
C40 3EO Q . -27.48 21.00 -4.50
S25 3EO Q . -24.39 13.43 -13.04
O27 3EO Q . -23.05 13.80 -13.38
C26 3EO Q . -24.41 12.07 -11.88
C29 3EO Q . -25.81 11.55 -11.57
N23 3EO Q . -25.19 14.68 -12.32
C22 3EO Q . -25.31 15.84 -13.04
O24 3EO Q . -24.80 15.89 -14.14
C20 3EO Q . -26.71 17.92 -13.48
C14 3EO Q . -29.33 18.22 -15.05
C13 3EO Q . -30.31 17.08 -14.75
N9 3EO Q . -31.75 16.50 -12.09
C10 3EO Q . -32.39 15.22 -11.78
O8 3EO Q . -30.27 18.13 -11.71
N18 3EO Q . -26.69 16.91 -11.19
O17 3EO Q . -28.24 15.72 -12.23
N5 3EO Q . -28.69 15.99 -10.11
O32 3EO Q . -27.64 17.53 -6.83
C43 3EO Q . -26.54 14.94 -2.80
N45 3EO Q . -26.98 13.69 -3.07
C47 3EO Q . -26.54 12.80 -2.13
C48 3EO Q . -26.62 11.30 -2.30
C50 3EO Q . -26.82 10.88 -3.76
C49 3EO Q . -27.69 10.70 -1.36
C46 3EO Q . -25.80 13.39 -1.11
S44 3EO Q . -25.69 14.94 -1.44
N38 3EO Q . -26.75 17.33 -2.80
C41 3EO Q . -26.93 19.68 -2.59
C42 3EO Q . -27.18 20.93 -3.15
O51 3EO Q . -27.12 22.05 -2.37
C52 3EO Q . -27.84 22.19 -1.15
CL CL R . -29.47 38.02 -6.63
ZN ZN S . -47.67 5.88 -43.79
C1 3EO T . -32.37 14.60 -25.63
C2 3EO T . -33.54 14.32 -24.68
C3 3EO T . -33.87 15.50 -23.77
C4 3EO T . -33.84 14.44 -22.68
C6 3EO T . -35.22 14.21 -22.05
C7 3EO T . -33.80 12.14 -23.67
C11 3EO T . -36.73 14.00 -20.02
C12 3EO T . -37.56 12.75 -20.34
C15 3EO T . -37.52 9.45 -22.20
C16 3EO T . -36.85 9.14 -23.33
C19 3EO T . -34.88 10.27 -24.82
C21 3EO T . -36.02 9.94 -25.80
O28 3EO T . -32.18 7.56 -22.55
C30 3EO T . -29.09 8.15 -24.92
C31 3EO T . -29.12 7.13 -23.72
C33 3EO T . -31.92 16.28 -27.45
C34 3EO T . -32.49 17.09 -28.45
C35 3EO T . -30.54 16.21 -27.31
C36 3EO T . -31.66 17.83 -29.29
C37 3EO T . -29.73 16.96 -28.16
C39 3EO T . -33.86 17.20 -28.64
C40 3EO T . -34.37 18.02 -29.64
S25 3EO T . -31.74 7.97 -23.86
O27 3EO T . -31.96 6.87 -24.78
C26 3EO T . -29.99 8.39 -23.77
C29 3EO T . -29.62 9.39 -22.67
N23 3EO T . -32.58 9.27 -24.38
C22 3EO T . -33.95 9.14 -24.36
O24 3EO T . -34.41 8.09 -23.97
C20 3EO T . -36.27 10.17 -24.31
C14 3EO T . -37.81 10.87 -21.80
C13 3EO T . -36.81 11.51 -20.83
N9 3EO T . -35.42 14.17 -20.66
C10 3EO T . -34.38 14.36 -19.64
O8 3EO T . -36.17 14.06 -22.78
N18 3EO T . -34.29 11.62 -24.84
O17 3EO T . -33.83 11.49 -22.66
N5 3EO T . -33.26 13.41 -23.54
O32 3EO T . -32.75 15.55 -26.62
C43 3EO T . -28.28 16.96 -28.09
N45 3EO T . -27.47 16.50 -27.12
C47 3EO T . -26.16 16.68 -27.46
C48 3EO T . -24.99 16.30 -26.57
C50 3EO T . -25.39 15.34 -25.43
C49 3EO T . -24.27 17.55 -26.06
C46 3EO T . -25.97 17.29 -28.67
S44 3EO T . -27.41 17.55 -29.30
N38 3EO T . -30.30 17.75 -29.13
C41 3EO T . -32.17 18.65 -30.29
C42 3EO T . -33.54 18.74 -30.47
O51 3EO T . -34.02 19.56 -31.46
C52 3EO T . -33.79 20.97 -31.52
CL CL U . -36.69 6.66 -16.11
CL CL V . -44.30 -3.12 -20.93
ZN ZN W . 30.97 -14.97 -21.32
C1 3EO X . 9.21 -26.16 -29.33
C2 3EO X . 9.52 -27.17 -28.24
C3 3EO X . 9.39 -28.62 -28.72
C4 3EO X . 8.57 -28.78 -27.46
C6 3EO X . 9.33 -29.61 -26.42
C7 3EO X . 8.83 -26.79 -25.99
C11 3EO X . 9.60 -31.54 -24.83
C12 3EO X . 9.03 -31.40 -23.41
C15 3EO X . 10.23 -28.19 -21.81
C16 3EO X . 10.41 -26.90 -22.15
C19 3EO X . 9.97 -25.38 -24.38
C21 3EO X . 11.41 -25.06 -23.89
O28 3EO X . 6.07 -24.35 -22.46
C30 3EO X . 5.31 -21.44 -25.02
C31 3EO X . 4.38 -21.84 -23.81
C33 3EO X . 10.45 -25.44 -31.39
C34 3EO X . 11.65 -25.45 -32.11
C35 3EO X . 9.31 -24.90 -31.98
C36 3EO X . 11.71 -24.93 -33.39
C37 3EO X . 9.37 -24.40 -33.26
C39 3EO X . 12.82 -25.98 -31.56
C40 3EO X . 14.00 -25.99 -32.30
S25 3EO X . 6.61 -23.44 -23.43
O27 3EO X . 7.21 -22.32 -22.75
C26 3EO X . 5.30 -22.85 -24.52
C29 3EO X . 4.52 -23.94 -25.24
N23 3EO X . 7.72 -24.23 -24.34
C22 3EO X . 8.84 -24.66 -23.66
O24 3EO X . 8.94 -24.42 -22.47
C20 3EO X . 10.72 -26.38 -23.56
C14 3EO X . 10.30 -29.34 -22.79
C13 3EO X . 8.90 -29.94 -22.98
N9 3EO X . 8.84 -30.77 -25.83
C10 3EO X . 7.54 -31.39 -26.14
O8 3EO X . 10.42 -29.21 -26.07
N18 3EO X . 9.73 -25.75 -25.79
O17 3EO X . 8.31 -27.30 -25.04
N5 3EO X . 8.47 -27.34 -27.20
O32 3EO X . 10.39 -25.94 -30.11
C43 3EO X . 8.17 -23.83 -33.87
N45 3EO X . 6.89 -24.06 -33.57
C47 3EO X . 6.05 -23.31 -34.33
C48 3EO X . 4.55 -23.20 -34.06
C50 3EO X . 4.16 -23.58 -32.63
C49 3EO X . 3.76 -24.01 -35.10
C46 3EO X . 6.70 -22.52 -35.24
S44 3EO X . 8.26 -22.75 -35.04
N38 3EO X . 10.56 -24.41 -33.97
C41 3EO X . 12.88 -24.93 -34.13
C42 3EO X . 14.05 -25.46 -33.58
O51 3EO X . 15.21 -25.46 -34.29
C52 3EO X . 15.38 -26.06 -35.57
ZN ZN Y . -47.54 -0.31 11.06
C1 3EO Z . -40.74 4.65 -12.94
C2 3EO Z . -40.29 5.92 -12.20
C3 3EO Z . -40.90 7.18 -12.82
C4 3EO Z . -39.44 7.61 -12.98
C6 3EO Z . -39.14 8.94 -12.28
C7 3EO Z . -38.11 6.31 -11.29
C11 3EO Z . -37.92 11.20 -12.20
C12 3EO Z . -37.63 11.25 -10.71
C15 3EO Z . -36.10 9.09 -7.99
C16 3EO Z . -36.28 7.77 -7.79
C19 3EO Z . -37.41 5.63 -9.06
C21 3EO Z . -38.00 5.67 -7.62
O28 3EO Z . -33.24 4.61 -10.47
C30 3EO Z . -34.54 1.17 -11.94
C31 3EO Z . -33.03 1.57 -11.91
C33 3EO Z . -42.99 3.55 -13.11
C34 3EO Z . -44.27 3.45 -12.56
C35 3EO Z . -42.59 2.63 -14.09
C36 3EO Z . -45.12 2.44 -12.99
C37 3EO Z . -43.45 1.63 -14.50
C39 3EO Z . -44.73 4.33 -11.58
C40 3EO Z . -46.02 4.21 -11.06
S25 3EO Z . -34.25 3.58 -10.42
O27 3EO Z . -33.96 2.73 -9.30
C26 3EO Z . -34.15 2.61 -11.93
C29 3EO Z . -34.18 3.45 -13.21
N23 3EO Z . -35.75 4.20 -10.33
C22 3EO Z . -36.03 5.01 -9.26
O24 3EO Z . -35.14 5.21 -8.43
C20 3EO Z . -37.45 6.92 -8.32
C14 3EO Z . -37.07 9.94 -8.75
C13 3EO Z . -36.67 10.18 -10.22
N9 3EO Z . -38.25 9.89 -12.80
C10 3EO Z . -37.52 9.74 -14.08
O8 3EO Z . -39.69 9.16 -11.23
N18 3EO Z . -38.34 5.48 -10.19
O17 3EO Z . -37.18 7.05 -11.24
N5 3EO Z . -38.89 6.36 -12.43
O32 3EO Z . -42.14 4.54 -12.69
C43 3EO Z . -43.07 0.68 -15.54
N45 3EO Z . -42.06 0.81 -16.41
C47 3EO Z . -41.98 -0.24 -17.25
C48 3EO Z . -40.85 -0.43 -18.23
C50 3EO Z . -39.62 0.43 -17.88
C49 3EO Z . -41.33 -0.19 -19.68
C46 3EO Z . -42.98 -1.19 -17.06
S44 3EO Z . -43.85 -0.70 -15.83
N38 3EO Z . -44.72 1.55 -13.95
C41 3EO Z . -46.40 2.31 -12.48
C42 3EO Z . -46.87 3.19 -11.51
O51 3EO Z . -48.12 3.04 -11.02
C52 3EO Z . -49.26 2.69 -11.81
CL CL AA . -30.28 12.26 -10.15
CL CL BA . -26.64 10.45 2.41
ZN ZN CA . -9.43 -38.87 -52.41
C1 3EO DA . -4.86 -37.93 -27.76
C2 3EO DA . -3.38 -37.62 -28.05
C3 3EO DA . -2.43 -38.53 -27.28
C4 3EO DA . -1.74 -37.22 -26.95
C6 3EO DA . -0.41 -37.07 -27.68
C7 3EO DA . -2.68 -35.35 -28.38
C11 3EO DA . 2.01 -36.48 -27.88
C12 3EO DA . 2.53 -35.05 -28.08
C15 3EO DA . 0.63 -33.24 -30.79
C16 3EO DA . -0.65 -33.10 -31.19
C19 3EO DA . -3.09 -34.06 -30.37
C21 3EO DA . -3.00 -34.31 -31.90
O28 3EO DA . -3.57 -30.25 -28.01
C30 3EO DA . -7.27 -31.37 -27.11
C31 3EO DA . -6.70 -29.95 -26.74
C33 3EO DA . -6.15 -40.08 -27.77
C34 3EO DA . -6.40 -41.20 -28.55
C35 3EO DA . -7.02 -39.76 -26.73
C36 3EO DA . -7.53 -41.99 -28.28
C37 3EO DA . -8.13 -40.54 -26.47
C39 3EO DA . -5.55 -41.58 -29.59
C40 3EO DA . -5.85 -42.70 -30.35
S25 3EO DA . -4.73 -31.01 -28.37
O27 3EO DA . -5.44 -30.40 -29.47
C26 3EO DA . -5.80 -31.17 -26.94
C29 3EO DA . -5.08 -31.62 -25.65
N23 3EO DA . -4.30 -32.53 -28.82
C22 3EO DA . -3.50 -32.67 -29.92
O24 3EO DA . -3.15 -31.69 -30.55
C20 3EO DA . -1.75 -34.16 -31.03
C14 3EO DA . 1.16 -34.48 -30.10
C13 3EO DA . 1.44 -34.12 -28.64
N9 3EO DA . 0.76 -36.59 -27.11
C10 3EO DA . 0.90 -36.16 -25.71
O8 3EO DA . -0.40 -37.39 -28.85
N18 3EO DA . -3.48 -35.17 -29.49
O17 3EO DA . -1.75 -34.60 -28.19
N5 3EO DA . -2.84 -36.37 -27.45
O32 3EO DA . -5.05 -39.32 -28.02
C43 3EO DA . -9.08 -40.23 -25.39
N45 3EO DA . -8.93 -39.34 -24.39
C47 3EO DA . -10.02 -39.32 -23.58
C48 3EO DA . -10.15 -38.44 -22.34
C50 3EO DA . -9.22 -37.22 -22.34
C49 3EO DA . -10.02 -39.26 -21.05
C46 3EO DA . -11.01 -40.22 -23.97
S44 3EO DA . -10.50 -40.96 -25.28
N38 3EO DA . -8.38 -41.66 -27.26
C41 3EO DA . -7.81 -43.12 -29.04
C42 3EO DA . -6.97 -43.47 -30.08
O51 3EO DA . -7.27 -44.59 -30.82
C52 3EO DA . -7.54 -45.87 -30.28
CL CL EA . -11.61 -11.10 -25.63
CL CL FA . 4.07 -21.83 -38.97
CL CL GA . 4.40 -28.10 -27.60
ZN ZN HA . 5.10 32.87 -34.68
C1 3EO IA . 9.45 29.49 -10.03
C2 3EO IA . 9.98 28.11 -10.43
C3 3EO IA . 9.42 26.97 -9.59
C4 3EO IA . 10.89 26.59 -9.45
C6 3EO IA . 11.20 25.24 -10.13
C7 3EO IA . 12.26 27.88 -11.11
C11 3EO IA . 12.18 22.89 -10.10
C12 3EO IA . 12.90 22.82 -11.45
C15 3EO IA . 14.83 25.03 -13.86
C16 3EO IA . 14.62 26.32 -14.20
C19 3EO IA . 13.13 28.42 -13.31
C21 3EO IA . 12.80 28.24 -14.82
O28 3EO IA . 17.04 29.39 -11.35
C30 3EO IA . 15.63 33.04 -10.46
C31 3EO IA . 17.16 32.71 -10.35
C33 3EO IA . 7.18 30.54 -10.00
C34 3EO IA . 5.92 30.60 -10.63
C35 3EO IA . 7.49 31.48 -9.02
C36 3EO IA . 5.02 31.60 -10.27
C37 3EO IA . 6.57 32.46 -8.68
C39 3EO IA . 5.54 29.70 -11.62
C40 3EO IA . 4.28 29.80 -12.23
S25 3EO IA . 16.10 30.45 -11.60
O27 3EO IA . 16.49 31.14 -12.81
C26 3EO IA . 16.09 31.64 -10.22
C29 3EO IA . 16.05 31.04 -8.81
N23 3EO IA . 14.61 29.84 -11.82
C22 3EO IA . 14.46 29.05 -12.93
O24 3EO IA . 15.42 28.89 -13.64
C20 3EO IA . 13.30 27.08 -13.96
C14 3EO IA . 13.77 24.16 -13.26
C13 3EO IA . 13.88 23.96 -11.75
N9 3EO IA . 11.88 24.20 -9.49
C10 3EO IA . 12.36 24.24 -8.10
O8 3EO IA . 10.85 25.09 -11.27
N18 3EO IA . 12.07 28.56 -12.31
O17 3EO IA . 13.27 27.24 -10.97
N5 3EO IA . 11.39 27.84 -10.06
O32 3EO IA . 8.06 29.56 -10.36
C43 3EO IA . 6.82 33.47 -7.66
N45 3EO IA . 7.67 33.44 -6.60
C47 3EO IA . 7.61 34.58 -5.88
C48 3EO IA . 8.66 34.97 -4.85
C50 3EO IA . 9.99 34.26 -5.05
C49 3EO IA . 8.13 34.81 -3.41
C46 3EO IA . 6.69 35.49 -6.36
S44 3EO IA . 6.03 34.86 -7.66
N38 3EO IA . 5.35 32.50 -9.30
C41 3EO IA . 3.77 31.70 -10.86
C42 3EO IA . 3.39 30.80 -11.85
O51 3EO IA . 2.16 30.92 -12.41
C52 3EO IA . 0.97 31.12 -11.67
ZN ZN JA . 38.73 -0.99 -5.51
C1 3EO KA . 22.88 17.61 -12.90
C2 3EO KA . 22.20 17.11 -11.61
C3 3EO KA . 20.72 16.71 -11.80
C4 3EO KA . 20.48 17.71 -10.69
C6 3EO KA . 19.81 17.11 -9.45
C7 3EO KA . 22.65 18.05 -9.45
C11 3EO KA . 18.00 17.16 -7.61
C12 3EO KA . 18.83 16.58 -6.46
C15 3EO KA . 22.27 16.98 -4.88
C16 3EO KA . 23.47 17.13 -5.50
C19 3EO KA . 24.53 17.52 -7.98
C21 3EO KA . 25.12 16.19 -7.45
O28 3EO KA . 25.20 21.71 -6.36
C30 3EO KA . 26.99 22.50 -9.86
C31 3EO KA . 27.08 23.55 -8.68
C33 3EO KA . 23.66 16.44 -15.00
C34 3EO KA . 23.75 15.20 -15.64
C35 3EO KA . 23.96 17.60 -15.70
C36 3EO KA . 24.15 15.13 -16.98
C37 3EO KA . 24.36 17.52 -17.03
C39 3EO KA . 23.45 14.00 -14.99
C40 3EO KA . 23.55 12.78 -15.65
S25 3EO KA . 25.94 21.26 -7.52
O27 3EO KA . 27.27 20.93 -7.11
C26 3EO KA . 25.95 22.54 -8.80
C29 3EO KA . 24.58 23.21 -9.05
N23 3EO KA . 25.23 19.95 -8.21
C22 3EO KA . 25.15 18.81 -7.45
O24 3EO KA . 25.62 18.82 -6.33
C20 3EO KA . 23.78 16.73 -6.94
C14 3EO KA . 21.08 16.36 -5.55
C13 3EO KA . 20.05 17.40 -6.04
N9 3EO KA . 18.71 17.69 -8.80
C10 3EO KA . 18.06 18.94 -9.24
O8 3EO KA . 20.26 16.07 -9.00
N18 3EO KA . 23.95 17.57 -9.36
O17 3EO KA . 22.11 18.43 -8.43
N5 3EO KA . 21.89 18.15 -10.60
O32 3EO KA . 23.27 16.47 -13.68
C43 3EO KA . 24.69 18.69 -17.86
N45 3EO KA . 24.36 19.98 -17.64
C47 3EO KA . 24.84 20.79 -18.62
C48 3EO KA . 24.77 22.31 -18.58
C50 3EO KA . 24.50 22.86 -17.17
C49 3EO KA . 23.77 22.86 -19.60
C46 3EO KA . 25.50 20.12 -19.62
S44 3EO KA . 25.50 18.58 -19.22
N38 3EO KA . 24.44 16.29 -17.65
C41 3EO KA . 24.25 13.92 -17.64
C42 3EO KA . 23.95 12.73 -16.98
O51 3EO KA . 24.06 11.55 -17.66
C52 3EO KA . 23.30 11.25 -18.83
CL CL LA . 20.30 21.66 -10.65
ZN ZN MA . -6.39 22.31 42.08
C1 3EO NA . 9.36 3.19 36.72
C2 3EO NA . 9.86 3.48 38.15
C3 3EO NA . 11.39 3.64 38.23
C4 3EO NA . 11.29 2.55 39.28
C6 3EO NA . 11.78 3.01 40.67
C7 3EO NA . 8.89 2.41 40.03
C11 3EO NA . 13.15 2.64 42.81
C12 3EO NA . 12.18 3.34 43.77
C15 3EO NA . 8.48 3.17 44.54
C16 3EO NA . 7.38 3.18 43.75
C19 3EO NA . 6.80 3.05 41.09
C21 3EO NA . 6.18 4.39 41.59
O28 3EO NA . 5.58 -1.21 42.00
C30 3EO NA . 4.27 -1.48 38.23
C31 3EO NA . 3.95 -2.60 39.30
C33 3EO NA . 9.24 4.51 34.57
C34 3EO NA . 9.29 5.80 34.02
C35 3EO NA . 9.03 3.41 33.74
C36 3EO NA . 9.15 5.98 32.64
C37 3EO NA . 8.88 3.60 32.37
C39 3EO NA . 9.50 6.93 34.81
C40 3EO NA . 9.56 8.20 34.23
S25 3EO NA . 5.04 -0.57 40.83
O27 3EO NA . 3.67 -0.21 41.09
C26 3EO NA . 5.15 -1.67 39.42
C29 3EO NA . 6.48 -2.42 39.28
N23 3EO NA . 5.90 0.78 40.44
C22 3EO NA . 6.05 1.76 41.38
O24 3EO NA . 5.52 1.61 42.47
C20 3EO NA . 7.35 3.72 42.31
C14 3EO NA . 9.82 3.71 44.12
C13 3EO NA . 10.85 2.61 43.86
N9 3EO NA . 12.63 2.25 41.49
C10 3EO NA . 13.18 0.94 41.11
O8 3EO NA . 11.38 4.08 41.09
N18 3EO NA . 7.67 3.04 39.89
O17 3EO NA . 9.17 1.90 41.09
N5 3EO NA . 9.86 2.32 39.06
O32 3EO NA . 9.40 4.39 35.94
C43 3EO NA . 8.67 2.49 31.44
N45 3EO NA . 8.90 1.18 31.65
C47 3EO NA . 8.60 0.43 30.54
C48 3EO NA . 8.60 -1.09 30.51
C50 3EO NA . 8.65 -1.74 31.90
C49 3EO NA . 9.72 -1.64 29.60
C46 3EO NA . 8.16 1.19 29.46
S44 3EO NA . 8.14 2.71 29.94
N38 3EO NA . 8.95 4.88 31.84
C41 3EO NA . 9.19 7.23 32.06
C42 3EO NA . 9.39 8.35 32.86
O51 3EO NA . 9.45 9.59 32.30
C52 3EO NA . 10.38 9.92 31.28
ZN ZN OA . 22.88 -13.66 73.76
C1 3EO PA . 11.22 -1.91 54.43
C2 3EO PA . 12.53 -2.11 53.66
C3 3EO PA . 13.01 -0.83 52.96
C4 3EO PA . 13.10 -1.70 51.74
C6 3EO PA . 14.55 -1.82 51.24
C7 3EO PA . 12.93 -4.15 52.43
C11 3EO PA . 16.31 -1.80 49.39
C12 3EO PA . 17.08 -3.12 49.52
C15 3EO PA . 16.37 -6.44 51.04
C16 3EO PA . 15.70 -7.09 52.02
C19 3EO PA . 13.51 -6.33 53.38
C21 3EO PA . 14.42 -6.98 54.47
O28 3EO PA . 11.01 -8.40 50.33
C30 3EO PA . 7.82 -8.06 52.75
C31 3EO PA . 7.74 -8.86 51.39
C33 3EO PA . 10.56 -0.49 56.40
C34 3EO PA . 11.01 0.17 57.56
C35 3EO PA . 9.19 -0.46 56.09
C36 3EO PA . 10.09 0.84 58.38
C37 3EO PA . 8.29 0.20 56.92
C39 3EO PA . 12.35 0.22 57.93
C40 3EO PA . 12.76 0.87 59.09
S25 3EO PA . 10.45 -8.30 51.65
O27 3EO PA . 10.56 -9.56 52.31
C26 3EO PA . 8.74 -7.73 51.63
C29 3EO PA . 8.47 -6.52 50.71
N23 3EO PA . 11.31 -7.24 52.56
C22 3EO PA . 12.68 -7.29 52.51
O24 3EO PA . 13.21 -8.13 51.79
C20 3EO PA . 14.99 -6.38 53.18
C14 3EO PA . 16.53 -4.96 51.04
C13 3EO PA . 16.20 -4.35 49.67
N9 3EO PA . 14.92 -1.73 49.89
C10 3EO PA . 13.97 -1.52 48.77
O8 3EO PA . 15.42 -1.99 52.08
N18 3EO PA . 12.92 -4.97 53.56
O17 3EO PA . 13.38 -4.61 51.41
N5 3EO PA . 12.45 -2.85 52.38
O32 3EO PA . 11.47 -1.14 55.61
C43 3EO PA . 6.84 0.25 56.66
N45 3EO PA . 6.19 0.26 55.47
C47 3EO PA . 4.84 0.32 55.65
C48 3EO PA . 3.83 0.04 54.55
C50 3EO PA . 4.44 -0.67 53.34
C49 3EO PA . 3.07 1.32 54.12
C46 3EO PA . 4.47 0.40 56.98
S44 3EO PA . 5.79 0.34 57.85
N38 3EO PA . 8.75 0.84 58.05
C41 3EO PA . 10.49 1.50 59.53
C42 3EO PA . 11.83 1.53 59.89
O51 3EO PA . 12.20 2.20 61.03
C52 3EO PA . 12.11 3.62 61.15
ZN ZN QA . 30.66 -11.87 18.23
C1 3EO RA . 21.03 -10.30 41.50
C2 3EO RA . 20.77 -8.88 41.01
C3 3EO RA . 21.30 -7.79 41.95
C4 3EO RA . 19.87 -7.30 41.95
C6 3EO RA . 19.71 -5.86 41.41
C7 3EO RA . 18.76 -8.28 39.89
C11 3EO RA . 18.77 -3.47 41.66
C12 3EO RA . 18.61 -3.17 40.16
C15 3EO RA . 17.29 -4.91 37.05
C16 3EO RA . 17.41 -6.18 36.64
C19 3EO RA . 18.37 -8.60 37.53
C21 3EO RA . 19.10 -8.29 36.20
O28 3EO RA . 13.96 -9.49 38.52
C30 3EO RA . 14.99 -13.23 39.29
C31 3EO RA . 13.50 -12.74 39.15
C33 3EO RA . 23.12 -11.64 41.82
C34 3EO RA . 24.49 -11.73 41.54
C35 3EO RA . 22.53 -12.60 42.64
C36 3EO RA . 25.24 -12.77 42.06
C37 3EO RA . 23.30 -13.63 43.17
C39 3EO RA . 25.13 -10.79 40.72
C40 3EO RA . 26.50 -10.91 40.46
S25 3EO RA . 14.91 -10.55 38.32
O27 3EO RA . 14.70 -11.11 37.01
C26 3EO RA . 14.64 -11.81 39.57
C29 3EO RA . 14.48 -11.27 40.99
N23 3EO RA . 16.44 -9.98 38.46
C22 3EO RA . 16.94 -9.16 37.48
O24 3EO RA . 16.25 -8.89 36.51
C20 3EO RA . 18.50 -7.17 37.07
C14 3EO RA . 18.25 -4.23 38.01
C13 3EO RA . 17.66 -4.10 39.41
N9 3EO RA . 18.96 -4.87 42.08
C10 3EO RA . 18.28 -5.09 43.36
O8 3EO RA . 20.24 -5.59 40.36
N18 3EO RA . 19.14 -8.95 38.74
O17 3EO RA . 17.84 -7.49 39.83
N5 3EO RA . 19.36 -8.41 41.12
O32 3EO RA . 22.41 -10.61 41.29
C43 3EO RA . 22.78 -14.69 44.03
N45 3EO RA . 21.63 -14.75 44.73
C47 3EO RA . 21.51 -15.94 45.39
C48 3EO RA . 20.32 -16.34 46.26
C50 3EO RA . 19.06 -15.50 46.00
C49 3EO RA . 20.71 -16.34 47.74
C46 3EO RA . 22.59 -16.78 45.21
S44 3EO RA . 23.60 -16.04 44.22
N38 3EO RA . 24.64 -13.71 42.87
C41 3EO RA . 26.59 -12.89 41.81
C42 3EO RA . 27.23 -11.96 40.99
O51 3EO RA . 28.57 -12.10 40.75
C52 3EO RA . 29.56 -11.96 41.78
ZN ZN SA . -0.21 29.53 20.98
C1 3EO TA . 16.94 20.86 4.35
C2 3EO TA . 15.88 21.04 3.25
C3 3EO TA . 15.82 19.85 2.30
C4 3EO TA . 15.89 20.92 1.22
C6 3EO TA . 14.58 21.05 0.41
C7 3EO TA . 15.55 23.23 2.22
C11 3EO TA . 13.32 21.09 -1.82
C12 3EO TA . 12.28 22.15 -1.44
C15 3EO TA . 12.02 25.60 0.14
C16 3EO TA . 12.59 26.00 1.29
C19 3EO TA . 14.40 25.15 3.14
C21 3EO TA . 13.07 25.43 3.91
O28 3EO TA . 17.12 28.09 0.98
C30 3EO TA . 19.90 27.54 3.72
C31 3EO TA . 20.03 28.54 2.52
C33 3EO TA . 17.32 19.23 6.22
C34 3EO TA . 16.69 18.45 7.20
C35 3EO TA . 18.72 19.36 6.25
C36 3EO TA . 17.46 17.83 8.20
C37 3EO TA . 19.46 18.75 7.25
C39 3EO TA . 15.31 18.27 7.22
C40 3EO TA . 14.71 17.49 8.21
S25 3EO TA . 17.42 27.66 2.32
O27 3EO TA . 17.04 28.67 3.26
C26 3EO TA . 19.18 27.29 2.45
C29 3EO TA . 19.67 26.26 1.42
N23 3EO TA . 16.62 26.26 2.62
C22 3EO TA . 15.27 26.36 2.81
O24 3EO TA . 14.77 27.48 2.75
C20 3EO TA . 13.09 25.09 2.42
C14 3EO TA . 11.78 24.16 -0.20
C13 3EO TA . 12.82 23.54 -1.14
N9 3EO TA . 14.53 20.99 -0.99
C10 3EO TA . 15.70 20.76 -1.87
O8 3EO TA . 13.56 21.24 1.05
N18 3EO TA . 15.11 23.87 3.36
O17 3EO TA . 15.33 23.79 1.16
N5 3EO TA . 16.21 22.00 2.16
O32 3EO TA . 16.56 19.82 5.24
C43 3EO TA . 20.93 18.85 7.35
N45 3EO TA . 21.82 19.16 6.37
C47 3EO TA . 23.10 19.15 6.83
C48 3EO TA . 24.31 19.51 5.99
C50 3EO TA . 23.95 20.28 4.71
C49 3EO TA . 25.15 18.26 5.65
C46 3EO TA . 23.20 18.79 8.17
S44 3EO TA . 21.72 18.56 8.71
N38 3EO TA . 18.82 17.99 8.21
C41 3EO TA . 16.87 17.06 9.18
C42 3EO TA . 15.49 16.89 9.19
O51 3EO TA . 14.94 16.12 10.18
C52 3EO TA . 14.98 14.70 10.16
CL CL UA . 13.35 28.10 -6.11
#